data_2CSY
#
_entry.id   2CSY
#
loop_
_entity.id
_entity.type
_entity.pdbx_description
1 polymer 'Zinc finger protein 183-like 1'
2 non-polymer 'ZINC ION'
#
_entity_poly.entity_id   1
_entity_poly.type   'polypeptide(L)'
_entity_poly.pdbx_seq_one_letter_code
;GSSGSSGGSEEEEIPFRCFICRQAFQNPVVTKCRHYFCESCALEHFRATPRCYICDQPTGGIFNPAKELMAKLQKSGPSS
G
;
_entity_poly.pdbx_strand_id   A
#
# COMPACT_ATOMS: atom_id res chain seq x y z
N GLY A 1 31.93 19.36 5.63
CA GLY A 1 31.64 18.20 4.80
C GLY A 1 30.17 18.08 4.48
N SER A 2 29.76 18.61 3.33
CA SER A 2 28.37 18.56 2.92
C SER A 2 28.20 17.66 1.69
N SER A 3 28.08 16.36 1.93
CA SER A 3 27.92 15.39 0.86
C SER A 3 27.18 14.15 1.35
N GLY A 4 26.25 13.66 0.53
CA GLY A 4 25.48 12.48 0.90
C GLY A 4 24.64 11.96 -0.24
N SER A 5 25.05 10.82 -0.80
CA SER A 5 24.32 10.21 -1.92
C SER A 5 23.56 8.98 -1.45
N SER A 6 22.58 8.56 -2.26
CA SER A 6 21.76 7.41 -1.93
C SER A 6 21.41 6.62 -3.20
N GLY A 7 21.17 5.33 -3.02
CA GLY A 7 20.82 4.48 -4.16
C GLY A 7 20.23 3.15 -3.72
N GLY A 8 19.92 2.31 -4.70
CA GLY A 8 19.34 1.01 -4.40
C GLY A 8 19.40 0.06 -5.59
N SER A 9 18.58 -0.99 -5.55
CA SER A 9 18.55 -1.97 -6.62
C SER A 9 17.73 -1.47 -7.80
N GLU A 10 16.49 -1.07 -7.51
CA GLU A 10 15.59 -0.57 -8.55
C GLU A 10 14.62 0.45 -7.98
N GLU A 11 14.39 1.54 -8.71
CA GLU A 11 13.49 2.59 -8.27
C GLU A 11 12.13 2.01 -7.91
N GLU A 12 11.88 1.88 -6.60
CA GLU A 12 10.62 1.33 -6.12
C GLU A 12 10.03 2.22 -5.01
N GLU A 13 9.23 3.20 -5.41
CA GLU A 13 8.61 4.11 -4.45
C GLU A 13 7.36 3.49 -3.84
N ILE A 14 7.43 2.19 -3.54
CA ILE A 14 6.30 1.48 -2.96
C ILE A 14 6.41 1.43 -1.43
N PRO A 15 5.30 1.71 -0.74
CA PRO A 15 5.26 1.69 0.72
C PRO A 15 5.37 0.29 1.29
N PHE A 16 5.69 0.20 2.58
CA PHE A 16 5.83 -1.10 3.25
C PHE A 16 4.71 -1.31 4.26
N ARG A 17 4.31 -0.23 4.91
CA ARG A 17 3.25 -0.30 5.92
C ARG A 17 2.23 0.82 5.70
N CYS A 18 1.07 0.69 6.33
CA CYS A 18 0.01 1.68 6.21
C CYS A 18 0.47 3.03 6.74
N PHE A 19 -0.22 4.09 6.34
CA PHE A 19 0.12 5.44 6.77
C PHE A 19 -0.97 6.00 7.69
N ILE A 20 -2.20 5.55 7.48
CA ILE A 20 -3.33 6.01 8.28
C ILE A 20 -3.21 5.54 9.72
N CYS A 21 -2.67 4.33 9.90
CA CYS A 21 -2.50 3.76 11.23
C CYS A 21 -1.03 3.51 11.53
N ARG A 22 -0.20 3.56 10.49
CA ARG A 22 1.24 3.34 10.63
C ARG A 22 1.52 1.92 11.10
N GLN A 23 0.71 0.97 10.63
CA GLN A 23 0.87 -0.43 10.99
C GLN A 23 1.06 -1.29 9.75
N ALA A 24 1.32 -2.58 9.95
CA ALA A 24 1.51 -3.51 8.85
C ALA A 24 0.30 -3.54 7.94
N PHE A 25 0.54 -3.36 6.64
CA PHE A 25 -0.54 -3.37 5.66
C PHE A 25 -1.40 -4.61 5.81
N GLN A 26 -2.65 -4.42 6.25
CA GLN A 26 -3.57 -5.53 6.44
C GLN A 26 -4.69 -5.48 5.41
N ASN A 27 -4.58 -6.33 4.38
CA ASN A 27 -5.57 -6.39 3.32
C ASN A 27 -5.67 -5.05 2.60
N PRO A 28 -4.52 -4.55 2.14
CA PRO A 28 -4.45 -3.28 1.41
C PRO A 28 -5.09 -3.36 0.02
N VAL A 29 -5.76 -2.29 -0.38
CA VAL A 29 -6.41 -2.24 -1.68
C VAL A 29 -5.86 -1.10 -2.53
N VAL A 30 -5.66 -1.36 -3.82
CA VAL A 30 -5.14 -0.35 -4.74
C VAL A 30 -6.28 0.48 -5.34
N THR A 31 -6.10 1.79 -5.34
CA THR A 31 -7.09 2.71 -5.89
C THR A 31 -6.63 3.32 -7.20
N LYS A 32 -7.49 4.13 -7.81
CA LYS A 32 -7.16 4.78 -9.07
C LYS A 32 -5.97 5.73 -8.90
N CYS A 33 -5.78 6.23 -7.68
CA CYS A 33 -4.69 7.14 -7.39
C CYS A 33 -3.40 6.38 -7.15
N ARG A 34 -3.41 5.09 -7.49
CA ARG A 34 -2.24 4.23 -7.30
C ARG A 34 -1.78 4.25 -5.85
N HIS A 35 -2.72 4.11 -4.93
CA HIS A 35 -2.41 4.11 -3.50
C HIS A 35 -3.00 2.88 -2.82
N TYR A 36 -2.46 2.54 -1.65
CA TYR A 36 -2.93 1.39 -0.90
C TYR A 36 -3.37 1.80 0.50
N PHE A 37 -4.38 1.10 1.03
CA PHE A 37 -4.89 1.39 2.36
C PHE A 37 -5.56 0.16 2.97
N CYS A 38 -5.35 -0.03 4.27
CA CYS A 38 -5.92 -1.18 4.98
C CYS A 38 -7.41 -1.31 4.69
N GLU A 39 -7.83 -2.50 4.29
CA GLU A 39 -9.23 -2.75 3.99
C GLU A 39 -10.14 -2.05 4.99
N SER A 40 -9.67 -1.92 6.22
CA SER A 40 -10.43 -1.27 7.27
C SER A 40 -10.29 0.25 7.19
N CYS A 41 -9.07 0.71 6.97
CA CYS A 41 -8.80 2.14 6.87
C CYS A 41 -9.53 2.75 5.67
N ALA A 42 -9.49 2.06 4.55
CA ALA A 42 -10.14 2.53 3.33
C ALA A 42 -11.65 2.68 3.54
N LEU A 43 -12.25 1.68 4.18
CA LEU A 43 -13.69 1.69 4.44
C LEU A 43 -14.03 2.74 5.50
N GLU A 44 -13.32 2.68 6.63
CA GLU A 44 -13.56 3.61 7.73
C GLU A 44 -13.39 5.06 7.25
N HIS A 45 -12.24 5.34 6.64
CA HIS A 45 -11.95 6.68 6.14
C HIS A 45 -13.01 7.12 5.13
N PHE A 46 -13.35 6.22 4.21
CA PHE A 46 -14.34 6.52 3.19
C PHE A 46 -15.63 7.05 3.81
N ARG A 47 -16.03 6.43 4.91
CA ARG A 47 -17.25 6.85 5.60
C ARG A 47 -17.21 8.34 5.93
N ALA A 48 -16.19 8.75 6.68
CA ALA A 48 -16.03 10.15 7.05
C ALA A 48 -15.75 11.02 5.83
N THR A 49 -14.70 10.68 5.08
CA THR A 49 -14.33 11.43 3.89
C THR A 49 -14.37 10.55 2.66
N PRO A 50 -15.19 10.94 1.66
CA PRO A 50 -15.33 10.19 0.41
C PRO A 50 -14.08 10.28 -0.46
N ARG A 51 -13.10 11.06 0.00
CA ARG A 51 -11.85 11.23 -0.74
C ARG A 51 -10.74 10.40 -0.12
N CYS A 52 -9.55 10.47 -0.72
CA CYS A 52 -8.40 9.72 -0.22
C CYS A 52 -7.83 10.36 1.03
N TYR A 53 -6.92 9.65 1.70
CA TYR A 53 -6.31 10.14 2.93
C TYR A 53 -4.93 10.75 2.64
N ILE A 54 -4.40 10.45 1.46
CA ILE A 54 -3.10 10.96 1.06
C ILE A 54 -3.23 11.99 -0.06
N CYS A 55 -3.90 11.61 -1.15
CA CYS A 55 -4.10 12.50 -2.27
C CYS A 55 -5.44 13.22 -2.16
N ASP A 56 -6.24 12.81 -1.20
CA ASP A 56 -7.55 13.43 -0.98
C ASP A 56 -8.30 13.61 -2.30
N GLN A 57 -8.35 12.53 -3.09
CA GLN A 57 -9.03 12.58 -4.38
C GLN A 57 -10.38 11.87 -4.32
N PRO A 58 -11.28 12.22 -5.25
CA PRO A 58 -12.62 11.63 -5.31
C PRO A 58 -12.59 10.17 -5.75
N THR A 59 -12.38 9.27 -4.79
CA THR A 59 -12.33 7.85 -5.07
C THR A 59 -13.67 7.34 -5.60
N GLY A 60 -14.75 7.88 -5.05
CA GLY A 60 -16.08 7.47 -5.49
C GLY A 60 -16.44 6.07 -5.03
N GLY A 61 -15.98 5.71 -3.84
CA GLY A 61 -16.27 4.38 -3.31
C GLY A 61 -15.68 3.28 -4.16
N ILE A 62 -14.50 3.53 -4.71
CA ILE A 62 -13.83 2.54 -5.56
C ILE A 62 -12.58 2.00 -4.88
N PHE A 63 -12.39 0.68 -4.97
CA PHE A 63 -11.23 0.04 -4.37
C PHE A 63 -10.93 -1.30 -5.06
N ASN A 64 -9.67 -1.47 -5.47
CA ASN A 64 -9.26 -2.70 -6.14
C ASN A 64 -8.30 -3.50 -5.26
N PRO A 65 -8.39 -4.83 -5.36
CA PRO A 65 -7.54 -5.75 -4.59
C PRO A 65 -6.09 -5.71 -5.05
N ALA A 66 -5.22 -5.15 -4.21
CA ALA A 66 -3.80 -5.05 -4.52
C ALA A 66 -3.05 -6.30 -4.06
N LYS A 67 -3.70 -7.45 -4.18
CA LYS A 67 -3.09 -8.72 -3.77
C LYS A 67 -1.72 -8.90 -4.43
N GLU A 68 -1.61 -8.48 -5.69
CA GLU A 68 -0.36 -8.60 -6.43
C GLU A 68 0.75 -7.83 -5.73
N LEU A 69 0.41 -6.65 -5.20
CA LEU A 69 1.39 -5.81 -4.51
C LEU A 69 1.98 -6.54 -3.31
N MET A 70 1.10 -7.16 -2.51
CA MET A 70 1.55 -7.88 -1.33
C MET A 70 2.43 -9.06 -1.72
N ALA A 71 2.04 -9.79 -2.75
CA ALA A 71 2.80 -10.94 -3.22
C ALA A 71 4.27 -10.58 -3.42
N LYS A 72 4.52 -9.56 -4.24
CA LYS A 72 5.89 -9.12 -4.51
C LYS A 72 6.69 -9.03 -3.23
N LEU A 73 6.12 -8.38 -2.22
CA LEU A 73 6.78 -8.22 -0.94
C LEU A 73 7.31 -9.56 -0.42
N GLN A 74 6.41 -10.54 -0.33
CA GLN A 74 6.79 -11.87 0.14
C GLN A 74 8.05 -12.36 -0.56
N LYS A 75 8.73 -13.32 0.06
CA LYS A 75 9.95 -13.88 -0.50
C LYS A 75 9.68 -14.51 -1.86
N SER A 76 8.66 -15.36 -1.93
CA SER A 76 8.31 -16.03 -3.18
C SER A 76 8.37 -15.06 -4.35
N GLY A 77 7.41 -14.14 -4.39
CA GLY A 77 7.36 -13.16 -5.47
C GLY A 77 6.04 -13.14 -6.19
N PRO A 78 5.99 -13.80 -7.36
CA PRO A 78 4.77 -13.87 -8.17
C PRO A 78 3.69 -14.74 -7.53
N SER A 79 2.45 -14.56 -7.96
CA SER A 79 1.33 -15.32 -7.42
C SER A 79 0.63 -16.11 -8.52
N SER A 80 1.10 -17.34 -8.76
CA SER A 80 0.53 -18.20 -9.79
C SER A 80 0.02 -19.51 -9.19
N GLY A 81 -1.17 -19.47 -8.60
CA GLY A 81 -1.74 -20.65 -8.00
C GLY A 81 -2.42 -21.55 -9.01
N GLY A 1 41.83 7.19 11.40
CA GLY A 1 41.06 6.07 10.90
C GLY A 1 39.99 6.49 9.92
N SER A 2 38.95 5.67 9.80
CA SER A 2 37.86 5.96 8.87
C SER A 2 36.61 5.15 9.24
N SER A 3 35.45 5.60 8.77
CA SER A 3 34.19 4.93 9.05
C SER A 3 33.22 5.11 7.89
N GLY A 4 32.31 4.14 7.74
CA GLY A 4 31.33 4.21 6.68
C GLY A 4 30.90 2.83 6.20
N SER A 5 30.09 2.15 7.01
CA SER A 5 29.61 0.82 6.67
C SER A 5 28.09 0.81 6.49
N SER A 6 27.65 1.26 5.32
CA SER A 6 26.22 1.30 5.01
C SER A 6 25.85 0.24 3.99
N GLY A 7 24.55 0.00 3.85
CA GLY A 7 24.08 -1.00 2.91
C GLY A 7 22.57 -1.16 2.93
N GLY A 8 21.87 -0.38 2.11
CA GLY A 8 20.42 -0.46 2.07
C GLY A 8 19.85 0.14 0.79
N SER A 9 20.49 -0.16 -0.34
CA SER A 9 20.04 0.35 -1.62
C SER A 9 18.56 0.05 -1.84
N GLU A 10 17.89 0.94 -2.56
CA GLU A 10 16.47 0.79 -2.83
C GLU A 10 16.01 1.73 -3.94
N GLU A 11 15.29 1.19 -4.92
CA GLU A 11 14.79 1.98 -6.03
C GLU A 11 13.32 1.70 -6.30
N GLU A 12 12.52 1.76 -5.25
CA GLU A 12 11.09 1.51 -5.35
C GLU A 12 10.30 2.46 -4.47
N GLU A 13 9.45 3.28 -5.10
CA GLU A 13 8.64 4.24 -4.36
C GLU A 13 7.40 3.57 -3.78
N ILE A 14 7.50 2.28 -3.49
CA ILE A 14 6.39 1.53 -2.93
C ILE A 14 6.49 1.45 -1.41
N PRO A 15 5.36 1.77 -0.73
CA PRO A 15 5.29 1.74 0.73
C PRO A 15 5.36 0.33 1.30
N PHE A 16 5.75 0.22 2.56
CA PHE A 16 5.86 -1.08 3.22
C PHE A 16 4.72 -1.28 4.21
N ARG A 17 4.35 -0.20 4.91
CA ARG A 17 3.28 -0.27 5.90
C ARG A 17 2.26 0.85 5.66
N CYS A 18 1.09 0.71 6.28
CA CYS A 18 0.03 1.71 6.13
C CYS A 18 0.49 3.06 6.66
N PHE A 19 -0.22 4.11 6.26
CA PHE A 19 0.09 5.46 6.69
C PHE A 19 -0.99 6.02 7.61
N ILE A 20 -2.22 5.56 7.41
CA ILE A 20 -3.35 6.02 8.21
C ILE A 20 -3.21 5.53 9.65
N CYS A 21 -2.65 4.35 9.83
CA CYS A 21 -2.46 3.77 11.16
C CYS A 21 -0.98 3.54 11.44
N ARG A 22 -0.16 3.60 10.39
CA ARG A 22 1.27 3.40 10.54
C ARG A 22 1.59 1.98 10.99
N GLN A 23 0.72 1.04 10.62
CA GLN A 23 0.90 -0.35 10.99
C GLN A 23 1.05 -1.24 9.75
N ALA A 24 1.35 -2.51 9.97
CA ALA A 24 1.53 -3.46 8.88
C ALA A 24 0.31 -3.47 7.95
N PHE A 25 0.55 -3.46 6.65
CA PHE A 25 -0.52 -3.47 5.67
C PHE A 25 -1.41 -4.71 5.84
N GLN A 26 -2.65 -4.49 6.22
CA GLN A 26 -3.59 -5.59 6.42
C GLN A 26 -4.71 -5.55 5.38
N ASN A 27 -4.56 -6.38 4.34
CA ASN A 27 -5.55 -6.45 3.28
C ASN A 27 -5.63 -5.11 2.53
N PRO A 28 -4.48 -4.61 2.09
CA PRO A 28 -4.40 -3.34 1.36
C PRO A 28 -5.02 -3.42 -0.03
N VAL A 29 -5.68 -2.35 -0.45
CA VAL A 29 -6.33 -2.31 -1.76
C VAL A 29 -5.78 -1.16 -2.60
N VAL A 30 -5.62 -1.40 -3.89
CA VAL A 30 -5.12 -0.38 -4.81
C VAL A 30 -6.24 0.48 -5.36
N THR A 31 -6.07 1.79 -5.30
CA THR A 31 -7.08 2.72 -5.79
C THR A 31 -6.65 3.33 -7.13
N LYS A 32 -7.52 4.17 -7.69
CA LYS A 32 -7.24 4.82 -8.96
C LYS A 32 -6.02 5.74 -8.83
N CYS A 33 -5.80 6.27 -7.64
CA CYS A 33 -4.67 7.16 -7.39
C CYS A 33 -3.38 6.37 -7.19
N ARG A 34 -3.43 5.09 -7.52
CA ARG A 34 -2.26 4.21 -7.37
C ARG A 34 -1.76 4.23 -5.93
N HIS A 35 -2.69 4.06 -4.98
CA HIS A 35 -2.33 4.04 -3.57
C HIS A 35 -2.91 2.82 -2.88
N TYR A 36 -2.37 2.49 -1.71
CA TYR A 36 -2.82 1.33 -0.95
C TYR A 36 -3.27 1.74 0.45
N PHE A 37 -4.29 1.05 0.96
CA PHE A 37 -4.81 1.34 2.29
C PHE A 37 -5.46 0.11 2.90
N CYS A 38 -5.30 -0.06 4.21
CA CYS A 38 -5.86 -1.19 4.91
C CYS A 38 -7.36 -1.33 4.62
N GLU A 39 -7.79 -2.53 4.25
CA GLU A 39 -9.19 -2.78 3.94
C GLU A 39 -10.10 -2.04 4.92
N SER A 40 -9.65 -1.94 6.17
CA SER A 40 -10.43 -1.27 7.21
C SER A 40 -10.28 0.24 7.10
N CYS A 41 -9.05 0.71 6.93
CA CYS A 41 -8.78 2.13 6.81
C CYS A 41 -9.51 2.73 5.60
N ALA A 42 -9.45 2.03 4.48
CA ALA A 42 -10.11 2.49 3.26
C ALA A 42 -11.61 2.67 3.48
N LEU A 43 -12.24 1.64 4.04
CA LEU A 43 -13.68 1.69 4.30
C LEU A 43 -13.99 2.69 5.40
N GLU A 44 -13.43 2.47 6.59
CA GLU A 44 -13.66 3.36 7.72
C GLU A 44 -13.48 4.82 7.31
N HIS A 45 -12.33 5.11 6.70
CA HIS A 45 -12.03 6.48 6.26
C HIS A 45 -13.04 6.94 5.22
N PHE A 46 -13.33 6.07 4.25
CA PHE A 46 -14.27 6.40 3.19
C PHE A 46 -15.58 6.93 3.77
N ARG A 47 -16.03 6.33 4.85
CA ARG A 47 -17.27 6.75 5.50
C ARG A 47 -17.24 8.25 5.81
N ALA A 48 -16.23 8.67 6.57
CA ALA A 48 -16.08 10.07 6.93
C ALA A 48 -15.77 10.93 5.71
N THR A 49 -14.62 10.66 5.09
CA THR A 49 -14.19 11.40 3.92
C THR A 49 -14.28 10.55 2.65
N PRO A 50 -15.12 10.95 1.70
CA PRO A 50 -15.31 10.24 0.44
C PRO A 50 -14.10 10.34 -0.46
N ARG A 51 -13.05 10.98 0.03
CA ARG A 51 -11.82 11.15 -0.74
C ARG A 51 -10.67 10.36 -0.11
N CYS A 52 -9.51 10.39 -0.77
CA CYS A 52 -8.34 9.68 -0.27
C CYS A 52 -7.80 10.33 0.99
N TYR A 53 -6.87 9.65 1.66
CA TYR A 53 -6.27 10.17 2.88
C TYR A 53 -4.90 10.78 2.60
N ILE A 54 -4.33 10.43 1.47
CA ILE A 54 -3.02 10.95 1.08
C ILE A 54 -3.14 12.02 0.00
N CYS A 55 -3.74 11.64 -1.13
CA CYS A 55 -3.93 12.57 -2.23
C CYS A 55 -5.31 13.21 -2.18
N ASP A 56 -6.13 12.76 -1.25
CA ASP A 56 -7.47 13.29 -1.09
C ASP A 56 -8.18 13.41 -2.44
N GLN A 57 -8.16 12.32 -3.21
CA GLN A 57 -8.79 12.31 -4.52
C GLN A 57 -10.19 11.72 -4.44
N PRO A 58 -11.02 12.04 -5.44
CA PRO A 58 -12.41 11.56 -5.51
C PRO A 58 -12.48 10.07 -5.80
N THR A 59 -12.46 9.26 -4.74
CA THR A 59 -12.52 7.81 -4.88
C THR A 59 -13.92 7.36 -5.31
N GLY A 60 -14.93 7.97 -4.70
CA GLY A 60 -16.31 7.62 -5.02
C GLY A 60 -16.66 6.21 -4.59
N GLY A 61 -16.10 5.77 -3.47
CA GLY A 61 -16.37 4.43 -2.97
C GLY A 61 -15.80 3.36 -3.86
N ILE A 62 -14.63 3.61 -4.42
CA ILE A 62 -13.97 2.65 -5.31
C ILE A 62 -12.69 2.12 -4.67
N PHE A 63 -12.49 0.81 -4.80
CA PHE A 63 -11.30 0.17 -4.24
C PHE A 63 -10.99 -1.14 -4.98
N ASN A 64 -9.77 -1.24 -5.51
CA ASN A 64 -9.35 -2.42 -6.23
C ASN A 64 -8.40 -3.27 -5.40
N PRO A 65 -8.49 -4.60 -5.55
CA PRO A 65 -7.64 -5.55 -4.82
C PRO A 65 -6.18 -5.49 -5.26
N ALA A 66 -5.28 -5.32 -4.30
CA ALA A 66 -3.86 -5.26 -4.60
C ALA A 66 -3.14 -6.51 -4.10
N LYS A 67 -3.74 -7.66 -4.34
CA LYS A 67 -3.16 -8.93 -3.93
C LYS A 67 -1.78 -9.13 -4.56
N GLU A 68 -1.60 -8.58 -5.75
CA GLU A 68 -0.33 -8.70 -6.46
C GLU A 68 0.77 -7.91 -5.75
N LEU A 69 0.47 -6.67 -5.40
CA LEU A 69 1.43 -5.81 -4.71
C LEU A 69 2.00 -6.50 -3.48
N MET A 70 1.12 -7.13 -2.70
CA MET A 70 1.55 -7.84 -1.50
C MET A 70 2.47 -9.01 -1.85
N ALA A 71 2.01 -9.86 -2.75
CA ALA A 71 2.80 -11.01 -3.17
C ALA A 71 4.27 -10.65 -3.35
N LYS A 72 4.51 -9.50 -3.99
CA LYS A 72 5.87 -9.03 -4.23
C LYS A 72 6.62 -8.84 -2.91
N LEU A 73 6.05 -8.03 -2.03
CA LEU A 73 6.66 -7.77 -0.73
C LEU A 73 7.00 -9.08 -0.01
N GLN A 74 6.01 -9.95 0.12
CA GLN A 74 6.20 -11.24 0.77
C GLN A 74 7.07 -12.16 -0.08
N LYS A 75 7.68 -13.15 0.57
CA LYS A 75 8.54 -14.11 -0.13
C LYS A 75 7.95 -15.51 -0.05
N SER A 76 7.12 -15.86 -1.02
CA SER A 76 6.49 -17.18 -1.07
C SER A 76 7.42 -18.20 -1.71
N GLY A 77 7.87 -17.89 -2.93
CA GLY A 77 8.76 -18.78 -3.64
C GLY A 77 8.18 -19.25 -4.96
N PRO A 78 8.63 -20.42 -5.43
CA PRO A 78 8.17 -21.00 -6.69
C PRO A 78 6.72 -21.49 -6.61
N SER A 79 5.84 -20.83 -7.37
CA SER A 79 4.42 -21.19 -7.37
C SER A 79 4.25 -22.68 -7.64
N SER A 80 3.06 -23.19 -7.33
CA SER A 80 2.76 -24.60 -7.52
C SER A 80 1.58 -24.78 -8.46
N GLY A 81 1.53 -25.93 -9.15
CA GLY A 81 0.46 -26.20 -10.07
C GLY A 81 0.47 -27.63 -10.56
N GLY A 1 37.34 16.03 1.81
CA GLY A 1 37.57 14.61 1.97
C GLY A 1 36.33 13.78 1.67
N SER A 2 36.42 12.91 0.67
CA SER A 2 35.29 12.07 0.29
C SER A 2 35.22 10.82 1.16
N SER A 3 34.14 10.69 1.91
CA SER A 3 33.96 9.55 2.80
C SER A 3 34.20 8.24 2.05
N GLY A 4 33.53 8.08 0.91
CA GLY A 4 33.67 6.87 0.11
C GLY A 4 32.50 6.64 -0.81
N SER A 5 32.21 5.38 -1.10
CA SER A 5 31.12 5.03 -2.00
C SER A 5 30.16 4.05 -1.31
N SER A 6 29.28 4.58 -0.47
CA SER A 6 28.31 3.76 0.24
C SER A 6 26.89 4.15 -0.13
N GLY A 7 25.95 3.23 0.11
CA GLY A 7 24.56 3.50 -0.21
C GLY A 7 23.89 2.34 -0.90
N GLY A 8 22.57 2.22 -0.73
CA GLY A 8 21.84 1.14 -1.36
C GLY A 8 20.48 1.57 -1.86
N SER A 9 20.32 1.58 -3.17
CA SER A 9 19.05 1.99 -3.78
C SER A 9 18.49 0.88 -4.67
N GLU A 10 17.25 0.50 -4.42
CA GLU A 10 16.59 -0.55 -5.19
C GLU A 10 15.39 0.01 -5.96
N GLU A 11 15.36 1.32 -6.13
CA GLU A 11 14.27 1.98 -6.84
C GLU A 11 12.92 1.37 -6.45
N GLU A 12 12.65 1.31 -5.15
CA GLU A 12 11.41 0.75 -4.65
C GLU A 12 10.66 1.78 -3.80
N GLU A 13 9.94 2.67 -4.46
CA GLU A 13 9.17 3.70 -3.76
C GLU A 13 8.00 3.10 -3.02
N ILE A 14 7.44 2.03 -3.57
CA ILE A 14 6.29 1.35 -2.95
C ILE A 14 6.43 1.34 -1.43
N PRO A 15 5.32 1.66 -0.74
CA PRO A 15 5.28 1.68 0.72
C PRO A 15 5.39 0.29 1.33
N PHE A 16 5.83 0.24 2.58
CA PHE A 16 5.97 -1.03 3.29
C PHE A 16 4.83 -1.25 4.28
N ARG A 17 4.43 -0.16 4.94
CA ARG A 17 3.35 -0.23 5.92
C ARG A 17 2.34 0.89 5.68
N CYS A 18 1.16 0.75 6.28
CA CYS A 18 0.11 1.75 6.14
C CYS A 18 0.57 3.10 6.68
N PHE A 19 -0.13 4.16 6.28
CA PHE A 19 0.20 5.51 6.73
C PHE A 19 -0.88 6.07 7.65
N ILE A 20 -2.11 5.63 7.43
CA ILE A 20 -3.24 6.08 8.24
C ILE A 20 -3.10 5.61 9.68
N CYS A 21 -2.61 4.39 9.85
CA CYS A 21 -2.42 3.82 11.18
C CYS A 21 -0.94 3.56 11.47
N ARG A 22 -0.13 3.61 10.41
CA ARG A 22 1.31 3.38 10.55
C ARG A 22 1.59 1.96 11.04
N GLN A 23 0.77 1.01 10.59
CA GLN A 23 0.94 -0.38 10.96
C GLN A 23 1.10 -1.26 9.74
N ALA A 24 1.44 -2.54 9.96
CA ALA A 24 1.63 -3.48 8.87
C ALA A 24 0.42 -3.49 7.93
N PHE A 25 0.69 -3.36 6.64
CA PHE A 25 -0.37 -3.35 5.65
C PHE A 25 -1.28 -4.55 5.81
N GLN A 26 -2.51 -4.31 6.28
CA GLN A 26 -3.48 -5.39 6.49
C GLN A 26 -4.58 -5.32 5.45
N ASN A 27 -4.60 -6.30 4.55
CA ASN A 27 -5.62 -6.36 3.50
C ASN A 27 -5.67 -5.04 2.72
N PRO A 28 -4.50 -4.59 2.25
CA PRO A 28 -4.39 -3.34 1.49
C PRO A 28 -5.04 -3.44 0.11
N VAL A 29 -5.56 -2.32 -0.38
CA VAL A 29 -6.21 -2.29 -1.69
C VAL A 29 -5.68 -1.13 -2.53
N VAL A 30 -5.53 -1.36 -3.83
CA VAL A 30 -5.04 -0.34 -4.74
C VAL A 30 -6.19 0.52 -5.28
N THR A 31 -6.00 1.83 -5.28
CA THR A 31 -7.01 2.75 -5.78
C THR A 31 -6.61 3.36 -7.12
N LYS A 32 -7.48 4.18 -7.67
CA LYS A 32 -7.22 4.83 -8.96
C LYS A 32 -6.02 5.78 -8.84
N CYS A 33 -5.80 6.30 -7.65
CA CYS A 33 -4.69 7.22 -7.41
C CYS A 33 -3.39 6.45 -7.20
N ARG A 34 -3.41 5.15 -7.50
CA ARG A 34 -2.23 4.31 -7.35
C ARG A 34 -1.74 4.32 -5.90
N HIS A 35 -2.67 4.20 -4.96
CA HIS A 35 -2.33 4.19 -3.55
C HIS A 35 -2.89 2.95 -2.86
N TYR A 36 -2.35 2.64 -1.68
CA TYR A 36 -2.79 1.47 -0.93
C TYR A 36 -3.23 1.87 0.48
N PHE A 37 -4.24 1.19 0.99
CA PHE A 37 -4.76 1.47 2.33
C PHE A 37 -5.41 0.22 2.93
N CYS A 38 -5.25 0.05 4.24
CA CYS A 38 -5.81 -1.10 4.94
C CYS A 38 -7.31 -1.22 4.65
N GLU A 39 -7.73 -2.42 4.26
CA GLU A 39 -9.14 -2.66 3.97
C GLU A 39 -10.04 -1.92 4.94
N SER A 40 -9.61 -1.83 6.19
CA SER A 40 -10.39 -1.15 7.22
C SER A 40 -10.23 0.37 7.11
N CYS A 41 -9.00 0.81 6.94
CA CYS A 41 -8.71 2.24 6.82
C CYS A 41 -9.44 2.84 5.63
N ALA A 42 -9.41 2.13 4.51
CA ALA A 42 -10.08 2.59 3.29
C ALA A 42 -11.57 2.76 3.51
N LEU A 43 -12.22 1.72 4.03
CA LEU A 43 -13.65 1.76 4.29
C LEU A 43 -13.98 2.79 5.37
N GLU A 44 -13.36 2.64 6.53
CA GLU A 44 -13.58 3.55 7.65
C GLU A 44 -13.43 5.00 7.20
N HIS A 45 -12.30 5.29 6.57
CA HIS A 45 -12.01 6.64 6.09
C HIS A 45 -13.04 7.06 5.03
N PHE A 46 -13.43 6.11 4.18
CA PHE A 46 -14.40 6.39 3.12
C PHE A 46 -15.71 6.89 3.71
N ARG A 47 -16.11 6.31 4.84
CA ARG A 47 -17.35 6.69 5.50
C ARG A 47 -17.36 8.19 5.82
N ALA A 48 -16.36 8.63 6.57
CA ALA A 48 -16.24 10.03 6.95
C ALA A 48 -15.93 10.90 5.74
N THR A 49 -14.83 10.59 5.05
CA THR A 49 -14.43 11.34 3.87
C THR A 49 -14.44 10.47 2.63
N PRO A 50 -15.29 10.85 1.65
CA PRO A 50 -15.42 10.10 0.39
C PRO A 50 -14.18 10.25 -0.49
N ARG A 51 -13.17 10.93 0.03
CA ARG A 51 -11.94 11.13 -0.72
C ARG A 51 -10.79 10.35 -0.09
N CYS A 52 -9.61 10.41 -0.72
CA CYS A 52 -8.44 9.70 -0.23
C CYS A 52 -7.90 10.35 1.04
N TYR A 53 -6.97 9.68 1.69
CA TYR A 53 -6.38 10.18 2.92
C TYR A 53 -5.03 10.84 2.64
N ILE A 54 -4.41 10.48 1.52
CA ILE A 54 -3.13 11.04 1.14
C ILE A 54 -3.28 12.11 0.07
N CYS A 55 -3.87 11.72 -1.06
CA CYS A 55 -4.08 12.65 -2.17
C CYS A 55 -5.44 13.34 -2.05
N ASP A 56 -6.26 12.86 -1.12
CA ASP A 56 -7.58 13.42 -0.91
C ASP A 56 -8.33 13.59 -2.22
N GLN A 57 -8.34 12.53 -3.03
CA GLN A 57 -9.02 12.56 -4.31
C GLN A 57 -10.36 11.83 -4.25
N PRO A 58 -11.27 12.18 -5.17
CA PRO A 58 -12.61 11.58 -5.24
C PRO A 58 -12.55 10.13 -5.70
N THR A 59 -12.42 9.21 -4.74
CA THR A 59 -12.36 7.78 -5.06
C THR A 59 -13.69 7.28 -5.59
N GLY A 60 -14.78 7.75 -4.99
CA GLY A 60 -16.10 7.33 -5.42
C GLY A 60 -16.45 5.93 -4.95
N GLY A 61 -15.97 5.56 -3.77
CA GLY A 61 -16.25 4.25 -3.23
C GLY A 61 -15.67 3.14 -4.08
N ILE A 62 -14.45 3.35 -4.58
CA ILE A 62 -13.79 2.36 -5.41
C ILE A 62 -12.52 1.84 -4.75
N PHE A 63 -12.39 0.52 -4.69
CA PHE A 63 -11.21 -0.10 -4.08
C PHE A 63 -10.92 -1.46 -4.73
N ASN A 64 -9.78 -1.55 -5.40
CA ASN A 64 -9.39 -2.79 -6.06
C ASN A 64 -8.38 -3.56 -5.21
N PRO A 65 -8.46 -4.90 -5.27
CA PRO A 65 -7.56 -5.78 -4.51
C PRO A 65 -6.13 -5.74 -5.04
N ALA A 66 -5.20 -5.31 -4.18
CA ALA A 66 -3.80 -5.24 -4.56
C ALA A 66 -3.06 -6.51 -4.20
N LYS A 67 -3.70 -7.65 -4.44
CA LYS A 67 -3.10 -8.95 -4.15
C LYS A 67 -1.69 -9.04 -4.72
N GLU A 68 -1.55 -8.63 -5.98
CA GLU A 68 -0.25 -8.67 -6.65
C GLU A 68 0.79 -7.88 -5.86
N LEU A 69 0.46 -6.64 -5.55
CA LEU A 69 1.37 -5.76 -4.81
C LEU A 69 1.95 -6.50 -3.61
N MET A 70 1.08 -7.10 -2.80
CA MET A 70 1.50 -7.84 -1.62
C MET A 70 2.32 -9.07 -2.01
N ALA A 71 1.86 -9.79 -3.02
CA ALA A 71 2.56 -10.98 -3.49
C ALA A 71 4.05 -10.70 -3.67
N LYS A 72 4.37 -9.60 -4.34
CA LYS A 72 5.76 -9.22 -4.58
C LYS A 72 6.48 -8.95 -3.27
N LEU A 73 5.84 -8.18 -2.39
CA LEU A 73 6.42 -7.86 -1.10
C LEU A 73 6.74 -9.12 -0.30
N GLN A 74 5.71 -9.91 -0.05
CA GLN A 74 5.87 -11.15 0.70
C GLN A 74 6.18 -12.32 -0.23
N LYS A 75 7.32 -12.95 -0.02
CA LYS A 75 7.74 -14.09 -0.83
C LYS A 75 6.57 -15.05 -1.06
N SER A 76 5.91 -15.42 0.03
CA SER A 76 4.78 -16.34 -0.04
C SER A 76 3.48 -15.62 0.31
N GLY A 77 2.63 -15.43 -0.70
CA GLY A 77 1.36 -14.76 -0.48
C GLY A 77 0.38 -15.60 0.32
N PRO A 78 -0.34 -16.49 -0.38
CA PRO A 78 -1.32 -17.38 0.24
C PRO A 78 -0.67 -18.46 1.11
N SER A 79 -0.47 -18.14 2.39
CA SER A 79 0.15 -19.08 3.31
C SER A 79 -0.63 -20.40 3.36
N SER A 80 -1.91 -20.32 3.02
CA SER A 80 -2.77 -21.51 3.03
C SER A 80 -2.64 -22.28 1.72
N GLY A 81 -1.61 -23.11 1.62
CA GLY A 81 -1.40 -23.88 0.41
C GLY A 81 -1.96 -25.29 0.52
N GLY A 1 45.59 -5.60 1.52
CA GLY A 1 44.78 -5.72 0.32
C GLY A 1 43.29 -5.81 0.64
N SER A 2 42.60 -4.68 0.53
CA SER A 2 41.17 -4.64 0.80
C SER A 2 40.46 -3.69 -0.15
N SER A 3 39.26 -4.07 -0.57
CA SER A 3 38.48 -3.25 -1.48
C SER A 3 37.02 -3.72 -1.52
N GLY A 4 36.16 -2.93 -2.18
CA GLY A 4 34.76 -3.27 -2.27
C GLY A 4 34.02 -2.41 -3.27
N SER A 5 32.94 -2.95 -3.83
CA SER A 5 32.14 -2.21 -4.81
C SER A 5 30.84 -2.95 -5.10
N SER A 6 29.76 -2.19 -5.25
CA SER A 6 28.46 -2.78 -5.53
C SER A 6 28.03 -2.48 -6.96
N GLY A 7 26.98 -3.16 -7.42
CA GLY A 7 26.49 -2.96 -8.77
C GLY A 7 24.98 -3.07 -8.86
N GLY A 8 24.39 -2.33 -9.80
CA GLY A 8 22.94 -2.37 -9.97
C GLY A 8 22.24 -1.31 -9.14
N SER A 9 21.36 -0.54 -9.80
CA SER A 9 20.62 0.51 -9.12
C SER A 9 19.13 0.41 -9.43
N GLU A 10 18.38 -0.12 -8.48
CA GLU A 10 16.93 -0.26 -8.66
C GLU A 10 16.18 0.91 -8.02
N GLU A 11 14.86 0.92 -8.19
CA GLU A 11 14.03 1.98 -7.64
C GLU A 11 12.69 1.42 -7.15
N GLU A 12 12.50 1.42 -5.83
CA GLU A 12 11.27 0.92 -5.24
C GLU A 12 10.69 1.93 -4.25
N GLU A 13 9.78 2.76 -4.72
CA GLU A 13 9.15 3.78 -3.89
C GLU A 13 7.94 3.19 -3.15
N ILE A 14 7.31 2.20 -3.76
CA ILE A 14 6.15 1.55 -3.16
C ILE A 14 6.30 1.44 -1.65
N PRO A 15 5.21 1.76 -0.92
CA PRO A 15 5.19 1.70 0.54
C PRO A 15 5.25 0.27 1.07
N PHE A 16 5.69 0.11 2.31
CA PHE A 16 5.78 -1.20 2.93
C PHE A 16 4.66 -1.42 3.94
N ARG A 17 4.29 -0.34 4.64
CA ARG A 17 3.24 -0.42 5.64
C ARG A 17 2.24 0.72 5.45
N CYS A 18 1.08 0.60 6.10
CA CYS A 18 0.03 1.61 6.00
C CYS A 18 0.51 2.94 6.59
N PHE A 19 -0.18 4.02 6.22
CA PHE A 19 0.17 5.35 6.70
C PHE A 19 -0.92 5.89 7.63
N ILE A 20 -2.15 5.46 7.40
CA ILE A 20 -3.28 5.90 8.21
C ILE A 20 -3.16 5.39 9.64
N CYS A 21 -2.57 4.21 9.79
CA CYS A 21 -2.40 3.60 11.10
C CYS A 21 -0.92 3.31 11.38
N ARG A 22 -0.10 3.38 10.33
CA ARG A 22 1.33 3.13 10.46
C ARG A 22 1.59 1.70 10.91
N GLN A 23 0.76 0.77 10.42
CA GLN A 23 0.91 -0.64 10.77
C GLN A 23 1.05 -1.50 9.52
N ALA A 24 1.39 -2.77 9.72
CA ALA A 24 1.57 -3.70 8.60
C ALA A 24 0.34 -3.69 7.69
N PHE A 25 0.57 -3.46 6.40
CA PHE A 25 -0.51 -3.41 5.43
C PHE A 25 -1.40 -4.64 5.55
N GLN A 26 -2.62 -4.43 6.04
CA GLN A 26 -3.57 -5.53 6.21
C GLN A 26 -4.70 -5.44 5.18
N ASN A 27 -4.67 -6.37 4.22
CA ASN A 27 -5.67 -6.40 3.17
C ASN A 27 -5.75 -5.06 2.44
N PRO A 28 -4.59 -4.58 1.97
CA PRO A 28 -4.50 -3.30 1.25
C PRO A 28 -5.15 -3.36 -0.13
N VAL A 29 -5.69 -2.24 -0.57
CA VAL A 29 -6.34 -2.17 -1.88
C VAL A 29 -5.79 -1.02 -2.70
N VAL A 30 -5.61 -1.26 -4.00
CA VAL A 30 -5.09 -0.24 -4.90
C VAL A 30 -6.21 0.62 -5.47
N THR A 31 -6.02 1.93 -5.43
CA THR A 31 -7.02 2.87 -5.94
C THR A 31 -6.57 3.48 -7.26
N LYS A 32 -7.42 4.32 -7.84
CA LYS A 32 -7.12 4.98 -9.11
C LYS A 32 -5.92 5.91 -8.97
N CYS A 33 -5.70 6.40 -7.75
CA CYS A 33 -4.58 7.30 -7.48
C CYS A 33 -3.30 6.52 -7.25
N ARG A 34 -3.31 5.24 -7.59
CA ARG A 34 -2.16 4.38 -7.42
C ARG A 34 -1.69 4.38 -5.97
N HIS A 35 -2.63 4.24 -5.06
CA HIS A 35 -2.32 4.22 -3.63
C HIS A 35 -2.91 2.98 -2.96
N TYR A 36 -2.38 2.63 -1.79
CA TYR A 36 -2.85 1.47 -1.05
C TYR A 36 -3.32 1.87 0.35
N PHE A 37 -4.32 1.15 0.85
CA PHE A 37 -4.86 1.42 2.18
C PHE A 37 -5.51 0.17 2.77
N CYS A 38 -5.35 -0.01 4.09
CA CYS A 38 -5.92 -1.17 4.77
C CYS A 38 -7.41 -1.28 4.49
N GLU A 39 -7.85 -2.47 4.09
CA GLU A 39 -9.25 -2.70 3.80
C GLU A 39 -10.15 -2.03 4.82
N SER A 40 -9.66 -1.92 6.05
CA SER A 40 -10.41 -1.30 7.13
C SER A 40 -10.28 0.22 7.08
N CYS A 41 -9.05 0.69 6.92
CA CYS A 41 -8.79 2.13 6.85
C CYS A 41 -9.56 2.76 5.70
N ALA A 42 -9.47 2.15 4.52
CA ALA A 42 -10.16 2.66 3.35
C ALA A 42 -11.66 2.81 3.60
N LEU A 43 -12.27 1.75 4.14
CA LEU A 43 -13.69 1.76 4.43
C LEU A 43 -14.01 2.73 5.56
N GLU A 44 -13.43 2.47 6.74
CA GLU A 44 -13.65 3.33 7.90
C GLU A 44 -13.45 4.79 7.54
N HIS A 45 -12.29 5.10 6.96
CA HIS A 45 -11.97 6.47 6.58
C HIS A 45 -12.96 6.98 5.52
N PHE A 46 -13.29 6.12 4.56
CA PHE A 46 -14.22 6.49 3.50
C PHE A 46 -15.50 7.10 4.09
N ARG A 47 -16.06 6.42 5.08
CA ARG A 47 -17.28 6.89 5.72
C ARG A 47 -17.18 8.37 6.08
N ALA A 48 -16.10 8.74 6.75
CA ALA A 48 -15.89 10.13 7.14
C ALA A 48 -15.57 11.00 5.92
N THR A 49 -14.57 10.60 5.15
CA THR A 49 -14.17 11.34 3.96
C THR A 49 -14.30 10.48 2.71
N PRO A 50 -15.17 10.90 1.78
CA PRO A 50 -15.40 10.18 0.53
C PRO A 50 -14.20 10.27 -0.42
N ARG A 51 -13.13 10.90 0.04
CA ARG A 51 -11.93 11.06 -0.76
C ARG A 51 -10.75 10.34 -0.11
N CYS A 52 -9.63 10.31 -0.82
CA CYS A 52 -8.43 9.65 -0.31
C CYS A 52 -7.92 10.34 0.95
N TYR A 53 -6.95 9.71 1.61
CA TYR A 53 -6.38 10.26 2.84
C TYR A 53 -5.03 10.92 2.56
N ILE A 54 -4.38 10.49 1.48
CA ILE A 54 -3.09 11.05 1.11
C ILE A 54 -3.23 12.10 0.02
N CYS A 55 -3.84 11.71 -1.09
CA CYS A 55 -4.05 12.62 -2.21
C CYS A 55 -5.41 13.32 -2.11
N ASP A 56 -6.24 12.83 -1.20
CA ASP A 56 -7.56 13.40 -1.00
C ASP A 56 -8.30 13.56 -2.32
N GLN A 57 -8.31 12.51 -3.12
CA GLN A 57 -8.98 12.53 -4.42
C GLN A 57 -10.33 11.82 -4.35
N PRO A 58 -11.22 12.17 -5.30
CA PRO A 58 -12.56 11.58 -5.37
C PRO A 58 -12.52 10.11 -5.79
N THR A 59 -12.41 9.22 -4.81
CA THR A 59 -12.36 7.80 -5.08
C THR A 59 -13.71 7.29 -5.60
N GLY A 60 -14.79 7.83 -5.06
CA GLY A 60 -16.12 7.43 -5.49
C GLY A 60 -16.47 6.03 -5.02
N GLY A 61 -15.96 5.65 -3.86
CA GLY A 61 -16.24 4.33 -3.33
C GLY A 61 -15.65 3.22 -4.19
N ILE A 62 -14.47 3.48 -4.76
CA ILE A 62 -13.81 2.50 -5.60
C ILE A 62 -12.56 1.95 -4.91
N PHE A 63 -12.45 0.63 -4.87
CA PHE A 63 -11.31 -0.03 -4.24
C PHE A 63 -11.07 -1.40 -4.86
N ASN A 64 -9.86 -1.60 -5.38
CA ASN A 64 -9.50 -2.87 -6.00
C ASN A 64 -8.50 -3.64 -5.13
N PRO A 65 -8.62 -4.98 -5.15
CA PRO A 65 -7.74 -5.86 -4.37
C PRO A 65 -6.30 -5.86 -4.90
N ALA A 66 -5.37 -5.35 -4.11
CA ALA A 66 -3.97 -5.31 -4.50
C ALA A 66 -3.21 -6.50 -3.94
N LYS A 67 -3.84 -7.66 -3.95
CA LYS A 67 -3.23 -8.88 -3.43
C LYS A 67 -1.83 -9.07 -4.03
N GLU A 68 -1.69 -8.76 -5.32
CA GLU A 68 -0.40 -8.89 -6.00
C GLU A 68 0.66 -8.04 -5.32
N LEU A 69 0.41 -6.74 -5.23
CA LEU A 69 1.34 -5.82 -4.61
C LEU A 69 2.03 -6.46 -3.40
N MET A 70 1.21 -7.03 -2.51
CA MET A 70 1.74 -7.68 -1.31
C MET A 70 2.67 -8.83 -1.69
N ALA A 71 2.22 -9.67 -2.61
CA ALA A 71 3.02 -10.81 -3.06
C ALA A 71 4.46 -10.41 -3.32
N LYS A 72 4.65 -9.21 -3.84
CA LYS A 72 5.98 -8.70 -4.14
C LYS A 72 6.77 -8.46 -2.86
N LEU A 73 6.14 -7.77 -1.91
CA LEU A 73 6.78 -7.47 -0.63
C LEU A 73 7.22 -8.75 0.07
N GLN A 74 6.29 -9.70 0.18
CA GLN A 74 6.58 -10.97 0.83
C GLN A 74 5.48 -11.98 0.57
N LYS A 75 5.86 -13.16 0.08
CA LYS A 75 4.90 -14.22 -0.22
C LYS A 75 4.06 -14.56 1.02
N SER A 76 2.80 -14.16 0.99
CA SER A 76 1.90 -14.42 2.11
C SER A 76 1.91 -15.90 2.48
N GLY A 77 2.39 -16.19 3.68
CA GLY A 77 2.45 -17.58 4.14
C GLY A 77 1.15 -18.31 3.90
N PRO A 78 1.24 -19.65 3.77
CA PRO A 78 0.08 -20.51 3.53
C PRO A 78 -0.84 -20.59 4.74
N SER A 79 -2.05 -21.11 4.54
CA SER A 79 -3.01 -21.25 5.61
C SER A 79 -2.89 -22.61 6.28
N SER A 80 -3.06 -23.67 5.49
CA SER A 80 -2.97 -25.04 6.00
C SER A 80 -3.00 -26.04 4.85
N GLY A 81 -2.19 -27.09 4.98
CA GLY A 81 -2.13 -28.11 3.96
C GLY A 81 -0.72 -28.43 3.53
N GLY A 1 39.17 0.43 -15.62
CA GLY A 1 38.94 -0.95 -15.23
C GLY A 1 37.54 -1.18 -14.72
N SER A 2 36.92 -2.27 -15.15
CA SER A 2 35.57 -2.60 -14.74
C SER A 2 35.50 -2.84 -13.23
N SER A 3 35.23 -1.77 -12.48
CA SER A 3 35.14 -1.87 -11.02
C SER A 3 33.98 -1.04 -10.50
N GLY A 4 33.55 -1.36 -9.28
CA GLY A 4 32.44 -0.64 -8.68
C GLY A 4 31.11 -1.33 -8.89
N SER A 5 30.12 -0.95 -8.09
CA SER A 5 28.79 -1.55 -8.20
C SER A 5 27.80 -0.57 -8.81
N SER A 6 27.40 -0.84 -10.05
CA SER A 6 26.45 0.02 -10.76
C SER A 6 25.07 -0.62 -10.80
N GLY A 7 24.21 -0.19 -9.88
CA GLY A 7 22.86 -0.73 -9.82
C GLY A 7 21.87 0.27 -9.28
N GLY A 8 20.68 -0.21 -8.92
CA GLY A 8 19.65 0.67 -8.39
C GLY A 8 19.16 1.68 -9.40
N SER A 9 18.98 1.23 -10.65
CA SER A 9 18.52 2.10 -11.71
C SER A 9 17.18 2.75 -11.35
N GLU A 10 16.19 1.93 -11.05
CA GLU A 10 14.87 2.42 -10.68
C GLU A 10 14.62 2.23 -9.18
N GLU A 11 14.11 3.28 -8.53
CA GLU A 11 13.82 3.25 -7.11
C GLU A 11 12.36 2.88 -6.86
N GLU A 12 12.14 1.78 -6.15
CA GLU A 12 10.79 1.33 -5.84
C GLU A 12 10.11 2.28 -4.85
N GLU A 13 9.24 3.14 -5.37
CA GLU A 13 8.53 4.10 -4.54
C GLU A 13 7.30 3.46 -3.91
N ILE A 14 7.41 2.18 -3.56
CA ILE A 14 6.31 1.45 -2.95
C ILE A 14 6.44 1.43 -1.43
N PRO A 15 5.32 1.73 -0.74
CA PRO A 15 5.28 1.76 0.72
C PRO A 15 5.40 0.36 1.33
N PHE A 16 5.84 0.29 2.58
CA PHE A 16 5.99 -0.98 3.27
C PHE A 16 4.85 -1.21 4.26
N ARG A 17 4.45 -0.14 4.94
CA ARG A 17 3.37 -0.22 5.92
C ARG A 17 2.35 0.90 5.70
N CYS A 18 1.17 0.74 6.28
CA CYS A 18 0.12 1.74 6.16
C CYS A 18 0.56 3.07 6.75
N PHE A 19 -0.15 4.14 6.37
CA PHE A 19 0.18 5.48 6.86
C PHE A 19 -0.92 5.99 7.78
N ILE A 20 -2.15 5.55 7.54
CA ILE A 20 -3.30 5.97 8.34
C ILE A 20 -3.17 5.45 9.78
N CYS A 21 -2.61 4.26 9.92
CA CYS A 21 -2.43 3.66 11.24
C CYS A 21 -0.95 3.41 11.52
N ARG A 22 -0.13 3.51 10.49
CA ARG A 22 1.31 3.30 10.64
C ARG A 22 1.61 1.87 11.08
N GLN A 23 0.78 0.93 10.62
CA GLN A 23 0.96 -0.48 10.96
C GLN A 23 1.15 -1.32 9.71
N ALA A 24 1.44 -2.61 9.91
CA ALA A 24 1.64 -3.53 8.80
C ALA A 24 0.42 -3.55 7.88
N PHE A 25 0.66 -3.31 6.59
CA PHE A 25 -0.41 -3.31 5.60
C PHE A 25 -1.29 -4.55 5.75
N GLN A 26 -2.53 -4.34 6.17
CA GLN A 26 -3.47 -5.44 6.35
C GLN A 26 -4.57 -5.38 5.30
N ASN A 27 -4.52 -6.30 4.34
CA ASN A 27 -5.52 -6.36 3.28
C ASN A 27 -5.61 -5.03 2.54
N PRO A 28 -4.45 -4.53 2.08
CA PRO A 28 -4.37 -3.25 1.36
C PRO A 28 -5.00 -3.34 -0.03
N VAL A 29 -5.65 -2.27 -0.45
CA VAL A 29 -6.29 -2.22 -1.76
C VAL A 29 -5.76 -1.06 -2.60
N VAL A 30 -5.61 -1.30 -3.90
CA VAL A 30 -5.10 -0.28 -4.81
C VAL A 30 -6.24 0.57 -5.36
N THR A 31 -6.07 1.90 -5.30
CA THR A 31 -7.08 2.81 -5.80
C THR A 31 -6.66 3.43 -7.13
N LYS A 32 -7.54 4.27 -7.69
CA LYS A 32 -7.25 4.91 -8.96
C LYS A 32 -6.05 5.85 -8.85
N CYS A 33 -5.83 6.36 -7.64
CA CYS A 33 -4.71 7.26 -7.40
C CYS A 33 -3.41 6.48 -7.22
N ARG A 34 -3.46 5.19 -7.53
CA ARG A 34 -2.28 4.34 -7.40
C ARG A 34 -1.77 4.33 -5.96
N HIS A 35 -2.69 4.24 -5.01
CA HIS A 35 -2.34 4.21 -3.60
C HIS A 35 -2.90 2.97 -2.93
N TYR A 36 -2.38 2.66 -1.74
CA TYR A 36 -2.82 1.49 -0.99
C TYR A 36 -3.26 1.88 0.42
N PHE A 37 -4.25 1.17 0.95
CA PHE A 37 -4.75 1.44 2.29
C PHE A 37 -5.40 0.20 2.89
N CYS A 38 -5.22 0.01 4.18
CA CYS A 38 -5.78 -1.14 4.88
C CYS A 38 -7.27 -1.28 4.58
N GLU A 39 -7.69 -2.49 4.23
CA GLU A 39 -9.09 -2.75 3.92
C GLU A 39 -10.01 -2.02 4.90
N SER A 40 -9.57 -1.93 6.16
CA SER A 40 -10.36 -1.27 7.19
C SER A 40 -10.21 0.25 7.09
N CYS A 41 -8.99 0.72 6.94
CA CYS A 41 -8.72 2.14 6.83
C CYS A 41 -9.46 2.75 5.65
N ALA A 42 -9.35 2.10 4.49
CA ALA A 42 -10.02 2.57 3.29
C ALA A 42 -11.52 2.68 3.49
N LEU A 43 -12.14 1.58 3.89
CA LEU A 43 -13.57 1.55 4.13
C LEU A 43 -13.97 2.56 5.21
N GLU A 44 -13.37 2.44 6.38
CA GLU A 44 -13.66 3.34 7.49
C GLU A 44 -13.53 4.80 7.05
N HIS A 45 -12.35 5.15 6.54
CA HIS A 45 -12.09 6.51 6.09
C HIS A 45 -13.12 6.94 5.05
N PHE A 46 -13.40 6.06 4.09
CA PHE A 46 -14.36 6.34 3.04
C PHE A 46 -15.68 6.86 3.63
N ARG A 47 -16.14 6.19 4.69
CA ARG A 47 -17.38 6.58 5.35
C ARG A 47 -17.36 8.07 5.71
N ALA A 48 -16.35 8.48 6.47
CA ALA A 48 -16.21 9.86 6.88
C ALA A 48 -15.87 10.76 5.71
N THR A 49 -14.72 10.50 5.09
CA THR A 49 -14.27 11.28 3.94
C THR A 49 -14.35 10.47 2.65
N PRO A 50 -15.20 10.92 1.72
CA PRO A 50 -15.38 10.26 0.43
C PRO A 50 -14.16 10.39 -0.47
N ARG A 51 -13.11 11.01 0.04
CA ARG A 51 -11.88 11.21 -0.72
C ARG A 51 -10.72 10.47 -0.06
N CYS A 52 -9.58 10.44 -0.75
CA CYS A 52 -8.39 9.76 -0.24
C CYS A 52 -7.87 10.45 1.01
N TYR A 53 -6.91 9.80 1.68
CA TYR A 53 -6.33 10.35 2.90
C TYR A 53 -4.97 10.98 2.61
N ILE A 54 -4.35 10.55 1.52
CA ILE A 54 -3.04 11.07 1.14
C ILE A 54 -3.17 12.11 0.03
N CYS A 55 -3.80 11.72 -1.07
CA CYS A 55 -3.99 12.62 -2.20
C CYS A 55 -5.33 13.35 -2.09
N ASP A 56 -6.17 12.91 -1.17
CA ASP A 56 -7.48 13.52 -0.96
C ASP A 56 -8.22 13.68 -2.28
N GLN A 57 -8.26 12.60 -3.07
CA GLN A 57 -8.94 12.62 -4.36
C GLN A 57 -10.29 11.93 -4.28
N PRO A 58 -11.20 12.27 -5.21
CA PRO A 58 -12.54 11.69 -5.26
C PRO A 58 -12.51 10.22 -5.70
N THR A 59 -12.38 9.32 -4.73
CA THR A 59 -12.35 7.89 -5.02
C THR A 59 -13.69 7.40 -5.53
N GLY A 60 -14.77 7.88 -4.92
CA GLY A 60 -16.10 7.48 -5.33
C GLY A 60 -16.45 6.08 -4.88
N GLY A 61 -15.95 5.70 -3.71
CA GLY A 61 -16.23 4.36 -3.19
C GLY A 61 -15.66 3.27 -4.07
N ILE A 62 -14.45 3.49 -4.58
CA ILE A 62 -13.80 2.51 -5.44
C ILE A 62 -12.53 1.96 -4.80
N PHE A 63 -12.43 0.64 -4.75
CA PHE A 63 -11.26 -0.01 -4.16
C PHE A 63 -11.02 -1.37 -4.81
N ASN A 64 -9.80 -1.57 -5.32
CA ASN A 64 -9.45 -2.83 -5.97
C ASN A 64 -8.45 -3.61 -5.10
N PRO A 65 -8.57 -4.95 -5.14
CA PRO A 65 -7.68 -5.84 -4.38
C PRO A 65 -6.26 -5.85 -4.92
N ALA A 66 -5.34 -5.28 -4.14
CA ALA A 66 -3.93 -5.22 -4.54
C ALA A 66 -3.19 -6.49 -4.13
N LYS A 67 -3.84 -7.64 -4.31
CA LYS A 67 -3.24 -8.92 -3.95
C LYS A 67 -1.80 -9.00 -4.45
N GLU A 68 -1.58 -8.55 -5.69
CA GLU A 68 -0.25 -8.58 -6.28
C GLU A 68 0.75 -7.84 -5.41
N LEU A 69 0.53 -6.54 -5.23
CA LEU A 69 1.41 -5.71 -4.42
C LEU A 69 1.96 -6.50 -3.23
N MET A 70 1.05 -7.14 -2.49
CA MET A 70 1.45 -7.94 -1.33
C MET A 70 2.29 -9.14 -1.74
N ALA A 71 1.79 -9.88 -2.74
CA ALA A 71 2.50 -11.04 -3.23
C ALA A 71 3.97 -10.74 -3.50
N LYS A 72 4.22 -9.57 -4.07
CA LYS A 72 5.59 -9.15 -4.37
C LYS A 72 6.42 -9.01 -3.10
N LEU A 73 5.85 -8.34 -2.10
CA LEU A 73 6.53 -8.13 -0.83
C LEU A 73 6.94 -9.47 -0.22
N GLN A 74 5.96 -10.33 0.02
CA GLN A 74 6.21 -11.65 0.61
C GLN A 74 7.52 -12.23 0.07
N LYS A 75 7.50 -12.64 -1.19
CA LYS A 75 8.68 -13.22 -1.83
C LYS A 75 8.43 -13.49 -3.31
N SER A 76 9.45 -13.26 -4.13
CA SER A 76 9.32 -13.47 -5.57
C SER A 76 9.30 -14.96 -5.90
N GLY A 77 8.80 -15.31 -7.07
CA GLY A 77 8.73 -16.69 -7.48
C GLY A 77 7.51 -17.40 -6.93
N PRO A 78 6.33 -17.05 -7.47
CA PRO A 78 5.05 -17.65 -7.05
C PRO A 78 4.93 -19.10 -7.48
N SER A 79 4.29 -19.91 -6.63
CA SER A 79 4.10 -21.33 -6.93
C SER A 79 2.92 -21.54 -7.86
N SER A 80 3.15 -21.32 -9.16
CA SER A 80 2.11 -21.49 -10.16
C SER A 80 2.65 -22.20 -11.41
N GLY A 81 1.76 -22.47 -12.36
CA GLY A 81 2.17 -23.14 -13.58
C GLY A 81 1.68 -24.58 -13.64
N GLY A 1 42.40 0.40 -0.10
CA GLY A 1 41.38 0.47 -1.14
C GLY A 1 40.86 -0.91 -1.52
N SER A 2 40.59 -1.10 -2.81
CA SER A 2 40.07 -2.37 -3.30
C SER A 2 39.07 -2.97 -2.31
N SER A 3 38.21 -2.12 -1.77
CA SER A 3 37.20 -2.55 -0.81
C SER A 3 35.91 -2.94 -1.52
N GLY A 4 35.48 -4.18 -1.32
CA GLY A 4 34.26 -4.66 -1.94
C GLY A 4 33.03 -3.93 -1.44
N SER A 5 32.66 -2.86 -2.14
CA SER A 5 31.49 -2.07 -1.77
C SER A 5 30.39 -2.17 -2.82
N SER A 6 29.21 -1.66 -2.50
CA SER A 6 28.08 -1.70 -3.41
C SER A 6 27.20 -0.46 -3.25
N GLY A 7 26.55 -0.05 -4.33
CA GLY A 7 25.69 1.11 -4.29
C GLY A 7 24.50 0.99 -5.22
N GLY A 8 23.64 2.00 -5.21
CA GLY A 8 22.46 1.98 -6.07
C GLY A 8 21.30 2.74 -5.46
N SER A 9 20.29 3.02 -6.27
CA SER A 9 19.12 3.76 -5.82
C SER A 9 17.92 2.82 -5.68
N GLU A 10 17.20 2.96 -4.56
CA GLU A 10 16.04 2.13 -4.30
C GLU A 10 14.88 2.52 -5.21
N GLU A 11 14.56 1.63 -6.15
CA GLU A 11 13.47 1.87 -7.10
C GLU A 11 12.18 1.19 -6.63
N GLU A 12 12.05 1.02 -5.33
CA GLU A 12 10.87 0.38 -4.75
C GLU A 12 10.05 1.38 -3.95
N GLU A 13 9.92 2.60 -4.48
CA GLU A 13 9.15 3.64 -3.82
C GLU A 13 7.95 3.06 -3.08
N ILE A 14 7.37 2.01 -3.65
CA ILE A 14 6.21 1.35 -3.04
C ILE A 14 6.33 1.32 -1.52
N PRO A 15 5.22 1.63 -0.84
CA PRO A 15 5.18 1.66 0.62
C PRO A 15 5.26 0.25 1.22
N PHE A 16 5.76 0.16 2.45
CA PHE A 16 5.89 -1.12 3.13
C PHE A 16 4.76 -1.31 4.14
N ARG A 17 4.38 -0.24 4.82
CA ARG A 17 3.31 -0.29 5.80
C ARG A 17 2.30 0.83 5.59
N CYS A 18 1.13 0.69 6.19
CA CYS A 18 0.08 1.70 6.06
C CYS A 18 0.54 3.04 6.63
N PHE A 19 -0.15 4.10 6.24
CA PHE A 19 0.19 5.44 6.69
C PHE A 19 -0.90 5.99 7.62
N ILE A 20 -2.13 5.55 7.40
CA ILE A 20 -3.25 5.99 8.21
C ILE A 20 -3.12 5.50 9.65
N CYS A 21 -2.61 4.28 9.81
CA CYS A 21 -2.43 3.69 11.12
C CYS A 21 -0.95 3.44 11.41
N ARG A 22 -0.13 3.50 10.37
CA ARG A 22 1.31 3.29 10.51
C ARG A 22 1.60 1.85 10.95
N GLN A 23 0.75 0.92 10.52
CA GLN A 23 0.92 -0.48 10.87
C GLN A 23 1.11 -1.34 9.63
N ALA A 24 1.36 -2.62 9.82
CA ALA A 24 1.56 -3.55 8.72
C ALA A 24 0.34 -3.57 7.79
N PHE A 25 0.57 -3.35 6.50
CA PHE A 25 -0.50 -3.33 5.52
C PHE A 25 -1.39 -4.56 5.68
N GLN A 26 -2.61 -4.33 6.14
CA GLN A 26 -3.57 -5.41 6.35
C GLN A 26 -4.69 -5.35 5.32
N ASN A 27 -4.61 -6.20 4.30
CA ASN A 27 -5.62 -6.25 3.25
C ASN A 27 -5.68 -4.92 2.51
N PRO A 28 -4.52 -4.45 2.03
CA PRO A 28 -4.41 -3.19 1.30
C PRO A 28 -5.06 -3.27 -0.09
N VAL A 29 -5.66 -2.17 -0.52
CA VAL A 29 -6.31 -2.11 -1.82
C VAL A 29 -5.77 -0.95 -2.66
N VAL A 30 -5.62 -1.19 -3.96
CA VAL A 30 -5.12 -0.17 -4.87
C VAL A 30 -6.25 0.70 -5.40
N THR A 31 -6.04 2.02 -5.39
CA THR A 31 -7.04 2.96 -5.88
C THR A 31 -6.60 3.59 -7.20
N LYS A 32 -7.47 4.44 -7.75
CA LYS A 32 -7.17 5.12 -9.01
C LYS A 32 -5.96 6.03 -8.86
N CYS A 33 -5.72 6.51 -7.64
CA CYS A 33 -4.60 7.39 -7.37
C CYS A 33 -3.31 6.58 -7.16
N ARG A 34 -3.36 5.30 -7.52
CA ARG A 34 -2.20 4.42 -7.38
C ARG A 34 -1.72 4.40 -5.93
N HIS A 35 -2.66 4.30 -5.00
CA HIS A 35 -2.32 4.27 -3.58
C HIS A 35 -2.90 3.01 -2.92
N TYR A 36 -2.36 2.67 -1.75
CA TYR A 36 -2.81 1.50 -1.01
C TYR A 36 -3.22 1.87 0.41
N PHE A 37 -4.27 1.20 0.90
CA PHE A 37 -4.78 1.47 2.24
C PHE A 37 -5.43 0.22 2.83
N CYS A 38 -5.26 0.02 4.13
CA CYS A 38 -5.83 -1.13 4.82
C CYS A 38 -7.32 -1.25 4.52
N GLU A 39 -7.74 -2.45 4.11
CA GLU A 39 -9.13 -2.70 3.81
C GLU A 39 -10.06 -1.98 4.78
N SER A 40 -9.62 -1.89 6.03
CA SER A 40 -10.40 -1.23 7.07
C SER A 40 -10.26 0.29 6.98
N CYS A 41 -9.02 0.75 6.81
CA CYS A 41 -8.73 2.17 6.71
C CYS A 41 -9.46 2.79 5.52
N ALA A 42 -9.40 2.11 4.38
CA ALA A 42 -10.05 2.59 3.16
C ALA A 42 -11.55 2.76 3.38
N LEU A 43 -12.20 1.72 3.88
CA LEU A 43 -13.63 1.75 4.14
C LEU A 43 -13.96 2.75 5.24
N GLU A 44 -13.37 2.55 6.41
CA GLU A 44 -13.60 3.43 7.55
C GLU A 44 -13.46 4.90 7.14
N HIS A 45 -12.32 5.22 6.54
CA HIS A 45 -12.05 6.58 6.10
C HIS A 45 -13.07 7.03 5.06
N PHE A 46 -13.43 6.12 4.16
CA PHE A 46 -14.40 6.42 3.11
C PHE A 46 -15.71 6.90 3.70
N ARG A 47 -16.13 6.27 4.80
CA ARG A 47 -17.38 6.64 5.46
C ARG A 47 -17.39 8.12 5.81
N ALA A 48 -16.36 8.57 6.53
CA ALA A 48 -16.26 9.97 6.92
C ALA A 48 -15.94 10.85 5.71
N THR A 49 -14.79 10.58 5.08
CA THR A 49 -14.37 11.35 3.92
C THR A 49 -14.40 10.50 2.66
N PRO A 50 -15.24 10.90 1.70
CA PRO A 50 -15.39 10.20 0.42
C PRO A 50 -14.16 10.34 -0.47
N ARG A 51 -13.13 11.01 0.06
CA ARG A 51 -11.90 11.21 -0.70
C ARG A 51 -10.75 10.42 -0.07
N CYS A 52 -9.59 10.47 -0.72
CA CYS A 52 -8.41 9.76 -0.23
C CYS A 52 -7.89 10.39 1.06
N TYR A 53 -6.95 9.70 1.70
CA TYR A 53 -6.36 10.20 2.94
C TYR A 53 -5.00 10.84 2.68
N ILE A 54 -4.40 10.52 1.53
CA ILE A 54 -3.10 11.06 1.16
C ILE A 54 -3.24 12.14 0.09
N CYS A 55 -3.83 11.78 -1.04
CA CYS A 55 -4.03 12.72 -2.14
C CYS A 55 -5.40 13.37 -2.06
N ASP A 56 -6.22 12.89 -1.13
CA ASP A 56 -7.57 13.41 -0.96
C ASP A 56 -8.30 13.51 -2.29
N GLN A 57 -8.27 12.42 -3.05
CA GLN A 57 -8.92 12.39 -4.36
C GLN A 57 -10.28 11.71 -4.26
N PRO A 58 -11.19 12.07 -5.18
CA PRO A 58 -12.55 11.51 -5.21
C PRO A 58 -12.56 10.05 -5.64
N THR A 59 -12.39 9.15 -4.67
CA THR A 59 -12.38 7.72 -4.95
C THR A 59 -13.75 7.25 -5.41
N GLY A 60 -14.80 7.83 -4.84
CA GLY A 60 -16.15 7.45 -5.20
C GLY A 60 -16.50 6.04 -4.76
N GLY A 61 -16.01 5.65 -3.58
CA GLY A 61 -16.27 4.32 -3.06
C GLY A 61 -15.70 3.23 -3.96
N ILE A 62 -14.51 3.46 -4.47
CA ILE A 62 -13.84 2.49 -5.33
C ILE A 62 -12.57 1.95 -4.69
N PHE A 63 -12.46 0.63 -4.64
CA PHE A 63 -11.29 -0.02 -4.05
C PHE A 63 -11.06 -1.40 -4.67
N ASN A 64 -9.89 -1.57 -5.26
CA ASN A 64 -9.54 -2.84 -5.90
C ASN A 64 -8.53 -3.62 -5.05
N PRO A 65 -8.64 -4.95 -5.07
CA PRO A 65 -7.75 -5.83 -4.32
C PRO A 65 -6.32 -5.84 -4.88
N ALA A 66 -5.37 -5.41 -4.07
CA ALA A 66 -3.97 -5.38 -4.48
C ALA A 66 -3.21 -6.61 -3.99
N LYS A 67 -3.87 -7.75 -4.04
CA LYS A 67 -3.26 -9.01 -3.60
C LYS A 67 -1.84 -9.14 -4.12
N GLU A 68 -1.66 -8.85 -5.41
CA GLU A 68 -0.34 -8.94 -6.04
C GLU A 68 0.68 -8.11 -5.26
N LEU A 69 0.45 -6.80 -5.20
CA LEU A 69 1.36 -5.90 -4.49
C LEU A 69 1.95 -6.58 -3.25
N MET A 70 1.08 -7.19 -2.45
CA MET A 70 1.52 -7.88 -1.24
C MET A 70 2.40 -9.08 -1.58
N ALA A 71 1.97 -9.86 -2.56
CA ALA A 71 2.72 -11.04 -2.98
C ALA A 71 4.16 -10.66 -3.33
N LYS A 72 4.33 -9.52 -3.98
CA LYS A 72 5.66 -9.04 -4.36
C LYS A 72 6.52 -8.78 -3.14
N LEU A 73 5.99 -8.00 -2.20
CA LEU A 73 6.72 -7.68 -0.98
C LEU A 73 7.37 -8.93 -0.38
N GLN A 74 6.62 -10.02 -0.35
CA GLN A 74 7.12 -11.27 0.20
C GLN A 74 6.96 -12.41 -0.81
N LYS A 75 8.07 -12.95 -1.27
CA LYS A 75 8.06 -14.04 -2.23
C LYS A 75 8.77 -15.28 -1.67
N SER A 76 9.31 -15.15 -0.48
CA SER A 76 10.03 -16.24 0.17
C SER A 76 9.19 -16.84 1.30
N GLY A 77 9.73 -17.87 1.94
CA GLY A 77 9.02 -18.51 3.04
C GLY A 77 9.48 -19.94 3.25
N PRO A 78 9.61 -20.34 4.54
CA PRO A 78 10.03 -21.69 4.90
C PRO A 78 8.98 -22.75 4.58
N SER A 79 7.87 -22.29 4.01
CA SER A 79 6.78 -23.20 3.65
C SER A 79 6.92 -23.69 2.22
N SER A 80 7.78 -24.70 2.03
CA SER A 80 8.02 -25.26 0.70
C SER A 80 7.72 -26.75 0.68
N GLY A 81 6.65 -27.14 1.36
CA GLY A 81 6.28 -28.54 1.41
C GLY A 81 5.29 -28.92 0.32
N GLY A 1 35.72 20.00 2.49
CA GLY A 1 36.42 19.07 1.62
C GLY A 1 35.50 18.05 0.99
N SER A 2 35.85 16.78 1.13
CA SER A 2 35.05 15.70 0.56
C SER A 2 34.70 14.66 1.62
N SER A 3 33.46 14.71 2.09
CA SER A 3 33.00 13.78 3.13
C SER A 3 32.49 12.49 2.49
N GLY A 4 31.48 12.61 1.64
CA GLY A 4 30.91 11.45 0.98
C GLY A 4 30.23 10.50 1.95
N SER A 5 29.15 9.87 1.51
CA SER A 5 28.41 8.94 2.35
C SER A 5 27.73 7.86 1.51
N SER A 6 27.69 6.65 2.03
CA SER A 6 27.08 5.53 1.33
C SER A 6 26.66 4.43 2.30
N GLY A 7 25.52 3.82 2.02
CA GLY A 7 25.03 2.76 2.89
C GLY A 7 24.04 1.85 2.18
N GLY A 8 22.75 2.19 2.25
CA GLY A 8 21.73 1.39 1.62
C GLY A 8 21.11 2.09 0.42
N SER A 9 20.89 1.33 -0.65
CA SER A 9 20.31 1.89 -1.86
C SER A 9 18.91 1.32 -2.10
N GLU A 10 17.95 2.22 -2.33
CA GLU A 10 16.57 1.80 -2.57
C GLU A 10 16.10 2.25 -3.95
N GLU A 11 15.38 1.37 -4.65
CA GLU A 11 14.88 1.67 -5.98
C GLU A 11 13.42 1.26 -6.11
N GLU A 12 12.61 1.61 -5.11
CA GLU A 12 11.19 1.27 -5.12
C GLU A 12 10.41 2.20 -4.20
N GLU A 13 9.56 3.03 -4.79
CA GLU A 13 8.76 3.98 -4.03
C GLU A 13 7.69 3.24 -3.22
N ILE A 14 7.18 2.15 -3.77
CA ILE A 14 6.14 1.37 -3.11
C ILE A 14 6.34 1.37 -1.60
N PRO A 15 5.26 1.67 -0.86
CA PRO A 15 5.28 1.71 0.60
C PRO A 15 5.45 0.32 1.22
N PHE A 16 5.79 0.29 2.50
CA PHE A 16 5.97 -0.97 3.20
C PHE A 16 4.84 -1.20 4.21
N ARG A 17 4.40 -0.13 4.84
CA ARG A 17 3.32 -0.22 5.82
C ARG A 17 2.31 0.90 5.62
N CYS A 18 1.13 0.74 6.22
CA CYS A 18 0.07 1.73 6.10
C CYS A 18 0.52 3.07 6.66
N PHE A 19 -0.20 4.14 6.29
CA PHE A 19 0.13 5.49 6.75
C PHE A 19 -0.96 6.01 7.69
N ILE A 20 -2.18 5.57 7.46
CA ILE A 20 -3.31 6.00 8.28
C ILE A 20 -3.17 5.49 9.71
N CYS A 21 -2.63 4.29 9.86
CA CYS A 21 -2.44 3.68 11.18
C CYS A 21 -0.95 3.45 11.45
N ARG A 22 -0.14 3.51 10.41
CA ARG A 22 1.29 3.30 10.53
C ARG A 22 1.61 1.87 10.99
N GLN A 23 0.79 0.93 10.53
CA GLN A 23 0.97 -0.47 10.89
C GLN A 23 1.15 -1.33 9.64
N ALA A 24 1.47 -2.60 9.85
CA ALA A 24 1.66 -3.53 8.74
C ALA A 24 0.45 -3.56 7.82
N PHE A 25 0.68 -3.34 6.53
CA PHE A 25 -0.41 -3.34 5.55
C PHE A 25 -1.28 -4.57 5.70
N GLN A 26 -2.53 -4.36 6.13
CA GLN A 26 -3.46 -5.46 6.32
C GLN A 26 -4.58 -5.41 5.27
N ASN A 27 -4.49 -6.29 4.28
CA ASN A 27 -5.49 -6.36 3.22
C ASN A 27 -5.58 -5.01 2.50
N PRO A 28 -4.43 -4.51 2.03
CA PRO A 28 -4.36 -3.23 1.31
C PRO A 28 -5.00 -3.30 -0.07
N VAL A 29 -5.61 -2.21 -0.50
CA VAL A 29 -6.26 -2.15 -1.81
C VAL A 29 -5.71 -0.99 -2.64
N VAL A 30 -5.54 -1.23 -3.93
CA VAL A 30 -5.02 -0.22 -4.84
C VAL A 30 -6.16 0.62 -5.42
N THR A 31 -5.96 1.94 -5.43
CA THR A 31 -6.98 2.86 -5.95
C THR A 31 -6.51 3.50 -7.25
N LYS A 32 -7.37 4.32 -7.85
CA LYS A 32 -7.05 5.01 -9.09
C LYS A 32 -5.84 5.93 -8.90
N CYS A 33 -5.66 6.42 -7.69
CA CYS A 33 -4.55 7.31 -7.38
C CYS A 33 -3.27 6.52 -7.15
N ARG A 34 -3.29 5.24 -7.52
CA ARG A 34 -2.13 4.38 -7.35
C ARG A 34 -1.66 4.38 -5.89
N HIS A 35 -2.61 4.25 -4.97
CA HIS A 35 -2.29 4.25 -3.55
C HIS A 35 -2.87 3.00 -2.88
N TYR A 36 -2.33 2.66 -1.71
CA TYR A 36 -2.79 1.49 -0.97
C TYR A 36 -3.25 1.88 0.43
N PHE A 37 -4.25 1.16 0.94
CA PHE A 37 -4.79 1.43 2.27
C PHE A 37 -5.43 0.18 2.86
N CYS A 38 -5.27 0.00 4.17
CA CYS A 38 -5.84 -1.16 4.85
C CYS A 38 -7.33 -1.29 4.57
N GLU A 39 -7.75 -2.48 4.14
CA GLU A 39 -9.14 -2.74 3.84
C GLU A 39 -10.06 -2.02 4.83
N SER A 40 -9.61 -1.94 6.09
CA SER A 40 -10.39 -1.29 7.13
C SER A 40 -10.25 0.23 7.05
N CYS A 41 -9.01 0.70 6.89
CA CYS A 41 -8.74 2.13 6.80
C CYS A 41 -9.47 2.74 5.61
N ALA A 42 -9.37 2.10 4.45
CA ALA A 42 -10.02 2.58 3.24
C ALA A 42 -11.53 2.72 3.46
N LEU A 43 -12.14 1.69 4.01
CA LEU A 43 -13.58 1.70 4.26
C LEU A 43 -13.94 2.74 5.33
N GLU A 44 -13.35 2.59 6.51
CA GLU A 44 -13.61 3.52 7.61
C GLU A 44 -13.44 4.96 7.16
N HIS A 45 -12.30 5.25 6.52
CA HIS A 45 -12.01 6.60 6.03
C HIS A 45 -13.07 7.04 5.02
N PHE A 46 -13.47 6.12 4.14
CA PHE A 46 -14.46 6.42 3.12
C PHE A 46 -15.74 6.98 3.75
N ARG A 47 -16.14 6.38 4.87
CA ARG A 47 -17.35 6.81 5.57
C ARG A 47 -17.29 8.30 5.88
N ALA A 48 -16.30 8.71 6.68
CA ALA A 48 -16.14 10.11 7.05
C ALA A 48 -15.83 10.96 5.82
N THR A 49 -14.75 10.62 5.12
CA THR A 49 -14.34 11.36 3.93
C THR A 49 -14.39 10.47 2.69
N PRO A 50 -15.23 10.84 1.73
CA PRO A 50 -15.40 10.09 0.48
C PRO A 50 -14.17 10.21 -0.43
N ARG A 51 -13.14 10.90 0.07
CA ARG A 51 -11.92 11.09 -0.69
C ARG A 51 -10.75 10.35 -0.05
N CYS A 52 -9.61 10.35 -0.73
CA CYS A 52 -8.43 9.66 -0.23
C CYS A 52 -7.90 10.35 1.04
N TYR A 53 -6.94 9.70 1.70
CA TYR A 53 -6.36 10.23 2.92
C TYR A 53 -5.02 10.89 2.65
N ILE A 54 -4.39 10.50 1.54
CA ILE A 54 -3.10 11.05 1.16
C ILE A 54 -3.25 12.12 0.08
N CYS A 55 -3.83 11.73 -1.05
CA CYS A 55 -4.04 12.65 -2.16
C CYS A 55 -5.41 13.33 -2.06
N ASP A 56 -6.24 12.84 -1.14
CA ASP A 56 -7.57 13.39 -0.94
C ASP A 56 -8.30 13.52 -2.27
N GLN A 57 -8.31 12.44 -3.05
CA GLN A 57 -8.97 12.43 -4.35
C GLN A 57 -10.32 11.72 -4.27
N PRO A 58 -11.23 12.05 -5.20
CA PRO A 58 -12.56 11.45 -5.25
C PRO A 58 -12.52 9.99 -5.67
N THR A 59 -12.40 9.09 -4.69
CA THR A 59 -12.34 7.67 -4.95
C THR A 59 -13.70 7.14 -5.43
N GLY A 60 -14.76 7.74 -4.92
CA GLY A 60 -16.10 7.31 -5.31
C GLY A 60 -16.43 5.92 -4.84
N GLY A 61 -15.98 5.57 -3.64
CA GLY A 61 -16.23 4.26 -3.10
C GLY A 61 -15.64 3.15 -3.94
N ILE A 62 -14.45 3.39 -4.47
CA ILE A 62 -13.77 2.41 -5.30
C ILE A 62 -12.51 1.87 -4.62
N PHE A 63 -12.33 0.56 -4.67
CA PHE A 63 -11.17 -0.07 -4.07
C PHE A 63 -10.89 -1.43 -4.71
N ASN A 64 -9.74 -1.53 -5.37
CA ASN A 64 -9.35 -2.76 -6.05
C ASN A 64 -8.39 -3.58 -5.17
N PRO A 65 -8.50 -4.92 -5.26
CA PRO A 65 -7.66 -5.83 -4.48
C PRO A 65 -6.22 -5.82 -4.96
N ALA A 66 -5.33 -5.27 -4.13
CA ALA A 66 -3.91 -5.20 -4.45
C ALA A 66 -3.18 -6.48 -4.04
N LYS A 67 -3.82 -7.62 -4.29
CA LYS A 67 -3.23 -8.91 -3.95
C LYS A 67 -1.82 -9.03 -4.49
N GLU A 68 -1.64 -8.66 -5.76
CA GLU A 68 -0.34 -8.73 -6.41
C GLU A 68 0.71 -7.95 -5.60
N LEU A 69 0.42 -6.67 -5.37
CA LEU A 69 1.34 -5.81 -4.62
C LEU A 69 1.96 -6.58 -3.45
N MET A 70 1.10 -7.16 -2.61
CA MET A 70 1.58 -7.92 -1.46
C MET A 70 2.38 -9.13 -1.89
N ALA A 71 1.86 -9.88 -2.87
CA ALA A 71 2.54 -11.06 -3.38
C ALA A 71 4.03 -10.80 -3.56
N LYS A 72 4.37 -9.59 -4.02
CA LYS A 72 5.76 -9.22 -4.24
C LYS A 72 6.45 -8.90 -2.94
N LEU A 73 5.78 -8.10 -2.10
CA LEU A 73 6.34 -7.72 -0.81
C LEU A 73 6.77 -8.94 0.00
N GLN A 74 5.82 -9.84 0.23
CA GLN A 74 6.10 -11.07 0.98
C GLN A 74 6.01 -12.29 0.08
N LYS A 75 6.61 -13.39 0.52
CA LYS A 75 6.59 -14.63 -0.25
C LYS A 75 6.32 -15.83 0.66
N SER A 76 5.86 -16.92 0.06
CA SER A 76 5.55 -18.13 0.82
C SER A 76 4.49 -17.86 1.88
N GLY A 77 3.48 -17.08 1.51
CA GLY A 77 2.41 -16.76 2.44
C GLY A 77 1.32 -17.80 2.48
N PRO A 78 0.27 -17.55 3.26
CA PRO A 78 -0.86 -18.48 3.40
C PRO A 78 -1.70 -18.54 2.13
N SER A 79 -2.33 -19.69 1.90
CA SER A 79 -3.16 -19.88 0.72
C SER A 79 -4.64 -19.96 1.10
N SER A 80 -5.51 -19.90 0.10
CA SER A 80 -6.94 -19.96 0.33
C SER A 80 -7.36 -21.32 0.89
N GLY A 81 -8.59 -21.40 1.39
CA GLY A 81 -9.08 -22.64 1.95
C GLY A 81 -8.56 -22.89 3.35
N GLY A 1 39.53 -10.50 11.93
CA GLY A 1 38.23 -11.06 12.23
C GLY A 1 37.12 -10.04 12.14
N SER A 2 36.66 -9.75 10.93
CA SER A 2 35.60 -8.78 10.71
C SER A 2 34.51 -9.35 9.80
N SER A 3 33.31 -8.79 9.90
CA SER A 3 32.19 -9.25 9.09
C SER A 3 32.13 -8.50 7.77
N GLY A 4 31.78 -9.20 6.70
CA GLY A 4 31.68 -8.58 5.39
C GLY A 4 30.52 -9.10 4.58
N SER A 5 29.45 -8.31 4.49
CA SER A 5 28.26 -8.71 3.74
C SER A 5 27.90 -7.65 2.71
N SER A 6 27.79 -8.06 1.45
CA SER A 6 27.45 -7.14 0.38
C SER A 6 26.00 -6.67 0.50
N GLY A 7 25.80 -5.37 0.32
CA GLY A 7 24.46 -4.81 0.41
C GLY A 7 23.86 -4.49 -0.94
N GLY A 8 22.64 -4.96 -1.17
CA GLY A 8 21.98 -4.71 -2.44
C GLY A 8 20.94 -3.62 -2.34
N SER A 9 21.30 -2.41 -2.78
CA SER A 9 20.39 -1.28 -2.74
C SER A 9 19.32 -1.40 -3.82
N GLU A 10 18.09 -1.73 -3.40
CA GLU A 10 16.98 -1.87 -4.33
C GLU A 10 16.10 -0.63 -4.33
N GLU A 11 15.89 -0.06 -5.51
CA GLU A 11 15.06 1.14 -5.66
C GLU A 11 13.58 0.78 -5.75
N GLU A 12 12.86 0.95 -4.64
CA GLU A 12 11.44 0.64 -4.59
C GLU A 12 10.67 1.71 -3.83
N GLU A 13 9.95 2.56 -4.56
CA GLU A 13 9.18 3.63 -3.95
C GLU A 13 8.01 3.06 -3.14
N ILE A 14 7.36 2.04 -3.70
CA ILE A 14 6.23 1.41 -3.03
C ILE A 14 6.42 1.39 -1.52
N PRO A 15 5.34 1.70 -0.78
CA PRO A 15 5.36 1.73 0.67
C PRO A 15 5.49 0.33 1.29
N PHE A 16 5.89 0.27 2.55
CA PHE A 16 6.05 -1.01 3.25
C PHE A 16 4.91 -1.24 4.24
N ARG A 17 4.47 -0.17 4.88
CA ARG A 17 3.39 -0.25 5.86
C ARG A 17 2.39 0.88 5.66
N CYS A 18 1.19 0.71 6.21
CA CYS A 18 0.15 1.72 6.09
C CYS A 18 0.62 3.06 6.67
N PHE A 19 -0.09 4.12 6.29
CA PHE A 19 0.26 5.46 6.77
C PHE A 19 -0.82 6.00 7.70
N ILE A 20 -2.06 5.58 7.47
CA ILE A 20 -3.19 6.01 8.29
C ILE A 20 -3.05 5.52 9.71
N CYS A 21 -2.54 4.30 9.86
CA CYS A 21 -2.36 3.69 11.18
C CYS A 21 -0.88 3.43 11.46
N ARG A 22 -0.07 3.50 10.42
CA ARG A 22 1.37 3.27 10.55
C ARG A 22 1.66 1.84 10.99
N GLN A 23 0.84 0.91 10.52
CA GLN A 23 1.00 -0.50 10.87
C GLN A 23 1.18 -1.36 9.63
N ALA A 24 1.44 -2.64 9.82
CA ALA A 24 1.64 -3.56 8.72
C ALA A 24 0.42 -3.57 7.79
N PHE A 25 0.67 -3.35 6.50
CA PHE A 25 -0.40 -3.33 5.51
C PHE A 25 -1.30 -4.56 5.65
N GLN A 26 -2.53 -4.35 6.09
CA GLN A 26 -3.48 -5.44 6.27
C GLN A 26 -4.58 -5.38 5.22
N ASN A 27 -4.51 -6.27 4.24
CA ASN A 27 -5.52 -6.32 3.18
C ASN A 27 -5.59 -4.98 2.45
N PRO A 28 -4.43 -4.48 2.00
CA PRO A 28 -4.35 -3.20 1.28
C PRO A 28 -4.98 -3.27 -0.11
N VAL A 29 -5.66 -2.21 -0.49
CA VAL A 29 -6.32 -2.14 -1.80
C VAL A 29 -5.78 -0.98 -2.63
N VAL A 30 -5.63 -1.22 -3.93
CA VAL A 30 -5.13 -0.19 -4.83
C VAL A 30 -6.26 0.67 -5.38
N THR A 31 -6.05 1.98 -5.38
CA THR A 31 -7.06 2.92 -5.87
C THR A 31 -6.62 3.55 -7.19
N LYS A 32 -7.49 4.39 -7.75
CA LYS A 32 -7.19 5.06 -9.01
C LYS A 32 -5.99 5.98 -8.87
N CYS A 33 -5.77 6.48 -7.66
CA CYS A 33 -4.64 7.37 -7.39
C CYS A 33 -3.36 6.58 -7.17
N ARG A 34 -3.39 5.31 -7.54
CA ARG A 34 -2.22 4.44 -7.38
C ARG A 34 -1.75 4.44 -5.93
N HIS A 35 -2.68 4.31 -5.00
CA HIS A 35 -2.35 4.29 -3.58
C HIS A 35 -2.91 3.04 -2.91
N TYR A 36 -2.39 2.73 -1.73
CA TYR A 36 -2.85 1.55 -0.98
C TYR A 36 -3.28 1.94 0.43
N PHE A 37 -4.28 1.23 0.94
CA PHE A 37 -4.79 1.51 2.29
C PHE A 37 -5.44 0.26 2.88
N CYS A 38 -5.24 0.05 4.18
CA CYS A 38 -5.80 -1.10 4.86
C CYS A 38 -7.30 -1.23 4.59
N GLU A 39 -7.72 -2.41 4.18
CA GLU A 39 -9.12 -2.66 3.88
C GLU A 39 -10.03 -1.95 4.87
N SER A 40 -9.57 -1.84 6.11
CA SER A 40 -10.34 -1.18 7.16
C SER A 40 -10.19 0.34 7.08
N CYS A 41 -8.95 0.80 6.88
CA CYS A 41 -8.66 2.22 6.78
C CYS A 41 -9.39 2.84 5.59
N ALA A 42 -9.35 2.14 4.45
CA ALA A 42 -10.01 2.63 3.25
C ALA A 42 -11.51 2.80 3.47
N LEU A 43 -12.13 1.77 4.04
CA LEU A 43 -13.57 1.81 4.30
C LEU A 43 -13.90 2.82 5.39
N GLU A 44 -13.30 2.63 6.57
CA GLU A 44 -13.53 3.53 7.68
C GLU A 44 -13.38 4.99 7.25
N HIS A 45 -12.28 5.29 6.57
CA HIS A 45 -12.01 6.64 6.10
C HIS A 45 -13.02 7.06 5.02
N PHE A 46 -13.44 6.09 4.22
CA PHE A 46 -14.40 6.35 3.15
C PHE A 46 -15.72 6.86 3.72
N ARG A 47 -16.19 6.22 4.77
CA ARG A 47 -17.45 6.60 5.42
C ARG A 47 -17.44 8.08 5.76
N ALA A 48 -16.45 8.50 6.54
CA ALA A 48 -16.33 9.90 6.95
C ALA A 48 -16.02 10.79 5.76
N THR A 49 -14.97 10.45 5.02
CA THR A 49 -14.57 11.23 3.85
C THR A 49 -14.52 10.35 2.61
N PRO A 50 -15.35 10.69 1.61
CA PRO A 50 -15.42 9.95 0.35
C PRO A 50 -14.16 10.14 -0.51
N ARG A 51 -13.20 10.88 0.03
CA ARG A 51 -11.95 11.14 -0.68
C ARG A 51 -10.80 10.35 -0.07
N CYS A 52 -9.63 10.44 -0.69
CA CYS A 52 -8.45 9.74 -0.20
C CYS A 52 -7.93 10.36 1.09
N TYR A 53 -7.00 9.67 1.73
CA TYR A 53 -6.42 10.16 2.98
C TYR A 53 -5.07 10.85 2.72
N ILE A 54 -4.47 10.55 1.58
CA ILE A 54 -3.19 11.14 1.22
C ILE A 54 -3.36 12.21 0.14
N CYS A 55 -3.92 11.81 -1.00
CA CYS A 55 -4.14 12.73 -2.10
C CYS A 55 -5.54 13.34 -2.04
N ASP A 56 -6.34 12.88 -1.08
CA ASP A 56 -7.69 13.37 -0.90
C ASP A 56 -8.39 13.51 -2.25
N GLN A 57 -8.32 12.46 -3.07
CA GLN A 57 -8.94 12.48 -4.40
C GLN A 57 -10.31 11.82 -4.35
N PRO A 58 -11.16 12.15 -5.33
CA PRO A 58 -12.52 11.61 -5.43
C PRO A 58 -12.53 10.12 -5.79
N THR A 59 -12.39 9.28 -4.78
CA THR A 59 -12.39 7.83 -4.99
C THR A 59 -13.75 7.34 -5.45
N GLY A 60 -14.81 7.89 -4.87
CA GLY A 60 -16.15 7.49 -5.24
C GLY A 60 -16.48 6.08 -4.82
N GLY A 61 -15.99 5.68 -3.64
CA GLY A 61 -16.23 4.35 -3.14
C GLY A 61 -15.65 3.28 -4.04
N ILE A 62 -14.45 3.51 -4.53
CA ILE A 62 -13.78 2.56 -5.41
C ILE A 62 -12.52 2.00 -4.76
N PHE A 63 -12.40 0.68 -4.76
CA PHE A 63 -11.26 0.01 -4.16
C PHE A 63 -11.02 -1.35 -4.82
N ASN A 64 -9.81 -1.53 -5.36
CA ASN A 64 -9.46 -2.78 -6.03
C ASN A 64 -8.48 -3.59 -5.18
N PRO A 65 -8.60 -4.92 -5.25
CA PRO A 65 -7.74 -5.83 -4.49
C PRO A 65 -6.29 -5.83 -5.01
N ALA A 66 -5.37 -5.38 -4.18
CA ALA A 66 -3.96 -5.34 -4.56
C ALA A 66 -3.22 -6.59 -4.07
N LYS A 67 -3.86 -7.74 -4.21
CA LYS A 67 -3.27 -9.00 -3.78
C LYS A 67 -1.87 -9.18 -4.39
N GLU A 68 -1.72 -8.79 -5.65
CA GLU A 68 -0.44 -8.90 -6.33
C GLU A 68 0.64 -8.09 -5.62
N LEU A 69 0.30 -6.85 -5.29
CA LEU A 69 1.24 -5.97 -4.61
C LEU A 69 1.87 -6.66 -3.40
N MET A 70 1.02 -7.25 -2.56
CA MET A 70 1.48 -7.95 -1.37
C MET A 70 2.35 -9.15 -1.75
N ALA A 71 1.90 -9.91 -2.74
CA ALA A 71 2.63 -11.08 -3.20
C ALA A 71 4.11 -10.76 -3.40
N LYS A 72 4.38 -9.62 -4.04
CA LYS A 72 5.75 -9.19 -4.29
C LYS A 72 6.50 -8.94 -2.98
N LEU A 73 5.88 -8.18 -2.09
CA LEU A 73 6.49 -7.87 -0.80
C LEU A 73 6.93 -9.14 -0.09
N GLN A 74 6.02 -10.09 0.05
CA GLN A 74 6.32 -11.35 0.71
C GLN A 74 7.31 -12.18 -0.12
N LYS A 75 7.79 -13.27 0.46
CA LYS A 75 8.75 -14.14 -0.22
C LYS A 75 8.03 -15.32 -0.88
N SER A 76 7.15 -15.97 -0.12
CA SER A 76 6.41 -17.11 -0.65
C SER A 76 4.97 -16.72 -0.95
N GLY A 77 4.24 -16.27 0.07
CA GLY A 77 2.86 -15.87 -0.12
C GLY A 77 2.02 -16.06 1.13
N PRO A 78 0.72 -15.77 1.03
CA PRO A 78 -0.21 -15.91 2.16
C PRO A 78 -0.46 -17.37 2.53
N SER A 79 -0.47 -17.65 3.83
CA SER A 79 -0.68 -19.00 4.32
C SER A 79 -2.11 -19.45 4.04
N SER A 80 -2.26 -20.72 3.68
CA SER A 80 -3.57 -21.29 3.37
C SER A 80 -3.51 -22.81 3.33
N GLY A 81 -4.67 -23.45 3.53
CA GLY A 81 -4.73 -24.89 3.51
C GLY A 81 -3.69 -25.54 4.41
N GLY A 1 28.12 0.79 15.66
CA GLY A 1 28.39 0.78 14.22
C GLY A 1 28.57 -0.62 13.67
N SER A 2 27.45 -1.31 13.42
CA SER A 2 27.49 -2.67 12.91
C SER A 2 27.02 -2.70 11.45
N SER A 3 27.84 -3.28 10.59
CA SER A 3 27.52 -3.39 9.17
C SER A 3 27.03 -4.79 8.82
N GLY A 4 25.73 -5.02 9.00
CA GLY A 4 25.16 -6.32 8.70
C GLY A 4 24.54 -6.37 7.31
N SER A 5 23.34 -5.79 7.18
CA SER A 5 22.64 -5.78 5.91
C SER A 5 22.36 -4.35 5.46
N SER A 6 23.03 -3.94 4.38
CA SER A 6 22.87 -2.60 3.84
C SER A 6 21.41 -2.35 3.44
N GLY A 7 20.81 -3.33 2.79
CA GLY A 7 19.43 -3.21 2.36
C GLY A 7 19.30 -2.38 1.10
N GLY A 8 20.16 -2.65 0.13
CA GLY A 8 20.12 -1.90 -1.13
C GLY A 8 18.89 -2.24 -1.95
N SER A 9 18.09 -1.22 -2.24
CA SER A 9 16.87 -1.41 -3.02
C SER A 9 16.98 -0.71 -4.38
N GLU A 10 16.03 -1.00 -5.25
CA GLU A 10 16.02 -0.39 -6.59
C GLU A 10 14.90 0.64 -6.71
N GLU A 11 15.16 1.85 -6.23
CA GLU A 11 14.18 2.92 -6.29
C GLU A 11 12.77 2.39 -6.00
N GLU A 12 12.66 1.57 -4.95
CA GLU A 12 11.38 1.00 -4.57
C GLU A 12 10.57 1.98 -3.73
N GLU A 13 9.92 2.93 -4.40
CA GLU A 13 9.11 3.94 -3.71
C GLU A 13 7.97 3.29 -2.96
N ILE A 14 7.37 2.26 -3.56
CA ILE A 14 6.26 1.55 -2.95
C ILE A 14 6.40 1.51 -1.43
N PRO A 15 5.31 1.81 -0.72
CA PRO A 15 5.28 1.82 0.74
C PRO A 15 5.38 0.41 1.33
N PHE A 16 5.81 0.34 2.58
CA PHE A 16 5.95 -0.96 3.26
C PHE A 16 4.81 -1.18 4.25
N ARG A 17 4.41 -0.11 4.92
CA ARG A 17 3.33 -0.19 5.90
C ARG A 17 2.32 0.94 5.69
N CYS A 18 1.12 0.75 6.23
CA CYS A 18 0.06 1.76 6.11
C CYS A 18 0.51 3.10 6.67
N PHE A 19 -0.19 4.16 6.29
CA PHE A 19 0.14 5.50 6.75
C PHE A 19 -0.96 6.04 7.66
N ILE A 20 -2.19 5.58 7.44
CA ILE A 20 -3.31 6.02 8.24
C ILE A 20 -3.20 5.53 9.67
N CYS A 21 -2.67 4.32 9.84
CA CYS A 21 -2.49 3.73 11.16
C CYS A 21 -1.02 3.49 11.46
N ARG A 22 -0.19 3.54 10.43
CA ARG A 22 1.25 3.33 10.58
C ARG A 22 1.54 1.90 11.03
N GLN A 23 0.74 0.96 10.53
CA GLN A 23 0.91 -0.45 10.88
C GLN A 23 1.11 -1.30 9.64
N ALA A 24 1.39 -2.58 9.84
CA ALA A 24 1.60 -3.51 8.73
C ALA A 24 0.41 -3.52 7.79
N PHE A 25 0.67 -3.33 6.50
CA PHE A 25 -0.39 -3.33 5.50
C PHE A 25 -1.29 -4.56 5.65
N GLN A 26 -2.50 -4.33 6.14
CA GLN A 26 -3.46 -5.41 6.34
C GLN A 26 -4.57 -5.35 5.29
N ASN A 27 -4.53 -6.28 4.34
CA ASN A 27 -5.54 -6.33 3.29
C ASN A 27 -5.61 -5.00 2.54
N PRO A 28 -4.45 -4.52 2.06
CA PRO A 28 -4.36 -3.26 1.32
C PRO A 28 -5.00 -3.34 -0.05
N VAL A 29 -5.67 -2.26 -0.46
CA VAL A 29 -6.34 -2.21 -1.75
C VAL A 29 -5.80 -1.08 -2.60
N VAL A 30 -5.65 -1.32 -3.91
CA VAL A 30 -5.14 -0.32 -4.82
C VAL A 30 -6.28 0.56 -5.36
N THR A 31 -6.08 1.87 -5.32
CA THR A 31 -7.08 2.81 -5.81
C THR A 31 -6.66 3.41 -7.15
N LYS A 32 -7.53 4.25 -7.70
CA LYS A 32 -7.26 4.90 -8.98
C LYS A 32 -6.04 5.81 -8.88
N CYS A 33 -5.80 6.35 -7.69
CA CYS A 33 -4.66 7.23 -7.46
C CYS A 33 -3.38 6.43 -7.26
N ARG A 34 -3.43 5.15 -7.60
CA ARG A 34 -2.27 4.27 -7.45
C ARG A 34 -1.77 4.27 -6.00
N HIS A 35 -2.71 4.17 -5.06
CA HIS A 35 -2.36 4.16 -3.65
C HIS A 35 -2.93 2.92 -2.96
N TYR A 36 -2.38 2.59 -1.79
CA TYR A 36 -2.81 1.43 -1.04
C TYR A 36 -3.25 1.82 0.37
N PHE A 37 -4.25 1.13 0.89
CA PHE A 37 -4.75 1.40 2.23
C PHE A 37 -5.40 0.16 2.83
N CYS A 38 -5.25 0.00 4.15
CA CYS A 38 -5.82 -1.15 4.85
C CYS A 38 -7.30 -1.28 4.55
N GLU A 39 -7.71 -2.49 4.18
CA GLU A 39 -9.11 -2.76 3.86
C GLU A 39 -10.04 -2.05 4.85
N SER A 40 -9.59 -1.93 6.09
CA SER A 40 -10.38 -1.28 7.13
C SER A 40 -10.25 0.25 7.03
N CYS A 41 -9.03 0.71 6.86
CA CYS A 41 -8.77 2.15 6.75
C CYS A 41 -9.51 2.74 5.56
N ALA A 42 -9.41 2.08 4.41
CA ALA A 42 -10.06 2.54 3.20
C ALA A 42 -11.57 2.68 3.41
N LEU A 43 -12.18 1.65 3.99
CA LEU A 43 -13.62 1.65 4.25
C LEU A 43 -13.97 2.67 5.34
N GLU A 44 -13.42 2.47 6.53
CA GLU A 44 -13.68 3.38 7.64
C GLU A 44 -13.48 4.83 7.22
N HIS A 45 -12.29 5.13 6.70
CA HIS A 45 -11.98 6.49 6.26
C HIS A 45 -12.96 6.95 5.19
N PHE A 46 -13.30 6.05 4.28
CA PHE A 46 -14.22 6.38 3.20
C PHE A 46 -15.55 6.92 3.75
N ARG A 47 -16.04 6.29 4.82
CA ARG A 47 -17.29 6.71 5.44
C ARG A 47 -17.24 8.19 5.79
N ALA A 48 -16.22 8.58 6.55
CA ALA A 48 -16.06 9.97 6.96
C ALA A 48 -15.73 10.86 5.77
N THR A 49 -14.65 10.54 5.07
CA THR A 49 -14.24 11.32 3.91
C THR A 49 -14.34 10.49 2.63
N PRO A 50 -15.19 10.95 1.70
CA PRO A 50 -15.40 10.27 0.43
C PRO A 50 -14.19 10.37 -0.49
N ARG A 51 -13.12 11.00 0.00
CA ARG A 51 -11.90 11.16 -0.77
C ARG A 51 -10.75 10.41 -0.14
N CYS A 52 -9.60 10.41 -0.81
CA CYS A 52 -8.41 9.73 -0.31
C CYS A 52 -7.90 10.39 0.96
N TYR A 53 -6.92 9.75 1.61
CA TYR A 53 -6.35 10.28 2.84
C TYR A 53 -5.00 10.94 2.56
N ILE A 54 -4.35 10.53 1.48
CA ILE A 54 -3.06 11.08 1.10
C ILE A 54 -3.21 12.13 0.01
N CYS A 55 -3.81 11.74 -1.11
CA CYS A 55 -4.02 12.64 -2.23
C CYS A 55 -5.38 13.32 -2.13
N ASP A 56 -6.20 12.86 -1.21
CA ASP A 56 -7.53 13.43 -1.01
C ASP A 56 -8.27 13.52 -2.33
N GLN A 57 -8.23 12.44 -3.11
CA GLN A 57 -8.91 12.41 -4.40
C GLN A 57 -10.26 11.70 -4.28
N PRO A 58 -11.18 12.02 -5.20
CA PRO A 58 -12.52 11.43 -5.23
C PRO A 58 -12.49 9.96 -5.64
N THR A 59 -12.44 9.08 -4.66
CA THR A 59 -12.41 7.65 -4.92
C THR A 59 -13.78 7.13 -5.34
N GLY A 60 -14.82 7.87 -4.95
CA GLY A 60 -16.18 7.47 -5.30
C GLY A 60 -16.51 6.08 -4.82
N GLY A 61 -15.96 5.70 -3.66
CA GLY A 61 -16.22 4.38 -3.12
C GLY A 61 -15.65 3.27 -3.98
N ILE A 62 -14.45 3.49 -4.50
CA ILE A 62 -13.80 2.51 -5.34
C ILE A 62 -12.55 1.94 -4.67
N PHE A 63 -12.46 0.61 -4.63
CA PHE A 63 -11.32 -0.05 -4.01
C PHE A 63 -11.06 -1.40 -4.67
N ASN A 64 -9.87 -1.55 -5.25
CA ASN A 64 -9.49 -2.79 -5.92
C ASN A 64 -8.48 -3.57 -5.09
N PRO A 65 -8.57 -4.91 -5.15
CA PRO A 65 -7.67 -5.79 -4.41
C PRO A 65 -6.25 -5.77 -4.95
N ALA A 66 -5.32 -5.27 -4.14
CA ALA A 66 -3.92 -5.19 -4.55
C ALA A 66 -3.16 -6.44 -4.13
N LYS A 67 -3.80 -7.59 -4.27
CA LYS A 67 -3.18 -8.86 -3.90
C LYS A 67 -1.77 -8.96 -4.48
N GLU A 68 -1.62 -8.53 -5.73
CA GLU A 68 -0.32 -8.57 -6.41
C GLU A 68 0.72 -7.79 -5.62
N LEU A 69 0.42 -6.54 -5.31
CA LEU A 69 1.33 -5.68 -4.57
C LEU A 69 1.91 -6.42 -3.37
N MET A 70 1.05 -7.11 -2.62
CA MET A 70 1.47 -7.86 -1.45
C MET A 70 2.33 -9.05 -1.85
N ALA A 71 1.87 -9.81 -2.84
CA ALA A 71 2.59 -10.98 -3.32
C ALA A 71 4.07 -10.65 -3.54
N LYS A 72 4.33 -9.45 -4.05
CA LYS A 72 5.69 -9.01 -4.32
C LYS A 72 6.49 -8.91 -3.01
N LEU A 73 5.94 -8.19 -2.04
CA LEU A 73 6.60 -8.02 -0.75
C LEU A 73 6.96 -9.37 -0.14
N GLN A 74 5.95 -10.24 0.00
CA GLN A 74 6.17 -11.56 0.57
C GLN A 74 6.58 -12.56 -0.50
N LYS A 75 7.79 -13.10 -0.37
CA LYS A 75 8.28 -14.07 -1.33
C LYS A 75 7.23 -15.11 -1.68
N SER A 76 7.04 -15.35 -2.98
CA SER A 76 6.06 -16.32 -3.44
C SER A 76 6.72 -17.61 -3.91
N GLY A 77 7.57 -17.49 -4.92
CA GLY A 77 8.26 -18.66 -5.44
C GLY A 77 7.73 -19.09 -6.80
N PRO A 78 7.97 -20.36 -7.15
CA PRO A 78 7.52 -20.92 -8.43
C PRO A 78 6.01 -21.09 -8.49
N SER A 79 5.48 -21.29 -9.70
CA SER A 79 4.06 -21.45 -9.90
C SER A 79 3.30 -20.20 -9.48
N SER A 80 3.81 -19.05 -9.89
CA SER A 80 3.19 -17.77 -9.55
C SER A 80 1.74 -17.73 -10.03
N GLY A 81 1.52 -18.16 -11.27
CA GLY A 81 0.18 -18.17 -11.82
C GLY A 81 0.05 -17.30 -13.05
N GLY A 1 35.70 15.81 -9.58
CA GLY A 1 34.94 14.78 -10.25
C GLY A 1 35.41 13.38 -9.90
N SER A 2 34.99 12.89 -8.74
CA SER A 2 35.38 11.56 -8.28
C SER A 2 34.19 10.82 -7.67
N SER A 3 33.87 9.67 -8.24
CA SER A 3 32.74 8.88 -7.75
C SER A 3 32.98 7.39 -8.04
N GLY A 4 32.55 6.55 -7.10
CA GLY A 4 32.71 5.12 -7.26
C GLY A 4 31.45 4.44 -7.75
N SER A 5 30.84 3.64 -6.87
CA SER A 5 29.62 2.91 -7.22
C SER A 5 28.41 3.84 -7.15
N SER A 6 27.31 3.41 -7.76
CA SER A 6 26.08 4.20 -7.78
C SER A 6 24.85 3.30 -7.72
N GLY A 7 23.80 3.79 -7.07
CA GLY A 7 22.58 3.01 -6.95
C GLY A 7 21.34 3.84 -7.18
N GLY A 8 21.25 4.47 -8.35
CA GLY A 8 20.11 5.29 -8.68
C GLY A 8 19.33 4.77 -9.88
N SER A 9 18.33 5.52 -10.30
CA SER A 9 17.50 5.13 -11.44
C SER A 9 16.56 3.98 -11.07
N GLU A 10 15.80 4.17 -10.00
CA GLU A 10 14.86 3.15 -9.54
C GLU A 10 13.47 3.74 -9.37
N GLU A 11 12.47 3.06 -9.94
CA GLU A 11 11.09 3.51 -9.84
C GLU A 11 10.31 2.67 -8.84
N GLU A 12 10.96 2.31 -7.74
CA GLU A 12 10.33 1.50 -6.70
C GLU A 12 9.94 2.36 -5.50
N GLU A 13 8.86 3.12 -5.64
CA GLU A 13 8.39 3.98 -4.57
C GLU A 13 7.16 3.38 -3.88
N ILE A 14 7.20 2.08 -3.64
CA ILE A 14 6.10 1.39 -3.00
C ILE A 14 6.28 1.36 -1.48
N PRO A 15 5.19 1.66 -0.75
CA PRO A 15 5.20 1.67 0.71
C PRO A 15 5.34 0.28 1.31
N PHE A 16 5.71 0.23 2.58
CA PHE A 16 5.88 -1.05 3.27
C PHE A 16 4.76 -1.27 4.29
N ARG A 17 4.33 -0.19 4.92
CA ARG A 17 3.27 -0.26 5.93
C ARG A 17 2.25 0.86 5.72
N CYS A 18 1.08 0.70 6.32
CA CYS A 18 0.02 1.70 6.20
C CYS A 18 0.48 3.04 6.76
N PHE A 19 -0.23 4.11 6.39
CA PHE A 19 0.10 5.45 6.86
C PHE A 19 -0.98 6.00 7.77
N ILE A 20 -2.22 5.54 7.55
CA ILE A 20 -3.34 5.98 8.36
C ILE A 20 -3.23 5.48 9.80
N CYS A 21 -2.66 4.29 9.95
CA CYS A 21 -2.48 3.69 11.27
C CYS A 21 -1.00 3.42 11.55
N ARG A 22 -0.17 3.55 10.52
CA ARG A 22 1.25 3.33 10.66
C ARG A 22 1.54 1.89 11.10
N GLN A 23 0.71 0.96 10.66
CA GLN A 23 0.87 -0.44 11.01
C GLN A 23 1.05 -1.31 9.76
N ALA A 24 1.36 -2.58 9.96
CA ALA A 24 1.55 -3.49 8.85
C ALA A 24 0.35 -3.50 7.91
N PHE A 25 0.61 -3.40 6.62
CA PHE A 25 -0.45 -3.38 5.62
C PHE A 25 -1.36 -4.61 5.77
N GLN A 26 -2.59 -4.38 6.21
CA GLN A 26 -3.54 -5.46 6.40
C GLN A 26 -4.66 -5.39 5.36
N ASN A 27 -4.62 -6.31 4.40
CA ASN A 27 -5.63 -6.35 3.34
C ASN A 27 -5.68 -5.02 2.59
N PRO A 28 -4.52 -4.56 2.13
CA PRO A 28 -4.41 -3.30 1.39
C PRO A 28 -5.04 -3.38 0.01
N VAL A 29 -5.63 -2.29 -0.44
CA VAL A 29 -6.26 -2.24 -1.76
C VAL A 29 -5.71 -1.09 -2.59
N VAL A 30 -5.54 -1.33 -3.89
CA VAL A 30 -5.01 -0.32 -4.79
C VAL A 30 -6.14 0.54 -5.36
N THR A 31 -5.98 1.85 -5.30
CA THR A 31 -6.98 2.77 -5.82
C THR A 31 -6.53 3.39 -7.13
N LYS A 32 -7.39 4.22 -7.71
CA LYS A 32 -7.08 4.87 -8.99
C LYS A 32 -5.89 5.81 -8.84
N CYS A 33 -5.67 6.32 -7.64
CA CYS A 33 -4.56 7.22 -7.37
C CYS A 33 -3.27 6.44 -7.14
N ARG A 34 -3.29 5.15 -7.47
CA ARG A 34 -2.13 4.30 -7.31
C ARG A 34 -1.66 4.30 -5.86
N HIS A 35 -2.60 4.17 -4.93
CA HIS A 35 -2.28 4.16 -3.51
C HIS A 35 -2.86 2.92 -2.84
N TYR A 36 -2.33 2.60 -1.67
CA TYR A 36 -2.79 1.43 -0.91
C TYR A 36 -3.24 1.81 0.49
N PHE A 37 -4.26 1.14 0.99
CA PHE A 37 -4.78 1.42 2.32
C PHE A 37 -5.45 0.17 2.92
N CYS A 38 -5.30 0.00 4.22
CA CYS A 38 -5.88 -1.14 4.91
C CYS A 38 -7.36 -1.27 4.60
N GLU A 39 -7.78 -2.46 4.20
CA GLU A 39 -9.19 -2.70 3.88
C GLU A 39 -10.11 -2.00 4.87
N SER A 40 -9.65 -1.89 6.12
CA SER A 40 -10.43 -1.25 7.16
C SER A 40 -10.30 0.26 7.09
N CYS A 41 -9.06 0.74 6.96
CA CYS A 41 -8.79 2.16 6.88
C CYS A 41 -9.51 2.79 5.69
N ALA A 42 -9.45 2.12 4.54
CA ALA A 42 -10.10 2.60 3.34
C ALA A 42 -11.60 2.76 3.55
N LEU A 43 -12.24 1.72 4.08
CA LEU A 43 -13.68 1.75 4.33
C LEU A 43 -14.01 2.78 5.41
N GLU A 44 -13.38 2.64 6.57
CA GLU A 44 -13.62 3.56 7.68
C GLU A 44 -13.45 5.01 7.24
N HIS A 45 -12.30 5.30 6.62
CA HIS A 45 -12.02 6.65 6.16
C HIS A 45 -13.02 7.08 5.08
N PHE A 46 -13.37 6.15 4.20
CA PHE A 46 -14.32 6.43 3.13
C PHE A 46 -15.62 7.01 3.70
N ARG A 47 -16.07 6.45 4.81
CA ARG A 47 -17.30 6.90 5.46
C ARG A 47 -17.23 8.40 5.76
N ALA A 48 -16.28 8.78 6.60
CA ALA A 48 -16.10 10.18 6.97
C ALA A 48 -15.78 11.04 5.76
N THR A 49 -14.71 10.68 5.06
CA THR A 49 -14.28 11.41 3.88
C THR A 49 -14.36 10.54 2.63
N PRO A 50 -15.21 10.96 1.67
CA PRO A 50 -15.40 10.23 0.42
C PRO A 50 -14.17 10.31 -0.50
N ARG A 51 -13.13 10.96 0.00
CA ARG A 51 -11.90 11.12 -0.77
C ARG A 51 -10.74 10.36 -0.11
N CYS A 52 -9.59 10.36 -0.77
CA CYS A 52 -8.41 9.68 -0.25
C CYS A 52 -7.90 10.36 1.01
N TYR A 53 -6.95 9.71 1.69
CA TYR A 53 -6.39 10.25 2.91
C TYR A 53 -5.03 10.89 2.65
N ILE A 54 -4.40 10.49 1.55
CA ILE A 54 -3.09 11.03 1.18
C ILE A 54 -3.22 12.08 0.08
N CYS A 55 -3.83 11.68 -1.03
CA CYS A 55 -4.01 12.59 -2.16
C CYS A 55 -5.35 13.32 -2.06
N ASP A 56 -6.20 12.86 -1.14
CA ASP A 56 -7.51 13.46 -0.94
C ASP A 56 -8.26 13.59 -2.27
N GLN A 57 -8.27 12.52 -3.05
CA GLN A 57 -8.94 12.53 -4.34
C GLN A 57 -10.29 11.81 -4.26
N PRO A 58 -11.19 12.14 -5.18
CA PRO A 58 -12.53 11.55 -5.24
C PRO A 58 -12.50 10.08 -5.66
N THR A 59 -12.40 9.19 -4.68
CA THR A 59 -12.36 7.75 -4.95
C THR A 59 -13.69 7.26 -5.50
N GLY A 60 -14.78 7.78 -4.93
CA GLY A 60 -16.10 7.36 -5.37
C GLY A 60 -16.44 5.95 -4.95
N GLY A 61 -16.00 5.56 -3.76
CA GLY A 61 -16.27 4.23 -3.26
C GLY A 61 -15.67 3.15 -4.13
N ILE A 62 -14.47 3.39 -4.63
CA ILE A 62 -13.79 2.43 -5.49
C ILE A 62 -12.51 1.92 -4.85
N PHE A 63 -12.39 0.60 -4.75
CA PHE A 63 -11.21 -0.01 -4.15
C PHE A 63 -10.91 -1.37 -4.80
N ASN A 64 -9.77 -1.46 -5.46
CA ASN A 64 -9.36 -2.69 -6.13
C ASN A 64 -8.40 -3.49 -5.26
N PRO A 65 -8.49 -4.82 -5.35
CA PRO A 65 -7.62 -5.72 -4.58
C PRO A 65 -6.18 -5.69 -5.06
N ALA A 66 -5.26 -5.40 -4.14
CA ALA A 66 -3.84 -5.34 -4.47
C ALA A 66 -3.12 -6.60 -4.00
N LYS A 67 -3.76 -7.74 -4.17
CA LYS A 67 -3.18 -9.01 -3.75
C LYS A 67 -1.79 -9.20 -4.35
N GLU A 68 -1.64 -8.83 -5.62
CA GLU A 68 -0.36 -8.96 -6.31
C GLU A 68 0.70 -8.10 -5.63
N LEU A 69 0.37 -6.84 -5.39
CA LEU A 69 1.30 -5.91 -4.74
C LEU A 69 1.96 -6.57 -3.53
N MET A 70 1.15 -7.21 -2.70
CA MET A 70 1.66 -7.88 -1.50
C MET A 70 2.57 -9.04 -1.88
N ALA A 71 2.17 -9.79 -2.90
CA ALA A 71 2.95 -10.94 -3.35
C ALA A 71 4.41 -10.55 -3.58
N LYS A 72 4.63 -9.39 -4.19
CA LYS A 72 5.97 -8.90 -4.47
C LYS A 72 6.76 -8.73 -3.16
N LEU A 73 6.18 -8.00 -2.22
CA LEU A 73 6.83 -7.77 -0.93
C LEU A 73 7.25 -9.09 -0.27
N GLN A 74 6.36 -10.08 -0.33
CA GLN A 74 6.63 -11.38 0.25
C GLN A 74 5.67 -12.43 -0.29
N LYS A 75 6.14 -13.66 -0.40
CA LYS A 75 5.33 -14.76 -0.89
C LYS A 75 4.33 -15.22 0.16
N SER A 76 3.04 -15.02 -0.13
CA SER A 76 1.99 -15.40 0.80
C SER A 76 1.42 -16.77 0.43
N GLY A 77 1.63 -17.75 1.29
CA GLY A 77 1.13 -19.09 1.04
C GLY A 77 -0.22 -19.34 1.70
N PRO A 78 -1.26 -19.50 0.89
CA PRO A 78 -2.62 -19.75 1.37
C PRO A 78 -2.76 -21.14 1.99
N SER A 79 -1.69 -21.91 1.96
CA SER A 79 -1.70 -23.27 2.51
C SER A 79 -1.76 -23.23 4.03
N SER A 80 -2.93 -23.53 4.58
CA SER A 80 -3.13 -23.52 6.03
C SER A 80 -2.68 -24.84 6.64
N GLY A 81 -3.31 -25.93 6.19
CA GLY A 81 -2.96 -27.25 6.70
C GLY A 81 -4.06 -28.26 6.47
N GLY A 1 41.79 6.50 -10.26
CA GLY A 1 41.64 5.90 -8.95
C GLY A 1 41.16 4.46 -9.02
N SER A 2 40.11 4.22 -9.79
CA SER A 2 39.55 2.89 -9.95
C SER A 2 39.62 2.12 -8.63
N SER A 3 39.31 2.80 -7.54
CA SER A 3 39.34 2.20 -6.22
C SER A 3 37.95 1.71 -5.81
N GLY A 4 37.24 1.10 -6.76
CA GLY A 4 35.92 0.60 -6.48
C GLY A 4 34.84 1.64 -6.69
N SER A 5 33.63 1.20 -7.04
CA SER A 5 32.52 2.11 -7.28
C SER A 5 31.26 1.62 -6.58
N SER A 6 30.43 2.56 -6.15
CA SER A 6 29.19 2.23 -5.46
C SER A 6 28.01 2.28 -6.41
N GLY A 7 27.31 1.14 -6.55
CA GLY A 7 26.17 1.08 -7.44
C GLY A 7 24.95 0.47 -6.76
N GLY A 8 23.99 0.02 -7.57
CA GLY A 8 22.79 -0.57 -7.03
C GLY A 8 21.73 0.47 -6.70
N SER A 9 21.56 1.44 -7.58
CA SER A 9 20.57 2.50 -7.37
C SER A 9 19.17 1.91 -7.24
N GLU A 10 18.78 1.61 -6.00
CA GLU A 10 17.47 1.05 -5.74
C GLU A 10 16.41 2.14 -5.63
N GLU A 11 15.34 1.99 -6.41
CA GLU A 11 14.26 2.98 -6.40
C GLU A 11 12.91 2.30 -6.22
N GLU A 12 12.56 2.01 -4.97
CA GLU A 12 11.29 1.36 -4.66
C GLU A 12 10.39 2.28 -3.84
N GLU A 13 9.69 3.18 -4.54
CA GLU A 13 8.79 4.13 -3.88
C GLU A 13 7.67 3.39 -3.16
N ILE A 14 7.22 2.28 -3.75
CA ILE A 14 6.15 1.49 -3.15
C ILE A 14 6.30 1.40 -1.63
N PRO A 15 5.23 1.74 -0.91
CA PRO A 15 5.22 1.70 0.56
C PRO A 15 5.27 0.28 1.10
N PHE A 16 5.71 0.14 2.35
CA PHE A 16 5.80 -1.17 2.99
C PHE A 16 4.68 -1.35 4.00
N ARG A 17 4.35 -0.29 4.72
CA ARG A 17 3.30 -0.34 5.72
C ARG A 17 2.27 0.78 5.50
N CYS A 18 1.14 0.68 6.18
CA CYS A 18 0.08 1.68 6.05
C CYS A 18 0.54 3.02 6.62
N PHE A 19 -0.17 4.08 6.24
CA PHE A 19 0.16 5.42 6.71
C PHE A 19 -0.92 5.95 7.63
N ILE A 20 -2.17 5.53 7.40
CA ILE A 20 -3.28 5.96 8.22
C ILE A 20 -3.15 5.46 9.65
N CYS A 21 -2.62 4.25 9.81
CA CYS A 21 -2.43 3.66 11.13
C CYS A 21 -0.94 3.43 11.41
N ARG A 22 -0.13 3.49 10.37
CA ARG A 22 1.30 3.29 10.50
C ARG A 22 1.61 1.87 10.94
N GLN A 23 0.78 0.92 10.50
CA GLN A 23 0.96 -0.48 10.86
C GLN A 23 1.13 -1.34 9.61
N ALA A 24 1.43 -2.62 9.81
CA ALA A 24 1.61 -3.54 8.70
C ALA A 24 0.39 -3.57 7.80
N PHE A 25 0.61 -3.34 6.50
CA PHE A 25 -0.47 -3.34 5.53
C PHE A 25 -1.34 -4.59 5.68
N GLN A 26 -2.59 -4.39 6.11
CA GLN A 26 -3.51 -5.50 6.29
C GLN A 26 -4.62 -5.46 5.24
N ASN A 27 -4.54 -6.37 4.27
CA ASN A 27 -5.54 -6.43 3.21
C ASN A 27 -5.65 -5.10 2.48
N PRO A 28 -4.50 -4.59 2.01
CA PRO A 28 -4.44 -3.32 1.29
C PRO A 28 -5.07 -3.41 -0.10
N VAL A 29 -5.73 -2.32 -0.51
CA VAL A 29 -6.38 -2.29 -1.81
C VAL A 29 -5.84 -1.14 -2.66
N VAL A 30 -5.68 -1.39 -3.96
CA VAL A 30 -5.18 -0.37 -4.87
C VAL A 30 -6.31 0.48 -5.44
N THR A 31 -6.17 1.79 -5.34
CA THR A 31 -7.18 2.72 -5.84
C THR A 31 -6.75 3.33 -7.17
N LYS A 32 -7.62 4.15 -7.75
CA LYS A 32 -7.35 4.81 -9.01
C LYS A 32 -6.14 5.73 -8.90
N CYS A 33 -5.91 6.24 -7.70
CA CYS A 33 -4.78 7.14 -7.45
C CYS A 33 -3.48 6.35 -7.27
N ARG A 34 -3.54 5.06 -7.59
CA ARG A 34 -2.37 4.19 -7.46
C ARG A 34 -1.85 4.19 -6.02
N HIS A 35 -2.77 4.10 -5.07
CA HIS A 35 -2.41 4.09 -3.66
C HIS A 35 -2.98 2.85 -2.95
N TYR A 36 -2.41 2.51 -1.81
CA TYR A 36 -2.86 1.36 -1.04
C TYR A 36 -3.31 1.77 0.36
N PHE A 37 -4.31 1.07 0.88
CA PHE A 37 -4.83 1.36 2.22
C PHE A 37 -5.48 0.12 2.83
N CYS A 38 -5.29 -0.05 4.13
CA CYS A 38 -5.87 -1.19 4.84
C CYS A 38 -7.36 -1.31 4.57
N GLU A 39 -7.78 -2.51 4.17
CA GLU A 39 -9.20 -2.76 3.88
C GLU A 39 -10.09 -2.03 4.89
N SER A 40 -9.62 -1.95 6.13
CA SER A 40 -10.39 -1.28 7.18
C SER A 40 -10.25 0.24 7.08
N CYS A 41 -9.02 0.70 6.90
CA CYS A 41 -8.75 2.12 6.79
C CYS A 41 -9.49 2.73 5.61
N ALA A 42 -9.44 2.06 4.47
CA ALA A 42 -10.12 2.52 3.27
C ALA A 42 -11.62 2.67 3.50
N LEU A 43 -12.20 1.68 4.16
CA LEU A 43 -13.63 1.70 4.45
C LEU A 43 -13.96 2.73 5.54
N GLU A 44 -13.39 2.52 6.72
CA GLU A 44 -13.61 3.44 7.84
C GLU A 44 -13.42 4.89 7.40
N HIS A 45 -12.28 5.17 6.80
CA HIS A 45 -11.97 6.51 6.33
C HIS A 45 -13.01 6.99 5.32
N PHE A 46 -13.29 6.14 4.33
CA PHE A 46 -14.25 6.46 3.29
C PHE A 46 -15.54 7.02 3.89
N ARG A 47 -15.98 6.42 5.00
CA ARG A 47 -17.19 6.85 5.67
C ARG A 47 -17.14 8.34 5.99
N ALA A 48 -16.14 8.75 6.75
CA ALA A 48 -15.98 10.14 7.13
C ALA A 48 -15.65 11.00 5.91
N THR A 49 -14.57 10.66 5.22
CA THR A 49 -14.15 11.40 4.04
C THR A 49 -14.26 10.54 2.78
N PRO A 50 -15.12 10.96 1.85
CA PRO A 50 -15.35 10.24 0.59
C PRO A 50 -14.14 10.33 -0.35
N ARG A 51 -13.08 10.97 0.13
CA ARG A 51 -11.86 11.13 -0.67
C ARG A 51 -10.70 10.38 -0.04
N CYS A 52 -9.57 10.35 -0.74
CA CYS A 52 -8.38 9.66 -0.25
C CYS A 52 -7.84 10.33 1.01
N TYR A 53 -6.89 9.67 1.66
CA TYR A 53 -6.28 10.20 2.88
C TYR A 53 -4.93 10.84 2.58
N ILE A 54 -4.32 10.44 1.47
CA ILE A 54 -3.02 10.97 1.08
C ILE A 54 -3.17 12.01 -0.03
N CYS A 55 -3.80 11.62 -1.12
CA CYS A 55 -4.01 12.53 -2.26
C CYS A 55 -5.35 13.25 -2.12
N ASP A 56 -6.16 12.80 -1.18
CA ASP A 56 -7.48 13.40 -0.95
C ASP A 56 -8.24 13.57 -2.26
N GLN A 57 -8.28 12.50 -3.05
CA GLN A 57 -8.97 12.52 -4.34
C GLN A 57 -10.30 11.80 -4.25
N PRO A 58 -11.24 12.13 -5.16
CA PRO A 58 -12.56 11.52 -5.21
C PRO A 58 -12.51 10.07 -5.65
N THR A 59 -12.43 9.16 -4.68
CA THR A 59 -12.37 7.73 -4.98
C THR A 59 -13.71 7.22 -5.49
N GLY A 60 -14.79 7.84 -5.01
CA GLY A 60 -16.12 7.44 -5.44
C GLY A 60 -16.45 6.02 -5.03
N GLY A 61 -16.03 5.64 -3.83
CA GLY A 61 -16.29 4.30 -3.33
C GLY A 61 -15.66 3.22 -4.21
N ILE A 62 -14.45 3.49 -4.68
CA ILE A 62 -13.74 2.55 -5.53
C ILE A 62 -12.51 1.99 -4.82
N PHE A 63 -12.37 0.67 -4.84
CA PHE A 63 -11.24 0.01 -4.20
C PHE A 63 -10.93 -1.32 -4.88
N ASN A 64 -9.79 -1.36 -5.58
CA ASN A 64 -9.38 -2.57 -6.29
C ASN A 64 -8.41 -3.39 -5.43
N PRO A 65 -8.49 -4.72 -5.56
CA PRO A 65 -7.63 -5.65 -4.81
C PRO A 65 -6.17 -5.59 -5.28
N ALA A 66 -5.27 -5.31 -4.35
CA ALA A 66 -3.85 -5.24 -4.66
C ALA A 66 -3.11 -6.47 -4.16
N LYS A 67 -3.73 -7.63 -4.31
CA LYS A 67 -3.13 -8.89 -3.88
C LYS A 67 -1.71 -9.03 -4.41
N GLU A 68 -1.52 -8.63 -5.67
CA GLU A 68 -0.20 -8.71 -6.30
C GLU A 68 0.82 -7.88 -5.53
N LEU A 69 0.54 -6.59 -5.39
CA LEU A 69 1.44 -5.69 -4.68
C LEU A 69 2.04 -6.38 -3.45
N MET A 70 1.20 -7.06 -2.69
CA MET A 70 1.64 -7.76 -1.49
C MET A 70 2.59 -8.90 -1.85
N ALA A 71 2.15 -9.76 -2.77
CA ALA A 71 2.94 -10.89 -3.20
C ALA A 71 4.43 -10.52 -3.27
N LYS A 72 4.71 -9.34 -3.78
CA LYS A 72 6.09 -8.86 -3.90
C LYS A 72 6.74 -8.72 -2.53
N LEU A 73 6.14 -7.88 -1.69
CA LEU A 73 6.65 -7.64 -0.34
C LEU A 73 6.84 -8.96 0.41
N GLN A 74 5.79 -9.77 0.45
CA GLN A 74 5.84 -11.06 1.13
C GLN A 74 5.16 -12.14 0.31
N LYS A 75 5.79 -13.30 0.24
CA LYS A 75 5.25 -14.42 -0.52
C LYS A 75 4.32 -15.28 0.34
N SER A 76 3.01 -15.08 0.18
CA SER A 76 2.03 -15.84 0.95
C SER A 76 2.23 -17.34 0.77
N GLY A 77 2.41 -17.76 -0.47
CA GLY A 77 2.61 -19.17 -0.76
C GLY A 77 1.66 -19.68 -1.83
N PRO A 78 1.82 -20.96 -2.21
CA PRO A 78 0.98 -21.59 -3.23
C PRO A 78 -0.44 -21.83 -2.74
N SER A 79 -0.58 -22.11 -1.45
CA SER A 79 -1.89 -22.35 -0.85
C SER A 79 -2.92 -21.36 -1.37
N SER A 80 -3.91 -21.87 -2.10
CA SER A 80 -4.96 -21.03 -2.66
C SER A 80 -5.99 -20.66 -1.59
N GLY A 81 -6.50 -19.44 -1.68
CA GLY A 81 -7.48 -18.98 -0.71
C GLY A 81 -8.90 -19.39 -1.10
N GLY A 1 31.29 11.80 7.82
CA GLY A 1 30.53 10.76 7.14
C GLY A 1 31.36 9.51 6.93
N SER A 2 30.68 8.40 6.66
CA SER A 2 31.35 7.12 6.43
C SER A 2 30.69 6.34 5.30
N SER A 3 31.50 5.72 4.45
CA SER A 3 30.99 4.94 3.33
C SER A 3 30.78 3.49 3.73
N GLY A 4 29.88 2.81 3.02
CA GLY A 4 29.61 1.41 3.32
C GLY A 4 29.30 0.61 2.06
N SER A 5 29.61 -0.69 2.10
CA SER A 5 29.36 -1.56 0.97
C SER A 5 28.03 -2.28 1.10
N SER A 6 27.46 -2.70 -0.02
CA SER A 6 26.18 -3.38 -0.02
C SER A 6 25.97 -4.15 -1.33
N GLY A 7 25.16 -5.21 -1.28
CA GLY A 7 24.90 -6.00 -2.46
C GLY A 7 23.56 -5.69 -3.08
N GLY A 8 23.54 -4.80 -4.07
CA GLY A 8 22.30 -4.44 -4.72
C GLY A 8 22.06 -2.94 -4.70
N SER A 9 22.00 -2.33 -5.88
CA SER A 9 21.78 -0.89 -5.99
C SER A 9 20.43 -0.61 -6.64
N GLU A 10 19.37 -0.63 -5.84
CA GLU A 10 18.03 -0.37 -6.34
C GLU A 10 17.09 -0.01 -5.20
N GLU A 11 16.13 0.88 -5.48
CA GLU A 11 15.17 1.31 -4.48
C GLU A 11 13.74 1.14 -4.98
N GLU A 12 12.82 0.84 -4.07
CA GLU A 12 11.42 0.67 -4.43
C GLU A 12 10.53 1.66 -3.69
N GLU A 13 10.09 2.70 -4.41
CA GLU A 13 9.24 3.72 -3.83
C GLU A 13 8.04 3.10 -3.12
N ILE A 14 7.47 2.05 -3.72
CA ILE A 14 6.33 1.37 -3.14
C ILE A 14 6.43 1.31 -1.62
N PRO A 15 5.32 1.59 -0.93
CA PRO A 15 5.26 1.58 0.53
C PRO A 15 5.36 0.17 1.10
N PHE A 16 5.73 0.08 2.38
CA PHE A 16 5.86 -1.22 3.04
C PHE A 16 4.73 -1.44 4.03
N ARG A 17 4.33 -0.37 4.72
CA ARG A 17 3.26 -0.45 5.69
C ARG A 17 2.26 0.70 5.51
N CYS A 18 1.08 0.55 6.09
CA CYS A 18 0.04 1.56 5.99
C CYS A 18 0.54 2.90 6.54
N PHE A 19 -0.16 3.98 6.18
CA PHE A 19 0.21 5.31 6.64
C PHE A 19 -0.85 5.86 7.59
N ILE A 20 -2.09 5.45 7.39
CA ILE A 20 -3.19 5.91 8.23
C ILE A 20 -3.04 5.40 9.66
N CYS A 21 -2.57 4.17 9.79
CA CYS A 21 -2.37 3.56 11.11
C CYS A 21 -0.89 3.29 11.36
N ARG A 22 -0.09 3.35 10.30
CA ARG A 22 1.34 3.10 10.41
C ARG A 22 1.61 1.66 10.87
N GLN A 23 0.78 0.73 10.40
CA GLN A 23 0.93 -0.67 10.77
C GLN A 23 1.06 -1.55 9.52
N ALA A 24 1.39 -2.81 9.73
CA ALA A 24 1.55 -3.75 8.63
C ALA A 24 0.33 -3.74 7.71
N PHE A 25 0.56 -3.52 6.42
CA PHE A 25 -0.52 -3.48 5.44
C PHE A 25 -1.46 -4.66 5.62
N GLN A 26 -2.64 -4.40 6.13
CA GLN A 26 -3.64 -5.45 6.35
C GLN A 26 -4.76 -5.36 5.33
N ASN A 27 -4.78 -6.29 4.38
CA ASN A 27 -5.80 -6.32 3.35
C ASN A 27 -5.84 -4.99 2.58
N PRO A 28 -4.66 -4.59 2.07
CA PRO A 28 -4.52 -3.34 1.31
C PRO A 28 -5.20 -3.42 -0.05
N VAL A 29 -5.70 -2.28 -0.52
CA VAL A 29 -6.38 -2.22 -1.82
C VAL A 29 -5.82 -1.08 -2.67
N VAL A 30 -5.67 -1.34 -3.96
CA VAL A 30 -5.15 -0.34 -4.88
C VAL A 30 -6.28 0.52 -5.45
N THR A 31 -6.11 1.85 -5.34
CA THR A 31 -7.12 2.78 -5.84
C THR A 31 -6.70 3.37 -7.18
N LYS A 32 -7.57 4.20 -7.74
CA LYS A 32 -7.29 4.84 -9.03
C LYS A 32 -6.08 5.77 -8.92
N CYS A 33 -5.84 6.28 -7.72
CA CYS A 33 -4.72 7.18 -7.48
C CYS A 33 -3.42 6.40 -7.30
N ARG A 34 -3.47 5.11 -7.59
CA ARG A 34 -2.30 4.25 -7.45
C ARG A 34 -1.79 4.25 -6.01
N HIS A 35 -2.71 4.11 -5.06
CA HIS A 35 -2.36 4.08 -3.65
C HIS A 35 -2.94 2.85 -2.96
N TYR A 36 -2.39 2.52 -1.79
CA TYR A 36 -2.85 1.36 -1.03
C TYR A 36 -3.28 1.76 0.37
N PHE A 37 -4.33 1.11 0.86
CA PHE A 37 -4.84 1.40 2.19
C PHE A 37 -5.52 0.17 2.80
N CYS A 38 -5.34 -0.02 4.10
CA CYS A 38 -5.92 -1.16 4.79
C CYS A 38 -7.42 -1.25 4.51
N GLU A 39 -7.87 -2.44 4.11
CA GLU A 39 -9.28 -2.65 3.81
C GLU A 39 -10.17 -1.92 4.80
N SER A 40 -9.72 -1.86 6.06
CA SER A 40 -10.48 -1.19 7.10
C SER A 40 -10.30 0.33 7.02
N CYS A 41 -9.06 0.77 6.91
CA CYS A 41 -8.75 2.19 6.82
C CYS A 41 -9.49 2.83 5.64
N ALA A 42 -9.45 2.17 4.49
CA ALA A 42 -10.11 2.67 3.29
C ALA A 42 -11.61 2.85 3.53
N LEU A 43 -12.24 1.85 4.12
CA LEU A 43 -13.67 1.90 4.40
C LEU A 43 -13.97 2.95 5.47
N GLU A 44 -13.38 2.77 6.64
CA GLU A 44 -13.59 3.71 7.75
C GLU A 44 -13.36 5.14 7.29
N HIS A 45 -12.23 5.38 6.63
CA HIS A 45 -11.89 6.71 6.14
C HIS A 45 -12.91 7.19 5.12
N PHE A 46 -13.38 6.27 4.28
CA PHE A 46 -14.36 6.60 3.25
C PHE A 46 -15.63 7.17 3.88
N ARG A 47 -16.04 6.59 5.00
CA ARG A 47 -17.24 7.03 5.70
C ARG A 47 -17.16 8.52 6.03
N ALA A 48 -16.16 8.89 6.84
CA ALA A 48 -15.97 10.28 7.24
C ALA A 48 -15.65 11.14 6.03
N THR A 49 -14.67 10.72 5.24
CA THR A 49 -14.25 11.46 4.06
C THR A 49 -14.28 10.57 2.82
N PRO A 50 -15.13 10.94 1.85
CA PRO A 50 -15.27 10.19 0.59
C PRO A 50 -14.04 10.33 -0.31
N ARG A 51 -13.03 11.03 0.19
CA ARG A 51 -11.80 11.24 -0.56
C ARG A 51 -10.66 10.40 0.01
N CYS A 52 -9.52 10.43 -0.65
CA CYS A 52 -8.35 9.67 -0.22
C CYS A 52 -7.78 10.25 1.07
N TYR A 53 -6.87 9.51 1.69
CA TYR A 53 -6.24 9.96 2.94
C TYR A 53 -4.89 10.61 2.67
N ILE A 54 -4.36 10.40 1.46
CA ILE A 54 -3.08 10.96 1.07
C ILE A 54 -3.25 12.03 0.00
N CYS A 55 -3.88 11.64 -1.11
CA CYS A 55 -4.11 12.57 -2.21
C CYS A 55 -5.49 13.20 -2.12
N ASP A 56 -6.26 12.78 -1.11
CA ASP A 56 -7.60 13.31 -0.91
C ASP A 56 -8.34 13.43 -2.23
N GLN A 57 -8.36 12.35 -3.00
CA GLN A 57 -9.04 12.35 -4.30
C GLN A 57 -10.36 11.59 -4.21
N PRO A 58 -11.27 11.90 -5.15
CA PRO A 58 -12.59 11.26 -5.21
C PRO A 58 -12.52 9.80 -5.61
N THR A 59 -12.41 8.91 -4.62
CA THR A 59 -12.32 7.48 -4.88
C THR A 59 -13.63 6.95 -5.43
N GLY A 60 -14.72 7.67 -5.17
CA GLY A 60 -16.02 7.24 -5.64
C GLY A 60 -16.40 5.86 -5.16
N GLY A 61 -16.04 5.56 -3.91
CA GLY A 61 -16.35 4.26 -3.34
C GLY A 61 -15.79 3.12 -4.15
N ILE A 62 -14.54 3.27 -4.60
CA ILE A 62 -13.88 2.25 -5.39
C ILE A 62 -12.63 1.73 -4.70
N PHE A 63 -12.50 0.41 -4.64
CA PHE A 63 -11.35 -0.21 -4.00
C PHE A 63 -11.03 -1.56 -4.63
N ASN A 64 -9.84 -1.68 -5.21
CA ASN A 64 -9.41 -2.92 -5.85
C ASN A 64 -8.35 -3.62 -5.03
N PRO A 65 -8.36 -4.96 -5.06
CA PRO A 65 -7.40 -5.78 -4.32
C PRO A 65 -5.99 -5.69 -4.90
N ALA A 66 -5.06 -5.17 -4.11
CA ALA A 66 -3.68 -5.02 -4.54
C ALA A 66 -2.86 -6.25 -4.17
N LYS A 67 -3.49 -7.42 -4.26
CA LYS A 67 -2.81 -8.68 -3.93
C LYS A 67 -1.49 -8.80 -4.69
N GLU A 68 -1.55 -8.61 -6.00
CA GLU A 68 -0.36 -8.70 -6.83
C GLU A 68 0.79 -7.91 -6.23
N LEU A 69 0.48 -6.74 -5.67
CA LEU A 69 1.48 -5.89 -5.06
C LEU A 69 1.99 -6.51 -3.76
N MET A 70 1.08 -7.08 -2.98
CA MET A 70 1.44 -7.70 -1.71
C MET A 70 2.41 -8.85 -1.92
N ALA A 71 2.25 -9.56 -3.04
CA ALA A 71 3.10 -10.69 -3.37
C ALA A 71 4.58 -10.29 -3.29
N LYS A 72 4.89 -9.11 -3.83
CA LYS A 72 6.26 -8.62 -3.83
C LYS A 72 6.74 -8.34 -2.41
N LEU A 73 6.04 -7.43 -1.72
CA LEU A 73 6.38 -7.07 -0.36
C LEU A 73 6.50 -8.32 0.53
N GLN A 74 5.42 -9.09 0.60
CA GLN A 74 5.41 -10.31 1.40
C GLN A 74 5.34 -11.55 0.51
N LYS A 75 6.01 -12.61 0.93
CA LYS A 75 6.02 -13.85 0.18
C LYS A 75 5.34 -14.97 0.96
N SER A 76 5.26 -16.16 0.36
CA SER A 76 4.64 -17.30 1.00
C SER A 76 5.30 -18.60 0.55
N GLY A 77 5.26 -19.61 1.43
CA GLY A 77 5.85 -20.90 1.10
C GLY A 77 4.81 -21.95 0.80
N PRO A 78 4.85 -22.50 -0.42
CA PRO A 78 3.91 -23.54 -0.87
C PRO A 78 4.15 -24.87 -0.17
N SER A 79 3.58 -25.02 1.03
CA SER A 79 3.73 -26.24 1.81
C SER A 79 2.81 -26.23 3.02
N SER A 80 2.01 -27.29 3.16
CA SER A 80 1.08 -27.40 4.27
C SER A 80 1.77 -28.00 5.49
N GLY A 81 2.28 -29.23 5.32
CA GLY A 81 2.95 -29.90 6.42
C GLY A 81 3.82 -31.05 5.94
N GLY A 1 43.54 -2.27 3.85
CA GLY A 1 42.16 -2.11 4.27
C GLY A 1 41.30 -1.46 3.21
N SER A 2 40.23 -2.13 2.81
CA SER A 2 39.33 -1.59 1.80
C SER A 2 37.93 -2.18 1.95
N SER A 3 36.92 -1.34 1.74
CA SER A 3 35.53 -1.78 1.86
C SER A 3 34.64 -1.03 0.87
N GLY A 4 33.58 -1.69 0.41
CA GLY A 4 32.67 -1.07 -0.54
C GLY A 4 31.41 -0.56 0.14
N SER A 5 30.93 0.59 -0.33
CA SER A 5 29.73 1.19 0.24
C SER A 5 28.53 0.94 -0.67
N SER A 6 28.42 -0.28 -1.18
CA SER A 6 27.32 -0.64 -2.06
C SER A 6 26.68 -1.95 -1.61
N GLY A 7 25.53 -2.28 -2.20
CA GLY A 7 24.84 -3.50 -1.85
C GLY A 7 23.52 -3.66 -2.58
N GLY A 8 23.59 -3.77 -3.91
CA GLY A 8 22.39 -3.91 -4.70
C GLY A 8 21.73 -2.58 -5.02
N SER A 9 21.27 -2.43 -6.26
CA SER A 9 20.63 -1.20 -6.69
C SER A 9 19.21 -1.47 -7.20
N GLU A 10 18.26 -1.54 -6.27
CA GLU A 10 16.86 -1.79 -6.62
C GLU A 10 15.94 -0.72 -6.03
N GLU A 11 15.59 0.26 -6.85
CA GLU A 11 14.72 1.34 -6.40
C GLU A 11 13.27 0.87 -6.32
N GLU A 12 12.48 1.55 -5.48
CA GLU A 12 11.08 1.19 -5.31
C GLU A 12 10.36 2.22 -4.43
N GLU A 13 9.50 3.01 -5.06
CA GLU A 13 8.75 4.05 -4.33
C GLU A 13 7.47 3.46 -3.73
N ILE A 14 7.49 2.16 -3.47
CA ILE A 14 6.33 1.49 -2.90
C ILE A 14 6.43 1.44 -1.38
N PRO A 15 5.29 1.72 -0.71
CA PRO A 15 5.22 1.70 0.75
C PRO A 15 5.33 0.30 1.34
N PHE A 16 5.71 0.21 2.60
CA PHE A 16 5.86 -1.07 3.27
C PHE A 16 4.73 -1.29 4.27
N ARG A 17 4.29 -0.22 4.92
CA ARG A 17 3.22 -0.30 5.89
C ARG A 17 2.20 0.82 5.67
N CYS A 18 1.03 0.68 6.30
CA CYS A 18 -0.02 1.67 6.17
C CYS A 18 0.43 3.03 6.70
N PHE A 19 -0.27 4.08 6.32
CA PHE A 19 0.05 5.44 6.76
C PHE A 19 -1.02 5.99 7.67
N ILE A 20 -2.26 5.56 7.46
CA ILE A 20 -3.38 6.02 8.26
C ILE A 20 -3.27 5.52 9.70
N CYS A 21 -2.68 4.33 9.87
CA CYS A 21 -2.51 3.75 11.18
C CYS A 21 -1.02 3.49 11.47
N ARG A 22 -0.21 3.53 10.43
CA ARG A 22 1.22 3.30 10.56
C ARG A 22 1.50 1.88 11.04
N GLN A 23 0.70 0.93 10.57
CA GLN A 23 0.86 -0.46 10.94
C GLN A 23 1.04 -1.34 9.71
N ALA A 24 1.33 -2.62 9.93
CA ALA A 24 1.53 -3.57 8.85
C ALA A 24 0.32 -3.59 7.92
N PHE A 25 0.56 -3.33 6.63
CA PHE A 25 -0.51 -3.31 5.63
C PHE A 25 -1.42 -4.53 5.80
N GLN A 26 -2.65 -4.29 6.24
CA GLN A 26 -3.61 -5.37 6.44
C GLN A 26 -4.70 -5.33 5.37
N ASN A 27 -4.63 -6.28 4.43
CA ASN A 27 -5.60 -6.35 3.34
C ASN A 27 -5.68 -5.03 2.60
N PRO A 28 -4.52 -4.54 2.13
CA PRO A 28 -4.44 -3.28 1.39
C PRO A 28 -5.06 -3.39 -0.01
N VAL A 29 -5.71 -2.30 -0.43
CA VAL A 29 -6.35 -2.28 -1.74
C VAL A 29 -5.80 -1.13 -2.59
N VAL A 30 -5.63 -1.40 -3.89
CA VAL A 30 -5.12 -0.40 -4.81
C VAL A 30 -6.24 0.45 -5.40
N THR A 31 -6.07 1.76 -5.36
CA THR A 31 -7.08 2.68 -5.89
C THR A 31 -6.62 3.30 -7.20
N LYS A 32 -7.48 4.12 -7.79
CA LYS A 32 -7.17 4.78 -9.05
C LYS A 32 -5.97 5.70 -8.90
N CYS A 33 -5.77 6.22 -7.69
CA CYS A 33 -4.66 7.13 -7.41
C CYS A 33 -3.37 6.33 -7.21
N ARG A 34 -3.42 5.05 -7.52
CA ARG A 34 -2.25 4.18 -7.36
C ARG A 34 -1.75 4.18 -5.92
N HIS A 35 -2.68 4.10 -4.98
CA HIS A 35 -2.34 4.09 -3.56
C HIS A 35 -2.92 2.85 -2.87
N TYR A 36 -2.40 2.54 -1.70
CA TYR A 36 -2.86 1.38 -0.94
C TYR A 36 -3.32 1.79 0.46
N PHE A 37 -4.33 1.09 0.97
CA PHE A 37 -4.87 1.37 2.29
C PHE A 37 -5.53 0.13 2.90
N CYS A 38 -5.36 -0.04 4.20
CA CYS A 38 -5.95 -1.18 4.89
C CYS A 38 -7.44 -1.30 4.60
N GLU A 39 -7.87 -2.50 4.23
CA GLU A 39 -9.26 -2.75 3.91
C GLU A 39 -10.18 -2.03 4.90
N SER A 40 -9.73 -1.92 6.15
CA SER A 40 -10.50 -1.25 7.18
C SER A 40 -10.35 0.26 7.10
N CYS A 41 -9.11 0.73 6.93
CA CYS A 41 -8.83 2.15 6.84
C CYS A 41 -9.57 2.77 5.65
N ALA A 42 -9.45 2.12 4.49
CA ALA A 42 -10.11 2.60 3.28
C ALA A 42 -11.61 2.76 3.49
N LEU A 43 -12.23 1.73 4.06
CA LEU A 43 -13.67 1.75 4.32
C LEU A 43 -14.02 2.79 5.38
N GLU A 44 -13.44 2.64 6.57
CA GLU A 44 -13.70 3.56 7.67
C GLU A 44 -13.51 5.01 7.21
N HIS A 45 -12.35 5.28 6.60
CA HIS A 45 -12.05 6.63 6.12
C HIS A 45 -13.07 7.07 5.07
N PHE A 46 -13.42 6.15 4.17
CA PHE A 46 -14.38 6.45 3.11
C PHE A 46 -15.68 7.00 3.70
N ARG A 47 -16.13 6.40 4.80
CA ARG A 47 -17.36 6.82 5.45
C ARG A 47 -17.32 8.31 5.78
N ALA A 48 -16.31 8.72 6.55
CA ALA A 48 -16.16 10.11 6.93
C ALA A 48 -15.82 10.98 5.72
N THR A 49 -14.72 10.64 5.05
CA THR A 49 -14.28 11.39 3.88
C THR A 49 -14.33 10.53 2.62
N PRO A 50 -15.17 10.93 1.66
CA PRO A 50 -15.33 10.19 0.39
C PRO A 50 -14.10 10.31 -0.49
N ARG A 51 -13.06 10.98 0.02
CA ARG A 51 -11.83 11.16 -0.74
C ARG A 51 -10.68 10.39 -0.10
N CYS A 52 -9.53 10.38 -0.77
CA CYS A 52 -8.36 9.67 -0.25
C CYS A 52 -7.83 10.34 1.01
N TYR A 53 -6.88 9.68 1.67
CA TYR A 53 -6.29 10.20 2.89
C TYR A 53 -4.92 10.82 2.61
N ILE A 54 -4.31 10.40 1.51
CA ILE A 54 -3.00 10.90 1.12
C ILE A 54 -3.11 11.97 0.04
N CYS A 55 -3.75 11.61 -1.07
CA CYS A 55 -3.93 12.54 -2.19
C CYS A 55 -5.25 13.27 -2.07
N ASP A 56 -6.10 12.81 -1.16
CA ASP A 56 -7.40 13.43 -0.94
C ASP A 56 -8.15 13.60 -2.26
N GLN A 57 -8.21 12.54 -3.05
CA GLN A 57 -8.89 12.58 -4.34
C GLN A 57 -10.25 11.89 -4.25
N PRO A 58 -11.15 12.26 -5.17
CA PRO A 58 -12.50 11.69 -5.21
C PRO A 58 -12.51 10.24 -5.66
N THR A 59 -12.38 9.32 -4.70
CA THR A 59 -12.36 7.90 -4.99
C THR A 59 -13.72 7.42 -5.49
N GLY A 60 -14.78 7.93 -4.87
CA GLY A 60 -16.14 7.55 -5.25
C GLY A 60 -16.49 6.14 -4.82
N GLY A 61 -15.97 5.74 -3.66
CA GLY A 61 -16.24 4.41 -3.16
C GLY A 61 -15.65 3.32 -4.03
N ILE A 62 -14.45 3.56 -4.53
CA ILE A 62 -13.78 2.60 -5.40
C ILE A 62 -12.55 2.01 -4.71
N PHE A 63 -12.40 0.69 -4.81
CA PHE A 63 -11.26 0.00 -4.20
C PHE A 63 -11.01 -1.34 -4.89
N ASN A 64 -9.77 -1.53 -5.34
CA ASN A 64 -9.39 -2.76 -6.01
C ASN A 64 -8.43 -3.59 -5.16
N PRO A 65 -8.54 -4.92 -5.25
CA PRO A 65 -7.70 -5.84 -4.49
C PRO A 65 -6.25 -5.83 -4.98
N ALA A 66 -5.34 -5.36 -4.13
CA ALA A 66 -3.93 -5.30 -4.47
C ALA A 66 -3.20 -6.53 -3.95
N LYS A 67 -3.83 -7.69 -4.06
CA LYS A 67 -3.23 -8.95 -3.61
C LYS A 67 -1.82 -9.11 -4.17
N GLU A 68 -1.64 -8.72 -5.44
CA GLU A 68 -0.35 -8.83 -6.09
C GLU A 68 0.72 -8.05 -5.32
N LEU A 69 0.47 -6.75 -5.15
CA LEU A 69 1.40 -5.89 -4.43
C LEU A 69 1.95 -6.58 -3.19
N MET A 70 1.07 -7.21 -2.43
CA MET A 70 1.46 -7.93 -1.22
C MET A 70 2.43 -9.06 -1.54
N ALA A 71 2.15 -9.78 -2.63
CA ALA A 71 2.99 -10.89 -3.05
C ALA A 71 4.39 -10.40 -3.41
N LYS A 72 4.46 -9.48 -4.36
CA LYS A 72 5.73 -8.93 -4.81
C LYS A 72 6.64 -8.61 -3.62
N LEU A 73 6.05 -8.09 -2.56
CA LEU A 73 6.79 -7.75 -1.36
C LEU A 73 7.60 -8.94 -0.85
N GLN A 74 6.91 -10.05 -0.60
CA GLN A 74 7.57 -11.26 -0.11
C GLN A 74 6.89 -12.50 -0.68
N LYS A 75 7.55 -13.14 -1.64
CA LYS A 75 7.02 -14.35 -2.26
C LYS A 75 6.66 -15.39 -1.21
N SER A 76 7.34 -15.33 -0.08
CA SER A 76 7.09 -16.27 1.01
C SER A 76 6.49 -15.57 2.23
N GLY A 77 5.18 -15.70 2.39
CA GLY A 77 4.50 -15.06 3.50
C GLY A 77 4.31 -16.01 4.67
N PRO A 78 3.69 -15.50 5.75
CA PRO A 78 3.44 -16.29 6.96
C PRO A 78 2.39 -17.36 6.74
N SER A 79 2.79 -18.62 6.91
CA SER A 79 1.87 -19.74 6.72
C SER A 79 0.47 -19.40 7.24
N SER A 80 -0.55 -19.93 6.57
CA SER A 80 -1.93 -19.67 6.96
C SER A 80 -2.25 -20.38 8.28
N GLY A 81 -2.56 -19.59 9.30
CA GLY A 81 -2.90 -20.16 10.59
C GLY A 81 -2.17 -19.46 11.73
N GLY A 1 42.95 13.33 -0.10
CA GLY A 1 42.53 12.22 -0.95
C GLY A 1 41.03 12.00 -0.91
N SER A 2 40.33 12.55 -1.89
CA SER A 2 38.88 12.42 -1.96
C SER A 2 38.49 11.07 -2.55
N SER A 3 37.43 10.48 -2.02
CA SER A 3 36.95 9.19 -2.49
C SER A 3 35.49 9.27 -2.90
N GLY A 4 35.18 8.70 -4.06
CA GLY A 4 33.82 8.71 -4.55
C GLY A 4 32.83 8.12 -3.57
N SER A 5 31.60 7.90 -4.02
CA SER A 5 30.56 7.35 -3.16
C SER A 5 29.41 6.77 -4.00
N SER A 6 28.75 5.76 -3.47
CA SER A 6 27.64 5.12 -4.16
C SER A 6 26.33 5.34 -3.41
N GLY A 7 25.63 6.42 -3.78
CA GLY A 7 24.37 6.73 -3.14
C GLY A 7 23.36 5.60 -3.26
N GLY A 8 22.53 5.66 -4.31
CA GLY A 8 21.53 4.64 -4.52
C GLY A 8 20.77 4.83 -5.82
N SER A 9 20.03 3.81 -6.22
CA SER A 9 19.25 3.86 -7.46
C SER A 9 18.28 2.70 -7.55
N GLU A 10 17.38 2.75 -8.52
CA GLU A 10 16.38 1.70 -8.71
C GLU A 10 15.71 1.35 -7.39
N GLU A 11 15.40 2.37 -6.60
CA GLU A 11 14.75 2.17 -5.32
C GLU A 11 13.29 1.73 -5.50
N GLU A 12 12.67 1.29 -4.41
CA GLU A 12 11.29 0.83 -4.46
C GLU A 12 10.37 1.82 -3.74
N GLU A 13 9.88 2.81 -4.48
CA GLU A 13 8.99 3.81 -3.91
C GLU A 13 7.84 3.16 -3.15
N ILE A 14 7.29 2.10 -3.72
CA ILE A 14 6.18 1.38 -3.10
C ILE A 14 6.33 1.37 -1.58
N PRO A 15 5.22 1.67 -0.87
CA PRO A 15 5.20 1.69 0.58
C PRO A 15 5.32 0.30 1.20
N PHE A 16 5.77 0.23 2.44
CA PHE A 16 5.94 -1.04 3.14
C PHE A 16 4.81 -1.26 4.14
N ARG A 17 4.41 -0.19 4.81
CA ARG A 17 3.35 -0.26 5.81
C ARG A 17 2.33 0.86 5.60
N CYS A 18 1.18 0.73 6.24
CA CYS A 18 0.12 1.72 6.13
C CYS A 18 0.57 3.06 6.70
N PHE A 19 -0.13 4.12 6.31
CA PHE A 19 0.20 5.47 6.79
C PHE A 19 -0.89 6.01 7.71
N ILE A 20 -2.12 5.57 7.48
CA ILE A 20 -3.25 6.00 8.29
C ILE A 20 -3.13 5.49 9.73
N CYS A 21 -2.51 4.33 9.88
CA CYS A 21 -2.31 3.73 11.20
C CYS A 21 -0.84 3.50 11.47
N ARG A 22 -0.02 3.51 10.43
CA ARG A 22 1.41 3.30 10.56
C ARG A 22 1.70 1.87 11.01
N GLN A 23 0.88 0.93 10.55
CA GLN A 23 1.06 -0.47 10.91
C GLN A 23 1.22 -1.33 9.66
N ALA A 24 1.53 -2.62 9.88
CA ALA A 24 1.70 -3.55 8.77
C ALA A 24 0.49 -3.55 7.86
N PHE A 25 0.70 -3.29 6.57
CA PHE A 25 -0.38 -3.26 5.60
C PHE A 25 -1.30 -4.46 5.79
N GLN A 26 -2.53 -4.20 6.20
CA GLN A 26 -3.51 -5.26 6.42
C GLN A 26 -4.59 -5.24 5.34
N ASN A 27 -4.53 -6.20 4.44
CA ASN A 27 -5.51 -6.29 3.34
C ASN A 27 -5.60 -4.97 2.59
N PRO A 28 -4.43 -4.48 2.12
CA PRO A 28 -4.36 -3.22 1.36
C PRO A 28 -4.99 -3.33 -0.02
N VAL A 29 -5.59 -2.23 -0.47
CA VAL A 29 -6.23 -2.20 -1.79
C VAL A 29 -5.72 -1.04 -2.62
N VAL A 30 -5.56 -1.27 -3.92
CA VAL A 30 -5.08 -0.23 -4.83
C VAL A 30 -6.24 0.61 -5.37
N THR A 31 -6.10 1.92 -5.27
CA THR A 31 -7.13 2.84 -5.74
C THR A 31 -6.75 3.46 -7.08
N LYS A 32 -7.64 4.29 -7.62
CA LYS A 32 -7.39 4.95 -8.89
C LYS A 32 -6.21 5.90 -8.79
N CYS A 33 -5.95 6.40 -7.59
CA CYS A 33 -4.85 7.33 -7.37
C CYS A 33 -3.54 6.57 -7.19
N ARG A 34 -3.56 5.28 -7.51
CA ARG A 34 -2.37 4.45 -7.38
C ARG A 34 -1.86 4.44 -5.95
N HIS A 35 -2.76 4.25 -5.00
CA HIS A 35 -2.39 4.23 -3.58
C HIS A 35 -2.96 2.99 -2.90
N TYR A 36 -2.40 2.65 -1.74
CA TYR A 36 -2.85 1.49 -0.99
C TYR A 36 -3.29 1.89 0.42
N PHE A 37 -4.30 1.19 0.92
CA PHE A 37 -4.83 1.47 2.26
C PHE A 37 -5.47 0.22 2.86
N CYS A 38 -5.25 0.02 4.16
CA CYS A 38 -5.82 -1.14 4.85
C CYS A 38 -7.32 -1.26 4.59
N GLU A 39 -7.74 -2.45 4.17
CA GLU A 39 -9.15 -2.70 3.87
C GLU A 39 -10.05 -1.99 4.88
N SER A 40 -9.55 -1.83 6.10
CA SER A 40 -10.31 -1.18 7.16
C SER A 40 -10.15 0.34 7.09
N CYS A 41 -8.91 0.79 6.99
CA CYS A 41 -8.61 2.22 6.91
C CYS A 41 -9.32 2.85 5.72
N ALA A 42 -9.42 2.09 4.62
CA ALA A 42 -10.06 2.58 3.41
C ALA A 42 -11.56 2.78 3.64
N LEU A 43 -12.24 1.72 4.08
CA LEU A 43 -13.68 1.78 4.33
C LEU A 43 -13.99 2.77 5.43
N GLU A 44 -13.26 2.68 6.54
CA GLU A 44 -13.47 3.58 7.67
C GLU A 44 -13.38 5.04 7.23
N HIS A 45 -12.37 5.35 6.44
CA HIS A 45 -12.17 6.72 5.94
C HIS A 45 -13.27 7.09 4.95
N PHE A 46 -13.57 6.18 4.04
CA PHE A 46 -14.60 6.42 3.03
C PHE A 46 -15.90 6.89 3.68
N ARG A 47 -16.27 6.26 4.79
CA ARG A 47 -17.49 6.62 5.51
C ARG A 47 -17.51 8.11 5.82
N ALA A 48 -16.51 8.57 6.56
CA ALA A 48 -16.42 9.98 6.93
C ALA A 48 -16.08 10.84 5.72
N THR A 49 -14.93 10.58 5.11
CA THR A 49 -14.49 11.32 3.94
C THR A 49 -14.44 10.45 2.70
N PRO A 50 -15.29 10.79 1.71
CA PRO A 50 -15.37 10.03 0.45
C PRO A 50 -14.13 10.22 -0.41
N ARG A 51 -13.14 10.93 0.11
CA ARG A 51 -11.90 11.18 -0.60
C ARG A 51 -10.75 10.38 0.00
N CYS A 52 -9.58 10.45 -0.64
CA CYS A 52 -8.42 9.73 -0.16
C CYS A 52 -7.89 10.35 1.13
N TYR A 53 -6.93 9.67 1.75
CA TYR A 53 -6.34 10.14 3.00
C TYR A 53 -5.00 10.82 2.74
N ILE A 54 -4.37 10.48 1.62
CA ILE A 54 -3.08 11.05 1.26
C ILE A 54 -3.24 12.15 0.21
N CYS A 55 -3.83 11.78 -0.92
CA CYS A 55 -4.04 12.73 -2.02
C CYS A 55 -5.43 13.36 -1.92
N ASP A 56 -6.24 12.86 -0.99
CA ASP A 56 -7.59 13.37 -0.79
C ASP A 56 -8.30 13.54 -2.13
N GLN A 57 -8.25 12.51 -2.97
CA GLN A 57 -8.88 12.55 -4.28
C GLN A 57 -10.25 11.86 -4.24
N PRO A 58 -11.12 12.24 -5.18
CA PRO A 58 -12.47 11.67 -5.28
C PRO A 58 -12.46 10.22 -5.73
N THR A 59 -12.25 9.31 -4.79
CA THR A 59 -12.22 7.88 -5.10
C THR A 59 -13.55 7.42 -5.66
N GLY A 60 -14.64 7.89 -5.08
CA GLY A 60 -15.97 7.50 -5.54
C GLY A 60 -16.35 6.10 -5.09
N GLY A 61 -15.83 5.69 -3.94
CA GLY A 61 -16.13 4.36 -3.43
C GLY A 61 -15.59 3.26 -4.32
N ILE A 62 -14.40 3.47 -4.87
CA ILE A 62 -13.77 2.49 -5.74
C ILE A 62 -12.49 1.94 -5.12
N PHE A 63 -12.43 0.62 -4.98
CA PHE A 63 -11.26 -0.03 -4.40
C PHE A 63 -11.00 -1.39 -5.07
N ASN A 64 -9.78 -1.58 -5.54
CA ASN A 64 -9.40 -2.82 -6.20
C ASN A 64 -8.47 -3.65 -5.31
N PRO A 65 -8.60 -4.98 -5.42
CA PRO A 65 -7.78 -5.91 -4.63
C PRO A 65 -6.32 -5.91 -5.06
N ALA A 66 -5.44 -5.44 -4.18
CA ALA A 66 -4.01 -5.40 -4.48
C ALA A 66 -3.30 -6.63 -3.95
N LYS A 67 -3.93 -7.78 -4.09
CA LYS A 67 -3.36 -9.04 -3.62
C LYS A 67 -1.95 -9.23 -4.17
N GLU A 68 -1.75 -8.85 -5.44
CA GLU A 68 -0.45 -8.97 -6.07
C GLU A 68 0.60 -8.15 -5.33
N LEU A 69 0.35 -6.86 -5.22
CA LEU A 69 1.28 -5.95 -4.54
C LEU A 69 1.89 -6.62 -3.31
N MET A 70 1.03 -7.27 -2.52
CA MET A 70 1.48 -7.95 -1.32
C MET A 70 2.36 -9.15 -1.66
N ALA A 71 1.92 -9.94 -2.63
CA ALA A 71 2.68 -11.12 -3.06
C ALA A 71 4.12 -10.75 -3.38
N LYS A 72 4.30 -9.68 -4.15
CA LYS A 72 5.63 -9.24 -4.54
C LYS A 72 6.50 -9.00 -3.31
N LEU A 73 6.00 -8.20 -2.38
CA LEU A 73 6.73 -7.90 -1.15
C LEU A 73 7.23 -9.18 -0.48
N GLN A 74 6.30 -10.08 -0.21
CA GLN A 74 6.64 -11.35 0.44
C GLN A 74 7.83 -12.01 -0.26
N LYS A 75 8.63 -12.75 0.52
CA LYS A 75 9.80 -13.42 -0.02
C LYS A 75 9.44 -14.83 -0.50
N SER A 76 8.73 -15.57 0.34
CA SER A 76 8.32 -16.93 0.01
C SER A 76 6.96 -17.25 0.60
N GLY A 77 6.33 -18.30 0.08
CA GLY A 77 5.02 -18.70 0.58
C GLY A 77 5.08 -19.95 1.44
N PRO A 78 3.91 -20.53 1.73
CA PRO A 78 3.80 -21.74 2.55
C PRO A 78 4.34 -22.97 1.84
N SER A 79 4.67 -22.81 0.56
CA SER A 79 5.20 -23.91 -0.24
C SER A 79 6.70 -24.06 -0.04
N SER A 80 7.19 -25.30 -0.08
CA SER A 80 8.60 -25.57 0.10
C SER A 80 9.40 -25.15 -1.13
N GLY A 81 10.48 -24.41 -0.90
CA GLY A 81 11.32 -23.96 -1.99
C GLY A 81 12.63 -23.35 -1.51
N GLY A 1 41.40 -1.04 -14.75
CA GLY A 1 41.46 0.23 -14.05
C GLY A 1 40.35 0.40 -13.03
N SER A 2 39.20 0.87 -13.50
CA SER A 2 38.05 1.08 -12.63
C SER A 2 37.55 -0.24 -12.06
N SER A 3 38.04 -0.60 -10.87
CA SER A 3 37.66 -1.83 -10.22
C SER A 3 37.23 -1.58 -8.78
N GLY A 4 35.94 -1.32 -8.58
CA GLY A 4 35.42 -1.05 -7.25
C GLY A 4 34.05 -0.43 -7.28
N SER A 5 33.06 -1.22 -7.69
CA SER A 5 31.67 -0.74 -7.76
C SER A 5 30.69 -1.87 -7.50
N SER A 6 29.49 -1.52 -7.07
CA SER A 6 28.45 -2.50 -6.79
C SER A 6 27.13 -2.10 -7.44
N GLY A 7 26.74 -2.83 -8.48
CA GLY A 7 25.49 -2.54 -9.16
C GLY A 7 24.30 -2.57 -8.23
N GLY A 8 23.10 -2.38 -8.79
CA GLY A 8 21.90 -2.41 -7.99
C GLY A 8 21.26 -1.03 -7.87
N SER A 9 20.96 -0.63 -6.64
CA SER A 9 20.35 0.67 -6.39
C SER A 9 18.92 0.70 -6.94
N GLU A 10 18.15 -0.34 -6.62
CA GLU A 10 16.77 -0.43 -7.08
C GLU A 10 15.89 0.60 -6.36
N GLU A 11 15.13 1.36 -7.14
CA GLU A 11 14.25 2.38 -6.60
C GLU A 11 12.85 1.81 -6.33
N GLU A 12 12.55 1.58 -5.06
CA GLU A 12 11.25 1.03 -4.68
C GLU A 12 10.45 2.04 -3.86
N GLU A 13 9.72 2.91 -4.56
CA GLU A 13 8.92 3.93 -3.90
C GLU A 13 7.74 3.30 -3.14
N ILE A 14 7.19 2.23 -3.70
CA ILE A 14 6.08 1.53 -3.08
C ILE A 14 6.25 1.44 -1.57
N PRO A 15 5.19 1.78 -0.83
CA PRO A 15 5.20 1.74 0.64
C PRO A 15 5.25 0.31 1.18
N PHE A 16 5.73 0.17 2.42
CA PHE A 16 5.83 -1.13 3.05
C PHE A 16 4.72 -1.32 4.08
N ARG A 17 4.39 -0.26 4.80
CA ARG A 17 3.35 -0.32 5.82
C ARG A 17 2.32 0.79 5.60
N CYS A 18 1.19 0.69 6.30
CA CYS A 18 0.13 1.68 6.18
C CYS A 18 0.57 3.03 6.74
N PHE A 19 -0.14 4.08 6.36
CA PHE A 19 0.18 5.43 6.82
C PHE A 19 -0.92 5.96 7.74
N ILE A 20 -2.16 5.55 7.47
CA ILE A 20 -3.30 5.99 8.27
C ILE A 20 -3.18 5.48 9.71
N CYS A 21 -2.54 4.34 9.89
CA CYS A 21 -2.36 3.75 11.21
C CYS A 21 -0.88 3.52 11.50
N ARG A 22 -0.05 3.58 10.46
CA ARG A 22 1.38 3.37 10.60
C ARG A 22 1.68 1.94 11.05
N GLN A 23 0.86 1.00 10.60
CA GLN A 23 1.04 -0.40 10.96
C GLN A 23 1.23 -1.26 9.71
N ALA A 24 1.48 -2.55 9.92
CA ALA A 24 1.68 -3.48 8.82
C ALA A 24 0.46 -3.52 7.90
N PHE A 25 0.67 -3.27 6.62
CA PHE A 25 -0.41 -3.28 5.65
C PHE A 25 -1.27 -4.52 5.80
N GLN A 26 -2.52 -4.32 6.23
CA GLN A 26 -3.45 -5.42 6.43
C GLN A 26 -4.58 -5.38 5.41
N ASN A 27 -4.54 -6.28 4.43
CA ASN A 27 -5.56 -6.34 3.40
C ASN A 27 -5.64 -5.01 2.65
N PRO A 28 -4.49 -4.53 2.17
CA PRO A 28 -4.40 -3.27 1.43
C PRO A 28 -5.03 -3.38 0.04
N VAL A 29 -5.63 -2.27 -0.41
CA VAL A 29 -6.27 -2.24 -1.73
C VAL A 29 -5.74 -1.09 -2.56
N VAL A 30 -5.57 -1.33 -3.86
CA VAL A 30 -5.07 -0.32 -4.77
C VAL A 30 -6.21 0.51 -5.35
N THR A 31 -6.05 1.83 -5.30
CA THR A 31 -7.07 2.74 -5.82
C THR A 31 -6.64 3.36 -7.13
N LYS A 32 -7.51 4.17 -7.72
CA LYS A 32 -7.22 4.83 -8.99
C LYS A 32 -6.03 5.77 -8.86
N CYS A 33 -5.82 6.30 -7.65
CA CYS A 33 -4.72 7.21 -7.39
C CYS A 33 -3.42 6.44 -7.22
N ARG A 34 -3.46 5.13 -7.46
CA ARG A 34 -2.28 4.30 -7.33
C ARG A 34 -1.77 4.30 -5.89
N HIS A 35 -2.68 4.13 -4.95
CA HIS A 35 -2.31 4.11 -3.53
C HIS A 35 -2.88 2.88 -2.83
N TYR A 36 -2.32 2.55 -1.68
CA TYR A 36 -2.78 1.39 -0.92
C TYR A 36 -3.25 1.81 0.49
N PHE A 37 -4.26 1.11 0.98
CA PHE A 37 -4.81 1.41 2.30
C PHE A 37 -5.46 0.18 2.91
N CYS A 38 -5.26 -0.02 4.21
CA CYS A 38 -5.84 -1.16 4.91
C CYS A 38 -7.34 -1.27 4.63
N GLU A 39 -7.77 -2.46 4.24
CA GLU A 39 -9.17 -2.71 3.94
C GLU A 39 -10.07 -1.99 4.94
N SER A 40 -9.57 -1.82 6.16
CA SER A 40 -10.32 -1.15 7.21
C SER A 40 -10.14 0.37 7.14
N CYS A 41 -8.90 0.79 6.99
CA CYS A 41 -8.58 2.22 6.90
C CYS A 41 -9.25 2.85 5.69
N ALA A 42 -9.43 2.05 4.64
CA ALA A 42 -10.06 2.53 3.42
C ALA A 42 -11.56 2.73 3.62
N LEU A 43 -12.23 1.69 4.08
CA LEU A 43 -13.67 1.74 4.31
C LEU A 43 -14.01 2.73 5.43
N GLU A 44 -13.23 2.68 6.51
CA GLU A 44 -13.46 3.56 7.64
C GLU A 44 -13.39 5.02 7.21
N HIS A 45 -12.35 5.37 6.47
CA HIS A 45 -12.17 6.74 5.99
C HIS A 45 -13.25 7.10 4.97
N PHE A 46 -13.59 6.15 4.11
CA PHE A 46 -14.60 6.36 3.09
C PHE A 46 -15.90 6.86 3.71
N ARG A 47 -16.28 6.26 4.83
CA ARG A 47 -17.51 6.64 5.53
C ARG A 47 -17.54 8.14 5.79
N ALA A 48 -16.52 8.65 6.47
CA ALA A 48 -16.43 10.07 6.78
C ALA A 48 -16.10 10.88 5.54
N THR A 49 -14.96 10.59 4.93
CA THR A 49 -14.52 11.30 3.73
C THR A 49 -14.44 10.35 2.54
N PRO A 50 -15.26 10.61 1.52
CA PRO A 50 -15.29 9.80 0.30
C PRO A 50 -14.03 9.97 -0.55
N ARG A 51 -13.10 10.77 -0.04
CA ARG A 51 -11.85 11.03 -0.76
C ARG A 51 -10.70 10.25 -0.13
N CYS A 52 -9.51 10.38 -0.71
CA CYS A 52 -8.33 9.70 -0.21
C CYS A 52 -7.81 10.36 1.05
N TYR A 53 -6.89 9.69 1.73
CA TYR A 53 -6.32 10.21 2.96
C TYR A 53 -4.94 10.83 2.71
N ILE A 54 -4.38 10.53 1.55
CA ILE A 54 -3.07 11.06 1.17
C ILE A 54 -3.19 12.12 0.08
N CYS A 55 -3.79 11.73 -1.05
CA CYS A 55 -3.97 12.65 -2.16
C CYS A 55 -5.36 13.29 -2.13
N ASP A 56 -6.19 12.83 -1.18
CA ASP A 56 -7.54 13.36 -1.04
C ASP A 56 -8.24 13.46 -2.39
N GLN A 57 -8.20 12.37 -3.15
CA GLN A 57 -8.83 12.34 -4.46
C GLN A 57 -10.20 11.68 -4.40
N PRO A 58 -11.05 11.98 -5.39
CA PRO A 58 -12.41 11.43 -5.47
C PRO A 58 -12.40 9.94 -5.79
N THR A 59 -12.34 9.11 -4.75
CA THR A 59 -12.33 7.67 -4.93
C THR A 59 -13.71 7.15 -5.35
N GLY A 60 -14.75 7.85 -4.90
CA GLY A 60 -16.10 7.46 -5.24
C GLY A 60 -16.43 6.05 -4.78
N GLY A 61 -15.95 5.69 -3.60
CA GLY A 61 -16.19 4.36 -3.06
C GLY A 61 -15.58 3.27 -3.92
N ILE A 62 -14.41 3.53 -4.47
CA ILE A 62 -13.72 2.57 -5.32
C ILE A 62 -12.48 2.02 -4.62
N PHE A 63 -12.31 0.70 -4.67
CA PHE A 63 -11.16 0.06 -4.05
C PHE A 63 -10.88 -1.30 -4.69
N ASN A 64 -9.75 -1.41 -5.37
CA ASN A 64 -9.37 -2.65 -6.03
C ASN A 64 -8.40 -3.45 -5.18
N PRO A 65 -8.51 -4.78 -5.25
CA PRO A 65 -7.64 -5.69 -4.49
C PRO A 65 -6.21 -5.68 -4.99
N ALA A 66 -5.29 -5.17 -4.17
CA ALA A 66 -3.89 -5.10 -4.54
C ALA A 66 -3.15 -6.37 -4.11
N LYS A 67 -3.77 -7.52 -4.36
CA LYS A 67 -3.17 -8.81 -4.00
C LYS A 67 -1.79 -8.95 -4.62
N GLU A 68 -1.62 -8.42 -5.83
CA GLU A 68 -0.35 -8.50 -6.53
C GLU A 68 0.73 -7.70 -5.78
N LEU A 69 0.38 -6.51 -5.32
CA LEU A 69 1.30 -5.66 -4.59
C LEU A 69 1.90 -6.40 -3.39
N MET A 70 1.04 -7.04 -2.61
CA MET A 70 1.48 -7.79 -1.45
C MET A 70 2.40 -8.93 -1.85
N ALA A 71 2.07 -9.61 -2.94
CA ALA A 71 2.87 -10.72 -3.44
C ALA A 71 4.35 -10.34 -3.49
N LYS A 72 4.67 -9.35 -4.31
CA LYS A 72 6.05 -8.89 -4.46
C LYS A 72 6.75 -8.84 -3.11
N LEU A 73 6.08 -8.25 -2.12
CA LEU A 73 6.64 -8.13 -0.78
C LEU A 73 6.82 -9.51 -0.15
N GLN A 74 5.75 -10.29 -0.13
CA GLN A 74 5.79 -11.64 0.44
C GLN A 74 5.23 -12.67 -0.54
N LYS A 75 5.94 -13.78 -0.67
CA LYS A 75 5.51 -14.85 -1.58
C LYS A 75 4.36 -15.65 -0.98
N SER A 76 3.18 -15.04 -0.95
CA SER A 76 2.00 -15.69 -0.39
C SER A 76 1.31 -16.56 -1.45
N GLY A 77 0.72 -17.67 -1.01
CA GLY A 77 0.04 -18.56 -1.93
C GLY A 77 -1.22 -19.15 -1.32
N PRO A 78 -1.76 -20.18 -1.99
CA PRO A 78 -2.99 -20.85 -1.54
C PRO A 78 -2.76 -21.66 -0.26
N SER A 79 -3.48 -21.30 0.80
CA SER A 79 -3.35 -21.99 2.07
C SER A 79 -4.10 -23.32 2.05
N SER A 80 -3.75 -24.20 2.98
CA SER A 80 -4.38 -25.52 3.05
C SER A 80 -5.86 -25.44 2.70
N GLY A 81 -6.34 -26.40 1.92
CA GLY A 81 -7.73 -26.42 1.53
C GLY A 81 -8.11 -25.22 0.66
N GLY A 1 39.15 3.48 12.16
CA GLY A 1 38.81 3.64 10.76
C GLY A 1 37.48 4.37 10.58
N SER A 2 37.56 5.69 10.43
CA SER A 2 36.36 6.51 10.25
C SER A 2 35.32 5.76 9.43
N SER A 3 34.17 5.49 10.05
CA SER A 3 33.09 4.78 9.38
C SER A 3 32.10 5.75 8.77
N GLY A 4 32.42 6.23 7.57
CA GLY A 4 31.54 7.17 6.89
C GLY A 4 30.20 6.55 6.52
N SER A 5 29.61 7.04 5.43
CA SER A 5 28.32 6.54 4.97
C SER A 5 28.33 5.01 4.91
N SER A 6 27.24 4.40 5.35
CA SER A 6 27.13 2.95 5.35
C SER A 6 25.66 2.52 5.32
N GLY A 7 25.35 1.51 4.52
CA GLY A 7 23.99 1.02 4.41
C GLY A 7 23.59 0.71 2.99
N GLY A 8 22.45 1.26 2.56
CA GLY A 8 21.97 1.03 1.21
C GLY A 8 20.59 1.59 0.98
N SER A 9 19.96 1.20 -0.13
CA SER A 9 18.63 1.68 -0.47
C SER A 9 18.07 0.92 -1.67
N GLU A 10 16.75 0.82 -1.73
CA GLU A 10 16.09 0.12 -2.83
C GLU A 10 15.33 1.10 -3.72
N GLU A 11 15.33 0.82 -5.02
CA GLU A 11 14.65 1.67 -5.99
C GLU A 11 13.18 1.25 -6.16
N GLU A 12 12.30 1.87 -5.39
CA GLU A 12 10.88 1.56 -5.45
C GLU A 12 10.07 2.52 -4.58
N GLU A 13 9.18 3.27 -5.21
CA GLU A 13 8.34 4.23 -4.49
C GLU A 13 7.12 3.54 -3.90
N ILE A 14 7.23 2.24 -3.65
CA ILE A 14 6.14 1.46 -3.08
C ILE A 14 6.28 1.33 -1.58
N PRO A 15 5.22 1.69 -0.84
CA PRO A 15 5.20 1.62 0.63
C PRO A 15 5.19 0.19 1.13
N PHE A 16 5.65 -0.01 2.36
CA PHE A 16 5.69 -1.33 2.96
C PHE A 16 4.57 -1.50 3.99
N ARG A 17 4.29 -0.43 4.72
CA ARG A 17 3.25 -0.45 5.74
C ARG A 17 2.25 0.68 5.51
N CYS A 18 1.11 0.61 6.20
CA CYS A 18 0.08 1.62 6.09
C CYS A 18 0.55 2.95 6.66
N PHE A 19 -0.13 4.03 6.30
CA PHE A 19 0.22 5.36 6.79
C PHE A 19 -0.86 5.90 7.73
N ILE A 20 -2.11 5.52 7.47
CA ILE A 20 -3.22 5.95 8.30
C ILE A 20 -3.09 5.44 9.72
N CYS A 21 -2.57 4.22 9.87
CA CYS A 21 -2.39 3.61 11.18
C CYS A 21 -0.91 3.36 11.46
N ARG A 22 -0.09 3.41 10.41
CA ARG A 22 1.34 3.18 10.54
C ARG A 22 1.63 1.75 10.97
N GLN A 23 0.78 0.82 10.53
CA GLN A 23 0.94 -0.59 10.87
C GLN A 23 1.08 -1.44 9.61
N ALA A 24 1.39 -2.72 9.81
CA ALA A 24 1.55 -3.64 8.69
C ALA A 24 0.32 -3.63 7.78
N PHE A 25 0.54 -3.42 6.49
CA PHE A 25 -0.55 -3.38 5.53
C PHE A 25 -1.43 -4.62 5.65
N GLN A 26 -2.66 -4.42 6.11
CA GLN A 26 -3.60 -5.52 6.28
C GLN A 26 -4.70 -5.47 5.22
N ASN A 27 -4.66 -6.42 4.29
CA ASN A 27 -5.65 -6.48 3.22
C ASN A 27 -5.75 -5.14 2.49
N PRO A 28 -4.61 -4.63 2.03
CA PRO A 28 -4.54 -3.36 1.31
C PRO A 28 -5.18 -3.44 -0.06
N VAL A 29 -5.81 -2.34 -0.49
CA VAL A 29 -6.46 -2.29 -1.79
C VAL A 29 -5.95 -1.11 -2.61
N VAL A 30 -5.87 -1.29 -3.92
CA VAL A 30 -5.41 -0.23 -4.82
C VAL A 30 -6.55 0.67 -5.25
N THR A 31 -6.35 1.97 -5.11
CA THR A 31 -7.37 2.95 -5.49
C THR A 31 -7.06 3.58 -6.84
N LYS A 32 -7.94 4.47 -7.29
CA LYS A 32 -7.76 5.14 -8.58
C LYS A 32 -6.48 5.98 -8.57
N CYS A 33 -6.12 6.50 -7.40
CA CYS A 33 -4.92 7.31 -7.26
C CYS A 33 -3.68 6.44 -7.13
N ARG A 34 -3.80 5.18 -7.52
CA ARG A 34 -2.69 4.24 -7.44
C ARG A 34 -2.11 4.20 -6.02
N HIS A 35 -2.99 4.19 -5.02
CA HIS A 35 -2.57 4.15 -3.63
C HIS A 35 -3.14 2.93 -2.92
N TYR A 36 -2.49 2.54 -1.82
CA TYR A 36 -2.94 1.38 -1.06
C TYR A 36 -3.38 1.80 0.35
N PHE A 37 -4.39 1.11 0.88
CA PHE A 37 -4.90 1.40 2.21
C PHE A 37 -5.55 0.17 2.82
N CYS A 38 -5.33 -0.02 4.11
CA CYS A 38 -5.90 -1.17 4.83
C CYS A 38 -7.40 -1.28 4.56
N GLU A 39 -7.82 -2.48 4.15
CA GLU A 39 -9.24 -2.73 3.86
C GLU A 39 -10.13 -2.00 4.87
N SER A 40 -9.65 -1.88 6.10
CA SER A 40 -10.40 -1.20 7.15
C SER A 40 -10.25 0.31 7.06
N CYS A 41 -9.00 0.76 6.92
CA CYS A 41 -8.72 2.19 6.82
C CYS A 41 -9.45 2.81 5.63
N ALA A 42 -9.42 2.12 4.50
CA ALA A 42 -10.07 2.61 3.29
C ALA A 42 -11.58 2.76 3.51
N LEU A 43 -12.18 1.75 4.13
CA LEU A 43 -13.61 1.76 4.40
C LEU A 43 -13.95 2.78 5.49
N GLU A 44 -13.41 2.57 6.68
CA GLU A 44 -13.65 3.47 7.80
C GLU A 44 -13.49 4.94 7.38
N HIS A 45 -12.34 5.24 6.76
CA HIS A 45 -12.07 6.59 6.30
C HIS A 45 -13.08 7.03 5.24
N PHE A 46 -13.37 6.13 4.31
CA PHE A 46 -14.32 6.42 3.24
C PHE A 46 -15.61 7.02 3.81
N ARG A 47 -16.05 6.50 4.95
CA ARG A 47 -17.26 6.98 5.59
C ARG A 47 -17.15 8.46 5.93
N ALA A 48 -16.17 8.80 6.76
CA ALA A 48 -15.95 10.17 7.17
C ALA A 48 -15.64 11.06 5.97
N THR A 49 -14.57 10.71 5.25
CA THR A 49 -14.15 11.47 4.08
C THR A 49 -14.25 10.63 2.81
N PRO A 50 -15.12 11.06 1.88
CA PRO A 50 -15.33 10.37 0.61
C PRO A 50 -14.12 10.47 -0.32
N ARG A 51 -13.06 11.09 0.18
CA ARG A 51 -11.83 11.25 -0.60
C ARG A 51 -10.67 10.51 0.03
N CYS A 52 -9.51 10.54 -0.63
CA CYS A 52 -8.33 9.85 -0.13
C CYS A 52 -7.79 10.56 1.12
N TYR A 53 -6.83 9.92 1.77
CA TYR A 53 -6.23 10.48 2.98
C TYR A 53 -4.85 11.07 2.68
N ILE A 54 -4.24 10.61 1.60
CA ILE A 54 -2.92 11.09 1.20
C ILE A 54 -3.04 12.17 0.13
N CYS A 55 -3.69 11.83 -0.98
CA CYS A 55 -3.87 12.76 -2.08
C CYS A 55 -5.20 13.51 -1.95
N ASP A 56 -6.05 13.01 -1.08
CA ASP A 56 -7.37 13.62 -0.86
C ASP A 56 -8.13 13.75 -2.17
N GLN A 57 -8.15 12.67 -2.95
CA GLN A 57 -8.85 12.67 -4.23
C GLN A 57 -10.10 11.81 -4.17
N PRO A 58 -11.08 12.10 -5.06
CA PRO A 58 -12.33 11.36 -5.12
C PRO A 58 -12.14 9.95 -5.65
N THR A 59 -11.96 9.00 -4.74
CA THR A 59 -11.77 7.60 -5.10
C THR A 59 -12.94 7.09 -5.93
N GLY A 60 -14.14 7.53 -5.60
CA GLY A 60 -15.33 7.11 -6.32
C GLY A 60 -15.92 5.83 -5.76
N GLY A 61 -15.58 5.52 -4.52
CA GLY A 61 -16.09 4.32 -3.90
C GLY A 61 -15.56 3.06 -4.54
N ILE A 62 -14.42 3.17 -5.21
CA ILE A 62 -13.81 2.03 -5.88
C ILE A 62 -12.60 1.52 -5.11
N PHE A 63 -12.52 0.20 -4.94
CA PHE A 63 -11.41 -0.42 -4.22
C PHE A 63 -11.08 -1.78 -4.81
N ASN A 64 -9.98 -1.84 -5.54
CA ASN A 64 -9.54 -3.09 -6.15
C ASN A 64 -8.53 -3.81 -5.27
N PRO A 65 -8.59 -5.16 -5.29
CA PRO A 65 -7.68 -5.99 -4.50
C PRO A 65 -6.25 -5.94 -5.00
N ALA A 66 -5.35 -5.41 -4.17
CA ALA A 66 -3.94 -5.29 -4.54
C ALA A 66 -3.15 -6.49 -4.02
N LYS A 67 -3.76 -7.67 -4.07
CA LYS A 67 -3.11 -8.88 -3.60
C LYS A 67 -1.72 -9.04 -4.23
N GLU A 68 -1.64 -8.72 -5.52
CA GLU A 68 -0.37 -8.84 -6.24
C GLU A 68 0.71 -8.00 -5.58
N LEU A 69 0.38 -6.74 -5.27
CA LEU A 69 1.33 -5.84 -4.64
C LEU A 69 2.00 -6.50 -3.43
N MET A 70 1.18 -7.01 -2.51
CA MET A 70 1.69 -7.68 -1.33
C MET A 70 2.58 -8.86 -1.70
N ALA A 71 2.12 -9.65 -2.67
CA ALA A 71 2.87 -10.82 -3.12
C ALA A 71 4.34 -10.48 -3.31
N LYS A 72 4.61 -9.30 -3.85
CA LYS A 72 5.99 -8.86 -4.08
C LYS A 72 6.72 -8.67 -2.77
N LEU A 73 6.22 -7.76 -1.94
CA LEU A 73 6.83 -7.48 -0.64
C LEU A 73 7.17 -8.78 0.09
N GLN A 74 6.23 -9.72 0.07
CA GLN A 74 6.42 -11.00 0.73
C GLN A 74 7.65 -11.73 0.17
N LYS A 75 8.49 -12.23 1.05
CA LYS A 75 9.68 -12.95 0.66
C LYS A 75 9.34 -14.13 -0.27
N SER A 76 9.58 -13.95 -1.56
CA SER A 76 9.29 -14.99 -2.54
C SER A 76 9.82 -16.34 -2.08
N GLY A 77 9.01 -17.37 -2.25
CA GLY A 77 9.41 -18.71 -1.84
C GLY A 77 8.41 -19.77 -2.23
N PRO A 78 7.35 -19.93 -1.42
CA PRO A 78 6.29 -20.91 -1.67
C PRO A 78 5.43 -20.54 -2.87
N SER A 79 5.60 -21.27 -3.96
CA SER A 79 4.83 -21.01 -5.18
C SER A 79 3.60 -21.91 -5.25
N SER A 80 3.81 -23.21 -5.08
CA SER A 80 2.73 -24.18 -5.13
C SER A 80 1.47 -23.61 -4.46
N GLY A 81 1.63 -23.17 -3.22
CA GLY A 81 0.50 -22.61 -2.49
C GLY A 81 0.93 -21.67 -1.39
N GLY A 1 42.24 -5.32 5.82
CA GLY A 1 41.17 -4.33 5.81
C GLY A 1 39.83 -4.94 5.45
N SER A 2 38.95 -4.12 4.89
CA SER A 2 37.61 -4.58 4.51
C SER A 2 36.96 -3.60 3.54
N SER A 3 36.61 -4.09 2.36
CA SER A 3 35.98 -3.25 1.34
C SER A 3 34.48 -3.14 1.59
N GLY A 4 33.85 -4.27 1.90
CA GLY A 4 32.42 -4.27 2.15
C GLY A 4 31.64 -4.93 1.03
N SER A 5 30.35 -4.61 0.95
CA SER A 5 29.48 -5.18 -0.08
C SER A 5 28.77 -4.09 -0.86
N SER A 6 28.47 -4.37 -2.12
CA SER A 6 27.80 -3.42 -2.99
C SER A 6 26.47 -3.97 -3.49
N GLY A 7 25.63 -3.09 -4.02
CA GLY A 7 24.34 -3.50 -4.53
C GLY A 7 24.05 -2.97 -5.91
N GLY A 8 23.50 -1.76 -5.98
CA GLY A 8 23.18 -1.16 -7.26
C GLY A 8 22.14 -0.06 -7.15
N SER A 9 21.36 0.12 -8.21
CA SER A 9 20.32 1.15 -8.22
C SER A 9 19.04 0.62 -7.57
N GLU A 10 19.02 0.67 -6.24
CA GLU A 10 17.85 0.20 -5.48
C GLU A 10 16.75 1.26 -5.48
N GLU A 11 15.83 1.15 -6.43
CA GLU A 11 14.73 2.11 -6.54
C GLU A 11 13.40 1.44 -6.17
N GLU A 12 13.06 1.47 -4.89
CA GLU A 12 11.83 0.87 -4.41
C GLU A 12 10.98 1.88 -3.65
N GLU A 13 10.27 2.73 -4.40
CA GLU A 13 9.42 3.76 -3.80
C GLU A 13 8.21 3.14 -3.12
N ILE A 14 7.66 2.10 -3.75
CA ILE A 14 6.50 1.41 -3.20
C ILE A 14 6.55 1.36 -1.67
N PRO A 15 5.40 1.62 -1.03
CA PRO A 15 5.29 1.60 0.43
C PRO A 15 5.42 0.20 1.01
N PHE A 16 5.75 0.12 2.30
CA PHE A 16 5.90 -1.16 2.98
C PHE A 16 4.78 -1.39 3.97
N ARG A 17 4.36 -0.32 4.64
CA ARG A 17 3.28 -0.40 5.63
C ARG A 17 2.29 0.74 5.44
N CYS A 18 1.11 0.60 6.05
CA CYS A 18 0.07 1.62 5.95
C CYS A 18 0.55 2.94 6.54
N PHE A 19 -0.15 4.01 6.19
CA PHE A 19 0.21 5.35 6.68
C PHE A 19 -0.86 5.87 7.64
N ILE A 20 -2.11 5.47 7.39
CA ILE A 20 -3.22 5.90 8.24
C ILE A 20 -3.08 5.36 9.66
N CYS A 21 -2.53 4.16 9.77
CA CYS A 21 -2.33 3.52 11.08
C CYS A 21 -0.85 3.26 11.33
N ARG A 22 -0.04 3.34 10.28
CA ARG A 22 1.39 3.10 10.38
C ARG A 22 1.67 1.66 10.79
N GLN A 23 0.81 0.75 10.37
CA GLN A 23 0.98 -0.67 10.69
C GLN A 23 1.11 -1.51 9.43
N ALA A 24 1.40 -2.79 9.61
CA ALA A 24 1.56 -3.69 8.48
C ALA A 24 0.35 -3.66 7.57
N PHE A 25 0.58 -3.53 6.26
CA PHE A 25 -0.50 -3.48 5.28
C PHE A 25 -1.42 -4.69 5.43
N GLN A 26 -2.63 -4.46 5.93
CA GLN A 26 -3.60 -5.53 6.12
C GLN A 26 -4.74 -5.42 5.11
N ASN A 27 -4.77 -6.35 4.16
CA ASN A 27 -5.81 -6.36 3.13
C ASN A 27 -5.85 -5.03 2.39
N PRO A 28 -4.67 -4.59 1.90
CA PRO A 28 -4.55 -3.32 1.17
C PRO A 28 -5.21 -3.38 -0.20
N VAL A 29 -5.75 -2.25 -0.65
CA VAL A 29 -6.41 -2.18 -1.95
C VAL A 29 -5.88 -1.00 -2.77
N VAL A 30 -5.74 -1.21 -4.07
CA VAL A 30 -5.24 -0.17 -4.96
C VAL A 30 -6.39 0.69 -5.49
N THR A 31 -6.21 2.00 -5.45
CA THR A 31 -7.22 2.93 -5.91
C THR A 31 -6.80 3.60 -7.22
N LYS A 32 -7.68 4.44 -7.76
CA LYS A 32 -7.39 5.14 -9.01
C LYS A 32 -6.15 6.01 -8.87
N CYS A 33 -5.92 6.52 -7.66
CA CYS A 33 -4.77 7.37 -7.41
C CYS A 33 -3.50 6.54 -7.24
N ARG A 34 -3.60 5.26 -7.59
CA ARG A 34 -2.45 4.35 -7.49
C ARG A 34 -1.93 4.31 -6.06
N HIS A 35 -2.83 4.27 -5.09
CA HIS A 35 -2.46 4.23 -3.68
C HIS A 35 -3.02 2.98 -3.01
N TYR A 36 -2.44 2.62 -1.86
CA TYR A 36 -2.89 1.44 -1.12
C TYR A 36 -3.31 1.82 0.29
N PHE A 37 -4.35 1.16 0.79
CA PHE A 37 -4.86 1.43 2.13
C PHE A 37 -5.50 0.18 2.72
N CYS A 38 -5.35 0.00 4.03
CA CYS A 38 -5.92 -1.15 4.72
C CYS A 38 -7.42 -1.25 4.45
N GLU A 39 -7.85 -2.43 4.00
CA GLU A 39 -9.26 -2.66 3.71
C GLU A 39 -10.15 -1.95 4.72
N SER A 40 -9.68 -1.84 5.96
CA SER A 40 -10.43 -1.18 7.01
C SER A 40 -10.26 0.33 6.95
N CYS A 41 -9.02 0.78 6.83
CA CYS A 41 -8.72 2.20 6.76
C CYS A 41 -9.45 2.85 5.59
N ALA A 42 -9.48 2.14 4.46
CA ALA A 42 -10.15 2.65 3.27
C ALA A 42 -11.65 2.82 3.51
N LEU A 43 -12.25 1.83 4.17
CA LEU A 43 -13.68 1.88 4.46
C LEU A 43 -13.97 2.87 5.58
N GLU A 44 -13.42 2.62 6.76
CA GLU A 44 -13.63 3.50 7.90
C GLU A 44 -13.46 4.96 7.50
N HIS A 45 -12.35 5.27 6.84
CA HIS A 45 -12.06 6.63 6.40
C HIS A 45 -13.10 7.10 5.38
N PHE A 46 -13.43 6.24 4.43
CA PHE A 46 -14.41 6.57 3.40
C PHE A 46 -15.68 7.15 4.03
N ARG A 47 -16.13 6.54 5.12
CA ARG A 47 -17.32 7.00 5.81
C ARG A 47 -17.23 8.50 6.11
N ALA A 48 -16.21 8.88 6.87
CA ALA A 48 -16.01 10.28 7.23
C ALA A 48 -15.69 11.12 6.00
N THR A 49 -14.64 10.75 5.30
CA THR A 49 -14.21 11.46 4.10
C THR A 49 -14.31 10.58 2.86
N PRO A 50 -15.18 10.97 1.91
CA PRO A 50 -15.38 10.22 0.67
C PRO A 50 -14.18 10.32 -0.26
N ARG A 51 -13.13 11.00 0.19
CA ARG A 51 -11.92 11.17 -0.60
C ARG A 51 -10.76 10.39 0.01
N CYS A 52 -9.61 10.45 -0.64
CA CYS A 52 -8.42 9.76 -0.16
C CYS A 52 -7.87 10.41 1.10
N TYR A 53 -6.95 9.73 1.76
CA TYR A 53 -6.34 10.26 2.98
C TYR A 53 -4.98 10.88 2.70
N ILE A 54 -4.42 10.56 1.54
CA ILE A 54 -3.12 11.08 1.14
C ILE A 54 -3.26 12.14 0.05
N CYS A 55 -3.87 11.76 -1.05
CA CYS A 55 -4.07 12.68 -2.17
C CYS A 55 -5.46 13.32 -2.12
N ASP A 56 -6.26 12.87 -1.15
CA ASP A 56 -7.62 13.40 -0.99
C ASP A 56 -8.33 13.49 -2.33
N GLN A 57 -8.31 12.41 -3.10
CA GLN A 57 -8.95 12.38 -4.41
C GLN A 57 -10.28 11.65 -4.34
N PRO A 58 -11.17 11.96 -5.30
CA PRO A 58 -12.49 11.33 -5.37
C PRO A 58 -12.44 9.86 -5.77
N THR A 59 -12.32 9.00 -4.76
CA THR A 59 -12.25 7.56 -5.00
C THR A 59 -13.56 7.03 -5.58
N GLY A 60 -14.67 7.51 -5.04
CA GLY A 60 -15.97 7.08 -5.52
C GLY A 60 -16.34 5.70 -5.02
N GLY A 61 -15.89 5.37 -3.82
CA GLY A 61 -16.19 4.07 -3.24
C GLY A 61 -15.55 2.93 -4.00
N ILE A 62 -14.37 3.19 -4.58
CA ILE A 62 -13.66 2.18 -5.34
C ILE A 62 -12.46 1.65 -4.57
N PHE A 63 -12.29 0.33 -4.57
CA PHE A 63 -11.18 -0.31 -3.87
C PHE A 63 -10.89 -1.68 -4.45
N ASN A 64 -9.80 -1.79 -5.21
CA ASN A 64 -9.42 -3.05 -5.83
C ASN A 64 -8.33 -3.74 -5.01
N PRO A 65 -8.36 -5.08 -4.99
CA PRO A 65 -7.39 -5.88 -4.25
C PRO A 65 -6.00 -5.83 -4.89
N ALA A 66 -5.06 -5.22 -4.19
CA ALA A 66 -3.69 -5.10 -4.68
C ALA A 66 -2.85 -6.30 -4.24
N LYS A 67 -3.46 -7.48 -4.26
CA LYS A 67 -2.76 -8.71 -3.87
C LYS A 67 -1.41 -8.81 -4.56
N GLU A 68 -1.43 -8.73 -5.89
CA GLU A 68 -0.19 -8.82 -6.67
C GLU A 68 0.91 -7.98 -6.04
N LEU A 69 0.56 -6.76 -5.63
CA LEU A 69 1.51 -5.86 -5.00
C LEU A 69 2.02 -6.43 -3.68
N MET A 70 1.14 -7.12 -2.97
CA MET A 70 1.50 -7.72 -1.68
C MET A 70 2.46 -8.89 -1.87
N ALA A 71 2.22 -9.68 -2.91
CA ALA A 71 3.06 -10.83 -3.21
C ALA A 71 4.53 -10.47 -3.09
N LYS A 72 4.92 -9.34 -3.66
CA LYS A 72 6.30 -8.89 -3.63
C LYS A 72 6.75 -8.66 -2.19
N LEU A 73 6.11 -7.72 -1.51
CA LEU A 73 6.45 -7.40 -0.13
C LEU A 73 6.47 -8.67 0.72
N GLN A 74 5.33 -9.36 0.77
CA GLN A 74 5.22 -10.59 1.55
C GLN A 74 4.27 -11.57 0.88
N LYS A 75 4.29 -12.82 1.33
CA LYS A 75 3.44 -13.86 0.78
C LYS A 75 2.67 -14.58 1.89
N SER A 76 2.13 -13.82 2.82
CA SER A 76 1.38 -14.39 3.94
C SER A 76 -0.13 -14.29 3.68
N GLY A 77 -0.58 -13.10 3.32
CA GLY A 77 -2.00 -12.90 3.06
C GLY A 77 -2.63 -14.10 2.38
N PRO A 78 -3.57 -14.76 3.08
CA PRO A 78 -4.27 -15.94 2.56
C PRO A 78 -5.23 -15.58 1.43
N SER A 79 -4.98 -16.14 0.25
CA SER A 79 -5.81 -15.88 -0.92
C SER A 79 -7.24 -16.36 -0.68
N SER A 80 -8.21 -15.59 -1.17
CA SER A 80 -9.61 -15.94 -1.00
C SER A 80 -10.45 -15.38 -2.14
N GLY A 81 -11.16 -16.26 -2.84
CA GLY A 81 -11.99 -15.83 -3.95
C GLY A 81 -11.68 -16.58 -5.24
N GLY A 1 44.65 -0.09 -13.59
CA GLY A 1 43.44 0.47 -13.00
C GLY A 1 42.27 0.47 -13.95
N SER A 2 41.21 -0.24 -13.60
CA SER A 2 40.02 -0.32 -14.44
C SER A 2 38.76 -0.42 -13.59
N SER A 3 37.62 -0.03 -14.17
CA SER A 3 36.35 -0.07 -13.47
C SER A 3 35.29 -0.78 -14.31
N GLY A 4 34.30 -1.36 -13.64
CA GLY A 4 33.24 -2.05 -14.33
C GLY A 4 32.42 -2.93 -13.42
N SER A 5 31.52 -2.31 -12.65
CA SER A 5 30.68 -3.04 -11.71
C SER A 5 29.20 -2.92 -12.09
N SER A 6 28.39 -3.83 -11.58
CA SER A 6 26.96 -3.83 -11.87
C SER A 6 26.21 -2.92 -10.91
N GLY A 7 25.16 -2.27 -11.41
CA GLY A 7 24.37 -1.37 -10.59
C GLY A 7 22.89 -1.67 -10.64
N GLY A 8 22.36 -2.31 -9.61
CA GLY A 8 20.96 -2.64 -9.57
C GLY A 8 20.25 -2.05 -8.37
N SER A 9 19.93 -0.76 -8.45
CA SER A 9 19.26 -0.07 -7.36
C SER A 9 17.81 -0.57 -7.21
N GLU A 10 17.14 -0.74 -8.34
CA GLU A 10 15.76 -1.21 -8.33
C GLU A 10 14.94 -0.47 -7.28
N GLU A 11 15.06 0.85 -7.26
CA GLU A 11 14.33 1.67 -6.30
C GLU A 11 12.87 1.21 -6.18
N GLU A 12 12.44 0.95 -4.95
CA GLU A 12 11.07 0.51 -4.71
C GLU A 12 10.29 1.53 -3.89
N GLU A 13 9.79 2.57 -4.57
CA GLU A 13 9.03 3.62 -3.91
C GLU A 13 7.86 3.04 -3.14
N ILE A 14 7.22 2.03 -3.72
CA ILE A 14 6.07 1.39 -3.09
C ILE A 14 6.24 1.34 -1.57
N PRO A 15 5.16 1.66 -0.84
CA PRO A 15 5.16 1.66 0.63
C PRO A 15 5.25 0.26 1.20
N PHE A 16 5.71 0.17 2.45
CA PHE A 16 5.84 -1.13 3.12
C PHE A 16 4.72 -1.33 4.14
N ARG A 17 4.32 -0.24 4.78
CA ARG A 17 3.27 -0.29 5.79
C ARG A 17 2.26 0.84 5.58
N CYS A 18 1.08 0.70 6.18
CA CYS A 18 0.03 1.71 6.06
C CYS A 18 0.50 3.04 6.64
N PHE A 19 -0.19 4.11 6.27
CA PHE A 19 0.15 5.45 6.74
C PHE A 19 -0.94 5.98 7.67
N ILE A 20 -2.18 5.54 7.46
CA ILE A 20 -3.30 5.97 8.27
C ILE A 20 -3.16 5.47 9.71
N CYS A 21 -2.61 4.27 9.86
CA CYS A 21 -2.43 3.67 11.17
C CYS A 21 -0.95 3.40 11.44
N ARG A 22 -0.14 3.50 10.40
CA ARG A 22 1.30 3.27 10.52
C ARG A 22 1.58 1.85 10.99
N GLN A 23 0.77 0.90 10.51
CA GLN A 23 0.93 -0.50 10.87
C GLN A 23 1.10 -1.36 9.63
N ALA A 24 1.41 -2.64 9.84
CA ALA A 24 1.61 -3.57 8.74
C ALA A 24 0.41 -3.57 7.81
N PHE A 25 0.66 -3.36 6.52
CA PHE A 25 -0.40 -3.33 5.53
C PHE A 25 -1.32 -4.54 5.67
N GLN A 26 -2.53 -4.31 6.17
CA GLN A 26 -3.49 -5.38 6.37
C GLN A 26 -4.60 -5.32 5.32
N ASN A 27 -4.58 -6.27 4.39
CA ASN A 27 -5.58 -6.32 3.33
C ASN A 27 -5.63 -4.99 2.57
N PRO A 28 -4.48 -4.54 2.09
CA PRO A 28 -4.36 -3.28 1.35
C PRO A 28 -5.01 -3.37 -0.03
N VAL A 29 -5.56 -2.25 -0.50
CA VAL A 29 -6.21 -2.21 -1.80
C VAL A 29 -5.68 -1.06 -2.64
N VAL A 30 -5.51 -1.29 -3.93
CA VAL A 30 -5.01 -0.27 -4.85
C VAL A 30 -6.15 0.58 -5.39
N THR A 31 -5.97 1.90 -5.32
CA THR A 31 -6.98 2.84 -5.81
C THR A 31 -6.58 3.44 -7.15
N LYS A 32 -7.44 4.27 -7.70
CA LYS A 32 -7.19 4.92 -8.98
C LYS A 32 -6.00 5.88 -8.88
N CYS A 33 -5.74 6.36 -7.66
CA CYS A 33 -4.64 7.28 -7.42
C CYS A 33 -3.33 6.53 -7.20
N ARG A 34 -3.33 5.24 -7.53
CA ARG A 34 -2.15 4.41 -7.36
C ARG A 34 -1.69 4.41 -5.91
N HIS A 35 -2.63 4.30 -4.99
CA HIS A 35 -2.32 4.28 -3.56
C HIS A 35 -2.90 3.03 -2.90
N TYR A 36 -2.35 2.69 -1.73
CA TYR A 36 -2.80 1.53 -0.99
C TYR A 36 -3.24 1.90 0.42
N PHE A 37 -4.24 1.19 0.92
CA PHE A 37 -4.77 1.46 2.26
C PHE A 37 -5.41 0.20 2.85
N CYS A 38 -5.29 0.04 4.16
CA CYS A 38 -5.86 -1.11 4.85
C CYS A 38 -7.36 -1.23 4.56
N GLU A 39 -7.78 -2.42 4.14
CA GLU A 39 -9.18 -2.67 3.84
C GLU A 39 -10.09 -1.98 4.84
N SER A 40 -9.63 -1.88 6.08
CA SER A 40 -10.40 -1.25 7.14
C SER A 40 -10.26 0.27 7.07
N CYS A 41 -9.03 0.75 6.92
CA CYS A 41 -8.77 2.18 6.84
C CYS A 41 -9.51 2.80 5.67
N ALA A 42 -9.44 2.16 4.51
CA ALA A 42 -10.12 2.65 3.31
C ALA A 42 -11.62 2.79 3.55
N LEU A 43 -12.23 1.74 4.09
CA LEU A 43 -13.67 1.75 4.36
C LEU A 43 -14.01 2.77 5.44
N GLU A 44 -13.38 2.61 6.60
CA GLU A 44 -13.62 3.52 7.73
C GLU A 44 -13.46 4.97 7.29
N HIS A 45 -12.31 5.28 6.68
CA HIS A 45 -12.04 6.64 6.23
C HIS A 45 -13.07 7.08 5.19
N PHE A 46 -13.44 6.16 4.30
CA PHE A 46 -14.41 6.46 3.25
C PHE A 46 -15.71 6.99 3.86
N ARG A 47 -16.12 6.41 4.98
CA ARG A 47 -17.34 6.82 5.65
C ARG A 47 -17.30 8.30 6.00
N ALA A 48 -16.24 8.71 6.68
CA ALA A 48 -16.07 10.12 7.07
C ALA A 48 -15.78 10.99 5.86
N THR A 49 -14.69 10.67 5.16
CA THR A 49 -14.30 11.43 3.98
C THR A 49 -14.38 10.57 2.72
N PRO A 50 -15.23 10.98 1.78
CA PRO A 50 -15.42 10.26 0.51
C PRO A 50 -14.21 10.38 -0.41
N ARG A 51 -13.16 11.03 0.08
CA ARG A 51 -11.94 11.22 -0.69
C ARG A 51 -10.78 10.46 -0.05
N CYS A 52 -9.65 10.42 -0.75
CA CYS A 52 -8.46 9.72 -0.26
C CYS A 52 -7.94 10.39 1.01
N TYR A 53 -6.98 9.74 1.65
CA TYR A 53 -6.39 10.27 2.88
C TYR A 53 -5.05 10.94 2.60
N ILE A 54 -4.39 10.52 1.53
CA ILE A 54 -3.11 11.08 1.16
C ILE A 54 -3.26 12.15 0.07
N CYS A 55 -3.86 11.75 -1.05
CA CYS A 55 -4.08 12.68 -2.16
C CYS A 55 -5.41 13.39 -2.03
N ASP A 56 -6.25 12.90 -1.12
CA ASP A 56 -7.56 13.50 -0.89
C ASP A 56 -8.33 13.64 -2.20
N GLN A 57 -8.34 12.57 -2.99
CA GLN A 57 -9.04 12.58 -4.27
C GLN A 57 -10.35 11.81 -4.18
N PRO A 58 -11.28 12.12 -5.11
CA PRO A 58 -12.59 11.47 -5.15
C PRO A 58 -12.49 10.01 -5.60
N THR A 59 -12.55 9.10 -4.63
CA THR A 59 -12.46 7.67 -4.92
C THR A 59 -13.80 7.14 -5.45
N GLY A 60 -14.88 7.81 -5.08
CA GLY A 60 -16.20 7.40 -5.53
C GLY A 60 -16.56 6.00 -5.04
N GLY A 61 -15.93 5.57 -3.95
CA GLY A 61 -16.21 4.26 -3.41
C GLY A 61 -15.64 3.14 -4.26
N ILE A 62 -14.46 3.39 -4.83
CA ILE A 62 -13.80 2.39 -5.67
C ILE A 62 -12.53 1.87 -5.00
N PHE A 63 -12.43 0.55 -4.90
CA PHE A 63 -11.27 -0.08 -4.29
C PHE A 63 -10.99 -1.44 -4.93
N ASN A 64 -9.79 -1.60 -5.47
CA ASN A 64 -9.39 -2.85 -6.12
C ASN A 64 -8.43 -3.63 -5.23
N PRO A 65 -8.52 -4.97 -5.30
CA PRO A 65 -7.67 -5.86 -4.52
C PRO A 65 -6.22 -5.85 -4.99
N ALA A 66 -5.32 -5.40 -4.11
CA ALA A 66 -3.90 -5.33 -4.45
C ALA A 66 -3.16 -6.58 -3.97
N LYS A 67 -3.79 -7.74 -4.17
CA LYS A 67 -3.19 -9.01 -3.76
C LYS A 67 -1.78 -9.15 -4.33
N GLU A 68 -1.61 -8.76 -5.59
CA GLU A 68 -0.31 -8.86 -6.24
C GLU A 68 0.73 -8.04 -5.48
N LEU A 69 0.51 -6.74 -5.38
CA LEU A 69 1.43 -5.85 -4.69
C LEU A 69 2.07 -6.55 -3.49
N MET A 70 1.22 -7.14 -2.64
CA MET A 70 1.69 -7.84 -1.45
C MET A 70 2.59 -9.01 -1.85
N ALA A 71 2.05 -9.93 -2.64
CA ALA A 71 2.80 -11.09 -3.09
C ALA A 71 4.25 -10.72 -3.40
N LYS A 72 4.44 -9.62 -4.10
CA LYS A 72 5.78 -9.16 -4.47
C LYS A 72 6.62 -8.89 -3.23
N LEU A 73 6.10 -8.05 -2.33
CA LEU A 73 6.81 -7.72 -1.10
C LEU A 73 7.30 -8.98 -0.40
N GLN A 74 6.38 -9.90 -0.12
CA GLN A 74 6.72 -11.15 0.54
C GLN A 74 5.57 -12.15 0.46
N LYS A 75 5.89 -13.43 0.60
CA LYS A 75 4.88 -14.47 0.55
C LYS A 75 5.34 -15.71 1.32
N SER A 76 4.40 -16.34 2.02
CA SER A 76 4.70 -17.52 2.81
C SER A 76 4.36 -18.80 2.04
N GLY A 77 3.16 -18.81 1.46
CA GLY A 77 2.72 -19.98 0.70
C GLY A 77 1.36 -20.48 1.14
N PRO A 78 0.31 -19.96 0.50
CA PRO A 78 -1.08 -20.34 0.81
C PRO A 78 -1.40 -21.77 0.38
N SER A 79 -1.47 -22.67 1.35
CA SER A 79 -1.76 -24.07 1.07
C SER A 79 -2.87 -24.59 1.99
N SER A 80 -4.04 -24.85 1.43
CA SER A 80 -5.17 -25.35 2.20
C SER A 80 -5.01 -26.83 2.49
N GLY A 81 -5.20 -27.22 3.75
CA GLY A 81 -5.07 -28.61 4.13
C GLY A 81 -3.70 -28.93 4.69
N GLY A 1 33.84 15.61 7.20
CA GLY A 1 33.96 16.61 6.16
C GLY A 1 32.67 16.80 5.39
N SER A 2 32.80 17.16 4.11
CA SER A 2 31.63 17.38 3.27
C SER A 2 31.11 16.07 2.69
N SER A 3 30.22 15.42 3.42
CA SER A 3 29.66 14.15 2.98
C SER A 3 28.22 13.99 3.49
N GLY A 4 27.43 13.20 2.77
CA GLY A 4 26.05 12.97 3.16
C GLY A 4 25.76 11.51 3.42
N SER A 5 24.49 11.20 3.66
CA SER A 5 24.07 9.83 3.92
C SER A 5 23.94 9.04 2.62
N SER A 6 25.06 8.53 2.13
CA SER A 6 25.07 7.75 0.90
C SER A 6 25.80 6.42 1.10
N GLY A 7 25.05 5.40 1.51
CA GLY A 7 25.63 4.09 1.73
C GLY A 7 24.69 2.97 1.35
N GLY A 8 24.07 3.08 0.17
CA GLY A 8 23.16 2.05 -0.28
C GLY A 8 21.72 2.54 -0.31
N SER A 9 21.16 2.66 -1.51
CA SER A 9 19.78 3.13 -1.66
C SER A 9 19.01 2.20 -2.60
N GLU A 10 17.69 2.38 -2.62
CA GLU A 10 16.83 1.56 -3.48
C GLU A 10 15.81 2.43 -4.21
N GLU A 11 15.39 1.96 -5.38
CA GLU A 11 14.41 2.69 -6.18
C GLU A 11 13.03 2.07 -6.06
N GLU A 12 12.60 1.80 -4.82
CA GLU A 12 11.30 1.21 -4.58
C GLU A 12 10.44 2.11 -3.70
N GLU A 13 9.86 3.13 -4.32
CA GLU A 13 9.01 4.07 -3.60
C GLU A 13 7.90 3.34 -2.86
N ILE A 14 7.38 2.28 -3.47
CA ILE A 14 6.31 1.50 -2.87
C ILE A 14 6.44 1.46 -1.35
N PRO A 15 5.34 1.78 -0.64
CA PRO A 15 5.32 1.79 0.82
C PRO A 15 5.39 0.39 1.41
N PHE A 16 5.83 0.30 2.66
CA PHE A 16 5.96 -0.98 3.33
C PHE A 16 4.80 -1.20 4.31
N ARG A 17 4.38 -0.13 4.97
CA ARG A 17 3.28 -0.20 5.92
C ARG A 17 2.26 0.91 5.67
N CYS A 18 1.11 0.82 6.34
CA CYS A 18 0.06 1.81 6.18
C CYS A 18 0.49 3.16 6.75
N PHE A 19 -0.21 4.22 6.35
CA PHE A 19 0.10 5.56 6.81
C PHE A 19 -1.01 6.10 7.71
N ILE A 20 -2.24 5.66 7.46
CA ILE A 20 -3.37 6.10 8.25
C ILE A 20 -3.25 5.62 9.70
N CYS A 21 -2.76 4.41 9.87
CA CYS A 21 -2.59 3.83 11.20
C CYS A 21 -1.12 3.61 11.52
N ARG A 22 -0.29 3.62 10.48
CA ARG A 22 1.14 3.41 10.65
C ARG A 22 1.43 1.99 11.12
N GLN A 23 0.66 1.03 10.61
CA GLN A 23 0.84 -0.37 10.98
C GLN A 23 1.01 -1.25 9.74
N ALA A 24 1.35 -2.51 9.96
CA ALA A 24 1.54 -3.45 8.87
C ALA A 24 0.33 -3.47 7.93
N PHE A 25 0.60 -3.36 6.64
CA PHE A 25 -0.47 -3.35 5.64
C PHE A 25 -1.34 -4.60 5.77
N GLN A 26 -2.58 -4.39 6.21
CA GLN A 26 -3.52 -5.49 6.39
C GLN A 26 -4.63 -5.44 5.35
N ASN A 27 -4.54 -6.29 4.35
CA ASN A 27 -5.53 -6.34 3.28
C ASN A 27 -5.61 -5.00 2.55
N PRO A 28 -4.45 -4.51 2.09
CA PRO A 28 -4.35 -3.24 1.37
C PRO A 28 -4.99 -3.32 -0.02
N VAL A 29 -5.61 -2.23 -0.44
CA VAL A 29 -6.25 -2.17 -1.75
C VAL A 29 -5.70 -1.02 -2.58
N VAL A 30 -5.53 -1.26 -3.87
CA VAL A 30 -5.00 -0.24 -4.78
C VAL A 30 -6.13 0.62 -5.35
N THR A 31 -5.89 1.93 -5.41
CA THR A 31 -6.88 2.86 -5.92
C THR A 31 -6.42 3.48 -7.24
N LYS A 32 -7.26 4.32 -7.82
CA LYS A 32 -6.94 4.98 -9.08
C LYS A 32 -5.73 5.89 -8.93
N CYS A 33 -5.56 6.44 -7.73
CA CYS A 33 -4.44 7.33 -7.45
C CYS A 33 -3.16 6.53 -7.20
N ARG A 34 -3.21 5.23 -7.50
CA ARG A 34 -2.05 4.36 -7.31
C ARG A 34 -1.59 4.38 -5.86
N HIS A 35 -2.53 4.19 -4.94
CA HIS A 35 -2.23 4.18 -3.52
C HIS A 35 -2.82 2.95 -2.83
N TYR A 36 -2.28 2.61 -1.67
CA TYR A 36 -2.74 1.45 -0.93
C TYR A 36 -3.21 1.85 0.47
N PHE A 37 -4.22 1.15 0.98
CA PHE A 37 -4.76 1.43 2.30
C PHE A 37 -5.41 0.19 2.90
N CYS A 38 -5.27 0.03 4.21
CA CYS A 38 -5.83 -1.12 4.91
C CYS A 38 -7.33 -1.25 4.62
N GLU A 39 -7.73 -2.45 4.19
CA GLU A 39 -9.13 -2.70 3.88
C GLU A 39 -10.06 -2.00 4.87
N SER A 40 -9.60 -1.87 6.10
CA SER A 40 -10.39 -1.22 7.16
C SER A 40 -10.25 0.30 7.06
N CYS A 41 -9.02 0.77 6.91
CA CYS A 41 -8.76 2.20 6.80
C CYS A 41 -9.50 2.81 5.60
N ALA A 42 -9.40 2.13 4.46
CA ALA A 42 -10.06 2.61 3.25
C ALA A 42 -11.56 2.75 3.46
N LEU A 43 -12.18 1.71 4.01
CA LEU A 43 -13.62 1.72 4.27
C LEU A 43 -13.97 2.73 5.36
N GLU A 44 -13.41 2.52 6.55
CA GLU A 44 -13.67 3.42 7.67
C GLU A 44 -13.46 4.87 7.28
N HIS A 45 -12.26 5.16 6.76
CA HIS A 45 -11.92 6.52 6.34
C HIS A 45 -12.86 7.00 5.24
N PHE A 46 -13.22 6.09 4.34
CA PHE A 46 -14.12 6.42 3.24
C PHE A 46 -15.43 7.01 3.76
N ARG A 47 -15.95 6.41 4.83
CA ARG A 47 -17.21 6.88 5.42
C ARG A 47 -17.12 8.35 5.78
N ALA A 48 -16.15 8.71 6.61
CA ALA A 48 -15.96 10.08 7.03
C ALA A 48 -15.61 10.98 5.84
N THR A 49 -14.70 10.49 5.00
CA THR A 49 -14.28 11.25 3.83
C THR A 49 -14.32 10.39 2.57
N PRO A 50 -15.17 10.77 1.61
CA PRO A 50 -15.32 10.05 0.35
C PRO A 50 -14.10 10.18 -0.55
N ARG A 51 -13.07 10.87 -0.05
CA ARG A 51 -11.85 11.08 -0.81
C ARG A 51 -10.67 10.39 -0.13
N CYS A 52 -9.57 10.24 -0.86
CA CYS A 52 -8.37 9.59 -0.33
C CYS A 52 -7.87 10.34 0.90
N TYR A 53 -6.92 9.73 1.60
CA TYR A 53 -6.35 10.32 2.81
C TYR A 53 -5.00 10.96 2.50
N ILE A 54 -4.41 10.59 1.37
CA ILE A 54 -3.12 11.13 0.97
C ILE A 54 -3.28 12.13 -0.17
N CYS A 55 -3.85 11.67 -1.28
CA CYS A 55 -4.07 12.52 -2.44
C CYS A 55 -5.46 13.13 -2.42
N ASP A 56 -6.27 12.71 -1.46
CA ASP A 56 -7.64 13.20 -1.34
C ASP A 56 -8.36 13.19 -2.68
N GLN A 57 -8.24 12.06 -3.39
CA GLN A 57 -8.88 11.92 -4.69
C GLN A 57 -10.30 11.38 -4.54
N PRO A 58 -11.13 11.66 -5.56
CA PRO A 58 -12.53 11.20 -5.56
C PRO A 58 -12.66 9.70 -5.72
N THR A 59 -12.67 8.98 -4.59
CA THR A 59 -12.78 7.53 -4.61
C THR A 59 -14.21 7.10 -4.92
N GLY A 60 -15.17 7.79 -4.33
CA GLY A 60 -16.57 7.46 -4.56
C GLY A 60 -16.89 6.02 -4.22
N GLY A 61 -16.23 5.50 -3.20
CA GLY A 61 -16.46 4.12 -2.78
C GLY A 61 -15.82 3.12 -3.72
N ILE A 62 -14.66 3.47 -4.25
CA ILE A 62 -13.94 2.59 -5.18
C ILE A 62 -12.67 2.04 -4.54
N PHE A 63 -12.47 0.73 -4.67
CA PHE A 63 -11.30 0.07 -4.10
C PHE A 63 -11.00 -1.23 -4.83
N ASN A 64 -9.80 -1.33 -5.41
CA ASN A 64 -9.39 -2.51 -6.14
C ASN A 64 -8.43 -3.36 -5.31
N PRO A 65 -8.52 -4.69 -5.46
CA PRO A 65 -7.66 -5.63 -4.73
C PRO A 65 -6.21 -5.57 -5.22
N ALA A 66 -5.30 -5.20 -4.31
CA ALA A 66 -3.89 -5.11 -4.63
C ALA A 66 -3.16 -6.39 -4.23
N LYS A 67 -3.78 -7.53 -4.51
CA LYS A 67 -3.18 -8.82 -4.18
C LYS A 67 -1.76 -8.92 -4.73
N GLU A 68 -1.58 -8.46 -5.96
CA GLU A 68 -0.27 -8.50 -6.60
C GLU A 68 0.77 -7.79 -5.75
N LEU A 69 0.56 -6.50 -5.49
CA LEU A 69 1.48 -5.71 -4.69
C LEU A 69 2.03 -6.54 -3.53
N MET A 70 1.14 -7.10 -2.72
CA MET A 70 1.55 -7.92 -1.59
C MET A 70 2.38 -9.12 -2.04
N ALA A 71 1.88 -9.82 -3.05
CA ALA A 71 2.59 -10.99 -3.58
C ALA A 71 4.08 -10.71 -3.73
N LYS A 72 4.41 -9.50 -4.17
CA LYS A 72 5.80 -9.11 -4.36
C LYS A 72 6.53 -9.04 -3.03
N LEU A 73 5.92 -8.37 -2.06
CA LEU A 73 6.51 -8.24 -0.73
C LEU A 73 6.73 -9.60 -0.09
N GLN A 74 5.70 -10.45 -0.16
CA GLN A 74 5.79 -11.78 0.42
C GLN A 74 6.52 -12.74 -0.52
N LYS A 75 7.25 -13.68 0.05
CA LYS A 75 8.00 -14.66 -0.73
C LYS A 75 7.14 -15.87 -1.05
N SER A 76 7.43 -16.52 -2.18
CA SER A 76 6.68 -17.69 -2.60
C SER A 76 7.08 -18.92 -1.79
N GLY A 77 6.47 -19.07 -0.62
CA GLY A 77 6.78 -20.21 0.24
C GLY A 77 5.56 -20.71 0.99
N PRO A 78 5.50 -22.03 1.20
CA PRO A 78 4.39 -22.67 1.91
C PRO A 78 4.37 -22.33 3.40
N SER A 79 3.67 -21.26 3.74
CA SER A 79 3.57 -20.83 5.13
C SER A 79 3.01 -21.94 6.01
N SER A 80 3.90 -22.76 6.56
CA SER A 80 3.49 -23.87 7.42
C SER A 80 4.64 -24.34 8.29
N GLY A 81 4.43 -24.32 9.61
CA GLY A 81 5.48 -24.74 10.53
C GLY A 81 6.14 -23.58 11.22
N GLY A 1 41.85 5.70 6.32
CA GLY A 1 41.27 5.81 4.99
C GLY A 1 40.26 4.72 4.71
N SER A 2 38.99 5.09 4.61
CA SER A 2 37.93 4.13 4.35
C SER A 2 37.58 4.09 2.87
N SER A 3 36.70 3.17 2.49
CA SER A 3 36.30 3.02 1.10
C SER A 3 34.79 3.21 0.96
N GLY A 4 34.39 4.11 0.05
CA GLY A 4 32.98 4.38 -0.17
C GLY A 4 32.33 3.32 -1.04
N SER A 5 31.11 2.94 -0.69
CA SER A 5 30.37 1.93 -1.44
C SER A 5 29.09 2.53 -2.03
N SER A 6 29.14 2.83 -3.32
CA SER A 6 27.99 3.41 -4.02
C SER A 6 27.43 2.43 -5.05
N GLY A 7 26.63 1.48 -4.56
CA GLY A 7 26.04 0.49 -5.46
C GLY A 7 24.81 -0.16 -4.87
N GLY A 8 23.86 0.65 -4.43
CA GLY A 8 22.63 0.12 -3.84
C GLY A 8 21.55 1.16 -3.74
N SER A 9 21.36 1.94 -4.81
CA SER A 9 20.34 2.98 -4.83
C SER A 9 18.98 2.41 -5.19
N GLU A 10 18.24 1.99 -4.17
CA GLU A 10 16.91 1.42 -4.39
C GLU A 10 15.91 2.50 -4.78
N GLU A 11 15.07 2.18 -5.77
CA GLU A 11 14.06 3.12 -6.24
C GLU A 11 12.66 2.53 -6.13
N GLU A 12 12.36 1.94 -4.98
CA GLU A 12 11.07 1.33 -4.74
C GLU A 12 10.18 2.25 -3.91
N GLU A 13 9.56 3.23 -4.57
CA GLU A 13 8.70 4.18 -3.89
C GLU A 13 7.58 3.46 -3.14
N ILE A 14 7.08 2.37 -3.72
CA ILE A 14 6.02 1.59 -3.11
C ILE A 14 6.20 1.51 -1.60
N PRO A 15 5.12 1.83 -0.86
CA PRO A 15 5.14 1.80 0.61
C PRO A 15 5.22 0.39 1.16
N PHE A 16 5.71 0.26 2.39
CA PHE A 16 5.84 -1.04 3.03
C PHE A 16 4.75 -1.25 4.07
N ARG A 17 4.40 -0.19 4.78
CA ARG A 17 3.36 -0.25 5.81
C ARG A 17 2.34 0.87 5.62
N CYS A 18 1.17 0.70 6.21
CA CYS A 18 0.11 1.70 6.12
C CYS A 18 0.57 3.04 6.70
N PHE A 19 -0.13 4.11 6.33
CA PHE A 19 0.21 5.44 6.82
C PHE A 19 -0.87 5.97 7.75
N ILE A 20 -2.11 5.53 7.53
CA ILE A 20 -3.23 5.95 8.36
C ILE A 20 -3.09 5.43 9.78
N CYS A 21 -2.51 4.25 9.92
CA CYS A 21 -2.31 3.64 11.24
C CYS A 21 -0.83 3.40 11.50
N ARG A 22 -0.02 3.47 10.45
CA ARG A 22 1.41 3.27 10.58
C ARG A 22 1.72 1.83 11.00
N GLN A 23 0.84 0.91 10.63
CA GLN A 23 1.02 -0.50 10.96
C GLN A 23 1.16 -1.34 9.71
N ALA A 24 1.56 -2.60 9.89
CA ALA A 24 1.73 -3.52 8.77
C ALA A 24 0.51 -3.52 7.86
N PHE A 25 0.75 -3.38 6.57
CA PHE A 25 -0.33 -3.35 5.59
C PHE A 25 -1.24 -4.58 5.75
N GLN A 26 -2.47 -4.34 6.17
CA GLN A 26 -3.43 -5.42 6.36
C GLN A 26 -4.53 -5.37 5.31
N ASN A 27 -4.47 -6.28 4.35
CA ASN A 27 -5.46 -6.34 3.28
C ASN A 27 -5.54 -5.01 2.54
N PRO A 28 -4.38 -4.52 2.08
CA PRO A 28 -4.30 -3.25 1.35
C PRO A 28 -4.94 -3.34 -0.04
N VAL A 29 -5.58 -2.25 -0.46
CA VAL A 29 -6.23 -2.20 -1.75
C VAL A 29 -5.69 -1.04 -2.60
N VAL A 30 -5.53 -1.29 -3.89
CA VAL A 30 -5.01 -0.28 -4.81
C VAL A 30 -6.15 0.57 -5.37
N THR A 31 -5.98 1.89 -5.29
CA THR A 31 -7.00 2.81 -5.79
C THR A 31 -6.56 3.44 -7.11
N LYS A 32 -7.43 4.27 -7.68
CA LYS A 32 -7.14 4.93 -8.95
C LYS A 32 -5.94 5.86 -8.81
N CYS A 33 -5.73 6.37 -7.60
CA CYS A 33 -4.61 7.28 -7.33
C CYS A 33 -3.32 6.50 -7.15
N ARG A 34 -3.35 5.21 -7.48
CA ARG A 34 -2.18 4.35 -7.34
C ARG A 34 -1.68 4.34 -5.90
N HIS A 35 -2.61 4.23 -4.95
CA HIS A 35 -2.27 4.21 -3.54
C HIS A 35 -2.83 2.97 -2.87
N TYR A 36 -2.30 2.65 -1.69
CA TYR A 36 -2.76 1.48 -0.94
C TYR A 36 -3.20 1.87 0.47
N PHE A 37 -4.21 1.16 0.98
CA PHE A 37 -4.73 1.44 2.31
C PHE A 37 -5.39 0.20 2.90
N CYS A 38 -5.23 0.01 4.21
CA CYS A 38 -5.80 -1.13 4.89
C CYS A 38 -7.30 -1.25 4.61
N GLU A 39 -7.71 -2.44 4.21
CA GLU A 39 -9.13 -2.69 3.90
C GLU A 39 -10.03 -1.98 4.90
N SER A 40 -9.58 -1.89 6.14
CA SER A 40 -10.34 -1.24 7.21
C SER A 40 -10.20 0.27 7.13
N CYS A 41 -8.97 0.74 7.01
CA CYS A 41 -8.68 2.17 6.93
C CYS A 41 -9.43 2.80 5.75
N ALA A 42 -9.33 2.17 4.59
CA ALA A 42 -10.00 2.66 3.39
C ALA A 42 -11.50 2.81 3.61
N LEU A 43 -12.11 1.75 4.13
CA LEU A 43 -13.55 1.76 4.39
C LEU A 43 -13.91 2.80 5.44
N GLU A 44 -13.29 2.69 6.61
CA GLU A 44 -13.54 3.63 7.70
C GLU A 44 -13.42 5.07 7.22
N HIS A 45 -12.27 5.40 6.62
CA HIS A 45 -12.03 6.75 6.11
C HIS A 45 -13.10 7.15 5.11
N PHE A 46 -13.52 6.20 4.28
CA PHE A 46 -14.54 6.46 3.28
C PHE A 46 -15.85 6.89 3.93
N ARG A 47 -16.16 6.31 5.07
CA ARG A 47 -17.38 6.63 5.80
C ARG A 47 -17.55 8.15 5.92
N ALA A 48 -16.54 8.80 6.50
CA ALA A 48 -16.58 10.25 6.67
C ALA A 48 -16.27 10.97 5.37
N THR A 49 -15.06 10.77 4.84
CA THR A 49 -14.65 11.41 3.59
C THR A 49 -14.50 10.38 2.48
N PRO A 50 -15.32 10.51 1.44
CA PRO A 50 -15.30 9.60 0.28
C PRO A 50 -14.04 9.77 -0.56
N ARG A 51 -13.15 10.66 -0.12
CA ARG A 51 -11.90 10.91 -0.84
C ARG A 51 -10.74 10.16 -0.18
N CYS A 52 -9.56 10.29 -0.77
CA CYS A 52 -8.37 9.64 -0.24
C CYS A 52 -7.88 10.32 1.03
N TYR A 53 -6.94 9.68 1.72
CA TYR A 53 -6.39 10.23 2.95
C TYR A 53 -5.04 10.89 2.70
N ILE A 54 -4.41 10.54 1.57
CA ILE A 54 -3.12 11.10 1.22
C ILE A 54 -3.25 12.16 0.12
N CYS A 55 -3.85 11.77 -1.00
CA CYS A 55 -4.05 12.69 -2.11
C CYS A 55 -5.44 13.31 -2.06
N ASP A 56 -6.27 12.83 -1.15
CA ASP A 56 -7.63 13.34 -1.00
C ASP A 56 -8.32 13.48 -2.35
N GLN A 57 -8.29 12.40 -3.13
CA GLN A 57 -8.90 12.40 -4.46
C GLN A 57 -10.27 11.74 -4.41
N PRO A 58 -11.12 12.07 -5.39
CA PRO A 58 -12.48 11.53 -5.49
C PRO A 58 -12.48 10.05 -5.86
N THR A 59 -12.32 9.20 -4.86
CA THR A 59 -12.30 7.75 -5.08
C THR A 59 -13.67 7.25 -5.53
N GLY A 60 -14.72 7.82 -4.95
CA GLY A 60 -16.07 7.42 -5.30
C GLY A 60 -16.41 6.03 -4.81
N GLY A 61 -15.90 5.68 -3.63
CA GLY A 61 -16.16 4.37 -3.06
C GLY A 61 -15.60 3.24 -3.91
N ILE A 62 -14.44 3.49 -4.51
CA ILE A 62 -13.79 2.50 -5.35
C ILE A 62 -12.53 1.95 -4.68
N PHE A 63 -12.38 0.63 -4.71
CA PHE A 63 -11.23 -0.03 -4.11
C PHE A 63 -10.95 -1.37 -4.78
N ASN A 64 -9.77 -1.49 -5.39
CA ASN A 64 -9.39 -2.71 -6.08
C ASN A 64 -8.42 -3.53 -5.22
N PRO A 65 -8.52 -4.86 -5.33
CA PRO A 65 -7.66 -5.78 -4.57
C PRO A 65 -6.21 -5.75 -5.06
N ALA A 66 -5.32 -5.20 -4.23
CA ALA A 66 -3.91 -5.11 -4.58
C ALA A 66 -3.17 -6.38 -4.16
N LYS A 67 -3.81 -7.53 -4.35
CA LYS A 67 -3.20 -8.81 -4.00
C LYS A 67 -1.78 -8.91 -4.54
N GLU A 68 -1.63 -8.62 -5.83
CA GLU A 68 -0.31 -8.69 -6.46
C GLU A 68 0.74 -7.95 -5.64
N LEU A 69 0.48 -6.67 -5.38
CA LEU A 69 1.39 -5.85 -4.59
C LEU A 69 1.94 -6.63 -3.41
N MET A 70 1.05 -7.14 -2.58
CA MET A 70 1.43 -7.92 -1.40
C MET A 70 2.33 -9.09 -1.80
N ALA A 71 1.98 -9.75 -2.89
CA ALA A 71 2.75 -10.90 -3.38
C ALA A 71 4.22 -10.54 -3.52
N LYS A 72 4.49 -9.40 -4.15
CA LYS A 72 5.86 -8.94 -4.36
C LYS A 72 6.61 -8.87 -3.04
N LEU A 73 5.96 -8.30 -2.02
CA LEU A 73 6.57 -8.19 -0.70
C LEU A 73 6.88 -9.55 -0.11
N GLN A 74 5.87 -10.42 -0.09
CA GLN A 74 6.04 -11.76 0.45
C GLN A 74 4.92 -12.68 -0.04
N LYS A 75 5.31 -13.86 -0.54
CA LYS A 75 4.35 -14.83 -1.04
C LYS A 75 3.41 -15.30 0.07
N SER A 76 2.16 -15.55 -0.30
CA SER A 76 1.16 -15.99 0.67
C SER A 76 0.26 -17.06 0.06
N GLY A 77 0.05 -18.15 0.80
CA GLY A 77 -0.80 -19.22 0.33
C GLY A 77 -0.49 -20.54 0.99
N PRO A 78 0.15 -21.45 0.26
CA PRO A 78 0.52 -22.78 0.77
C PRO A 78 1.62 -22.71 1.82
N SER A 79 2.23 -21.54 1.95
CA SER A 79 3.31 -21.35 2.92
C SER A 79 2.84 -21.69 4.33
N SER A 80 1.85 -20.94 4.82
CA SER A 80 1.31 -21.17 6.16
C SER A 80 0.00 -21.95 6.09
N GLY A 81 -0.31 -22.67 7.17
CA GLY A 81 -1.52 -23.45 7.22
C GLY A 81 -1.60 -24.34 8.45
#